data_4ZZF
# 
_entry.id   4ZZF 
# 
_audit_conform.dict_name       mmcif_pdbx.dic 
_audit_conform.dict_version    5.391 
_audit_conform.dict_location   http://mmcif.pdb.org/dictionaries/ascii/mmcif_pdbx.dic 
# 
loop_
_database_2.database_id 
_database_2.database_code 
_database_2.pdbx_database_accession 
_database_2.pdbx_DOI 
PDB   4ZZF         pdb_00004zzf 10.2210/pdb4zzf/pdb 
WWPDB D_1000210154 ?            ?                   
# 
loop_
_pdbx_audit_revision_history.ordinal 
_pdbx_audit_revision_history.data_content_type 
_pdbx_audit_revision_history.major_revision 
_pdbx_audit_revision_history.minor_revision 
_pdbx_audit_revision_history.revision_date 
1 'Structure model' 1 0 2016-02-24 
2 'Structure model' 1 1 2016-03-30 
3 'Structure model' 1 2 2024-05-08 
# 
_pdbx_audit_revision_details.ordinal             1 
_pdbx_audit_revision_details.revision_ordinal    1 
_pdbx_audit_revision_details.data_content_type   'Structure model' 
_pdbx_audit_revision_details.provider            repository 
_pdbx_audit_revision_details.type                'Initial release' 
_pdbx_audit_revision_details.description         ? 
_pdbx_audit_revision_details.details             ? 
# 
loop_
_pdbx_audit_revision_group.ordinal 
_pdbx_audit_revision_group.revision_ordinal 
_pdbx_audit_revision_group.data_content_type 
_pdbx_audit_revision_group.group 
1 2 'Structure model' 'Database references' 
2 3 'Structure model' 'Data collection'     
3 3 'Structure model' 'Database references' 
# 
loop_
_pdbx_audit_revision_category.ordinal 
_pdbx_audit_revision_category.revision_ordinal 
_pdbx_audit_revision_category.data_content_type 
_pdbx_audit_revision_category.category 
1 3 'Structure model' chem_comp_atom 
2 3 'Structure model' chem_comp_bond 
3 3 'Structure model' database_2     
# 
loop_
_pdbx_audit_revision_item.ordinal 
_pdbx_audit_revision_item.revision_ordinal 
_pdbx_audit_revision_item.data_content_type 
_pdbx_audit_revision_item.item 
1 3 'Structure model' '_database_2.pdbx_DOI'                
2 3 'Structure model' '_database_2.pdbx_database_accession' 
# 
_pdbx_database_status.status_code                     REL 
_pdbx_database_status.status_code_sf                  REL 
_pdbx_database_status.status_code_mr                  ? 
_pdbx_database_status.entry_id                        4ZZF 
_pdbx_database_status.recvd_initial_deposition_date   2015-05-22 
_pdbx_database_status.SG_entry                        N 
_pdbx_database_status.deposit_site                    RCSB 
_pdbx_database_status.process_site                    PDBE 
_pdbx_database_status.status_code_cs                  ? 
_pdbx_database_status.methods_development_category    ? 
_pdbx_database_status.pdb_format_compatible           Y 
_pdbx_database_status.status_code_nmr_data            ? 
# 
loop_
_audit_author.name 
_audit_author.pdbx_ordinal 
'Pulic, I.'              1 
'Cendron, L.'            2 
'Salamina, M.'           3 
'Matkovic-Calogovic, D.' 4 
'Zanotti, G.'            5 
# 
_citation.abstract                  ? 
_citation.abstract_id_CAS           ? 
_citation.book_id_ISBN              ? 
_citation.book_publisher            ? 
_citation.book_publisher_city       ? 
_citation.book_title                ? 
_citation.coordinate_linkage        ? 
_citation.country                   US 
_citation.database_id_Medline       ? 
_citation.details                   ? 
_citation.id                        primary 
_citation.journal_abbrev            J.Struct.Biol. 
_citation.journal_id_ASTM           JSBIEM 
_citation.journal_id_CSD            0803 
_citation.journal_id_ISSN           1095-8657 
_citation.journal_full              ? 
_citation.journal_issue             ? 
_citation.journal_volume            194 
_citation.language                  ? 
_citation.page_first                147 
_citation.page_last                 155 
_citation.title                     'Crystal structure of truncated FlgD from the human pathogen Helicobacter pylori.' 
_citation.year                      2016 
_citation.database_id_CSD           ? 
_citation.pdbx_database_id_DOI      10.1016/j.jsb.2016.02.003 
_citation.pdbx_database_id_PubMed   26868107 
_citation.unpublished_flag          ? 
# 
loop_
_citation_author.citation_id 
_citation_author.name 
_citation_author.ordinal 
_citation_author.identifier_ORCID 
primary 'Pulic, I.'                1 ? 
primary 'Cendron, L.'              2 ? 
primary 'Salamina, M.'             3 ? 
primary 'Polverino de Laureto, P.' 4 ? 
primary 'Matkovic-Calogovic, D.'   5 ? 
primary 'Zanotti, G.'              6 ? 
# 
loop_
_entity.id 
_entity.type 
_entity.src_method 
_entity.pdbx_description 
_entity.formula_weight 
_entity.pdbx_number_of_molecules 
_entity.pdbx_ec 
_entity.pdbx_mutation 
_entity.pdbx_fragment 
_entity.details 
1 polymer man 'Flagellar basal body rod modification protein' 16448.518 1  ? ? 'UNP residues 127-272' ? 
2 water   nat water                                           18.015    74 ? ? ?                      ? 
# 
_entity_name_com.entity_id   1 
_entity_name_com.name        'Hook assembly protein,flagella (FlgD)' 
# 
_entity_poly.entity_id                      1 
_entity_poly.type                           'polypeptide(L)' 
_entity_poly.nstd_linkage                   no 
_entity_poly.nstd_monomer                   no 
_entity_poly.pdbx_seq_one_letter_code       
;NSVSMIGKIAETDVSGANFDGNNKLSFSLFFDEKIDASKGVPAIQILNENNELVKTIPLKDYNGQKGYINFEWDGTNEKG
EKVPKGNYKIKAEYNLDSHSKQYLQTRIGRGEVESVIFDKGKPMLRMGEMVLPIDSAIEFYQPDQK
;
_entity_poly.pdbx_seq_one_letter_code_can   
;NSVSMIGKIAETDVSGANFDGNNKLSFSLFFDEKIDASKGVPAIQILNENNELVKTIPLKDYNGQKGYINFEWDGTNEKG
EKVPKGNYKIKAEYNLDSHSKQYLQTRIGRGEVESVIFDKGKPMLRMGEMVLPIDSAIEFYQPDQK
;
_entity_poly.pdbx_strand_id                 A 
_entity_poly.pdbx_target_identifier         ? 
# 
_pdbx_entity_nonpoly.entity_id   2 
_pdbx_entity_nonpoly.name        water 
_pdbx_entity_nonpoly.comp_id     HOH 
# 
loop_
_entity_poly_seq.entity_id 
_entity_poly_seq.num 
_entity_poly_seq.mon_id 
_entity_poly_seq.hetero 
1 1   ASN n 
1 2   SER n 
1 3   VAL n 
1 4   SER n 
1 5   MET n 
1 6   ILE n 
1 7   GLY n 
1 8   LYS n 
1 9   ILE n 
1 10  ALA n 
1 11  GLU n 
1 12  THR n 
1 13  ASP n 
1 14  VAL n 
1 15  SER n 
1 16  GLY n 
1 17  ALA n 
1 18  ASN n 
1 19  PHE n 
1 20  ASP n 
1 21  GLY n 
1 22  ASN n 
1 23  ASN n 
1 24  LYS n 
1 25  LEU n 
1 26  SER n 
1 27  PHE n 
1 28  SER n 
1 29  LEU n 
1 30  PHE n 
1 31  PHE n 
1 32  ASP n 
1 33  GLU n 
1 34  LYS n 
1 35  ILE n 
1 36  ASP n 
1 37  ALA n 
1 38  SER n 
1 39  LYS n 
1 40  GLY n 
1 41  VAL n 
1 42  PRO n 
1 43  ALA n 
1 44  ILE n 
1 45  GLN n 
1 46  ILE n 
1 47  LEU n 
1 48  ASN n 
1 49  GLU n 
1 50  ASN n 
1 51  ASN n 
1 52  GLU n 
1 53  LEU n 
1 54  VAL n 
1 55  LYS n 
1 56  THR n 
1 57  ILE n 
1 58  PRO n 
1 59  LEU n 
1 60  LYS n 
1 61  ASP n 
1 62  TYR n 
1 63  ASN n 
1 64  GLY n 
1 65  GLN n 
1 66  LYS n 
1 67  GLY n 
1 68  TYR n 
1 69  ILE n 
1 70  ASN n 
1 71  PHE n 
1 72  GLU n 
1 73  TRP n 
1 74  ASP n 
1 75  GLY n 
1 76  THR n 
1 77  ASN n 
1 78  GLU n 
1 79  LYS n 
1 80  GLY n 
1 81  GLU n 
1 82  LYS n 
1 83  VAL n 
1 84  PRO n 
1 85  LYS n 
1 86  GLY n 
1 87  ASN n 
1 88  TYR n 
1 89  LYS n 
1 90  ILE n 
1 91  LYS n 
1 92  ALA n 
1 93  GLU n 
1 94  TYR n 
1 95  ASN n 
1 96  LEU n 
1 97  ASP n 
1 98  SER n 
1 99  HIS n 
1 100 SER n 
1 101 LYS n 
1 102 GLN n 
1 103 TYR n 
1 104 LEU n 
1 105 GLN n 
1 106 THR n 
1 107 ARG n 
1 108 ILE n 
1 109 GLY n 
1 110 ARG n 
1 111 GLY n 
1 112 GLU n 
1 113 VAL n 
1 114 GLU n 
1 115 SER n 
1 116 VAL n 
1 117 ILE n 
1 118 PHE n 
1 119 ASP n 
1 120 LYS n 
1 121 GLY n 
1 122 LYS n 
1 123 PRO n 
1 124 MET n 
1 125 LEU n 
1 126 ARG n 
1 127 MET n 
1 128 GLY n 
1 129 GLU n 
1 130 MET n 
1 131 VAL n 
1 132 LEU n 
1 133 PRO n 
1 134 ILE n 
1 135 ASP n 
1 136 SER n 
1 137 ALA n 
1 138 ILE n 
1 139 GLU n 
1 140 PHE n 
1 141 TYR n 
1 142 GLN n 
1 143 PRO n 
1 144 ASP n 
1 145 GLN n 
1 146 LYS n 
# 
_entity_src_gen.entity_id                          1 
_entity_src_gen.pdbx_src_id                        1 
_entity_src_gen.pdbx_alt_source_flag               sample 
_entity_src_gen.pdbx_seq_type                      'Biological sequence' 
_entity_src_gen.pdbx_beg_seq_num                   1 
_entity_src_gen.pdbx_end_seq_num                   146 
_entity_src_gen.gene_src_common_name               ? 
_entity_src_gen.gene_src_genus                     ? 
_entity_src_gen.pdbx_gene_src_gene                 'flgD, C694_04670, HP_0907' 
_entity_src_gen.gene_src_species                   ? 
_entity_src_gen.gene_src_strain                    ? 
_entity_src_gen.gene_src_tissue                    ? 
_entity_src_gen.gene_src_tissue_fraction           ? 
_entity_src_gen.gene_src_details                   ? 
_entity_src_gen.pdbx_gene_src_fragment             ? 
_entity_src_gen.pdbx_gene_src_scientific_name      'Helicobacter pylori 26695' 
_entity_src_gen.pdbx_gene_src_ncbi_taxonomy_id     85962 
_entity_src_gen.pdbx_gene_src_variant              ? 
_entity_src_gen.pdbx_gene_src_cell_line            ? 
_entity_src_gen.pdbx_gene_src_atcc                 ? 
_entity_src_gen.pdbx_gene_src_organ                ? 
_entity_src_gen.pdbx_gene_src_organelle            ? 
_entity_src_gen.pdbx_gene_src_cell                 ? 
_entity_src_gen.pdbx_gene_src_cellular_location    ? 
_entity_src_gen.host_org_common_name               ? 
_entity_src_gen.pdbx_host_org_scientific_name      'Escherichia coli BL21(DE3)' 
_entity_src_gen.pdbx_host_org_ncbi_taxonomy_id     469008 
_entity_src_gen.host_org_genus                     ? 
_entity_src_gen.pdbx_host_org_gene                 ? 
_entity_src_gen.pdbx_host_org_organ                ? 
_entity_src_gen.host_org_species                   ? 
_entity_src_gen.pdbx_host_org_tissue               ? 
_entity_src_gen.pdbx_host_org_tissue_fraction      ? 
_entity_src_gen.pdbx_host_org_strain               ? 
_entity_src_gen.pdbx_host_org_variant              ? 
_entity_src_gen.pdbx_host_org_cell_line            ? 
_entity_src_gen.pdbx_host_org_atcc                 ? 
_entity_src_gen.pdbx_host_org_culture_collection   ? 
_entity_src_gen.pdbx_host_org_cell                 ? 
_entity_src_gen.pdbx_host_org_organelle            ? 
_entity_src_gen.pdbx_host_org_cellular_location    ? 
_entity_src_gen.pdbx_host_org_vector_type          ? 
_entity_src_gen.pdbx_host_org_vector               ? 
_entity_src_gen.host_org_details                   ? 
_entity_src_gen.expression_system_id               ? 
_entity_src_gen.plasmid_name                       ? 
_entity_src_gen.plasmid_details                    ? 
_entity_src_gen.pdbx_description                   ? 
# 
loop_
_chem_comp.id 
_chem_comp.type 
_chem_comp.mon_nstd_flag 
_chem_comp.name 
_chem_comp.pdbx_synonyms 
_chem_comp.formula 
_chem_comp.formula_weight 
ALA 'L-peptide linking' y ALANINE         ? 'C3 H7 N O2'     89.093  
ARG 'L-peptide linking' y ARGININE        ? 'C6 H15 N4 O2 1' 175.209 
ASN 'L-peptide linking' y ASPARAGINE      ? 'C4 H8 N2 O3'    132.118 
ASP 'L-peptide linking' y 'ASPARTIC ACID' ? 'C4 H7 N O4'     133.103 
GLN 'L-peptide linking' y GLUTAMINE       ? 'C5 H10 N2 O3'   146.144 
GLU 'L-peptide linking' y 'GLUTAMIC ACID' ? 'C5 H9 N O4'     147.129 
GLY 'peptide linking'   y GLYCINE         ? 'C2 H5 N O2'     75.067  
HIS 'L-peptide linking' y HISTIDINE       ? 'C6 H10 N3 O2 1' 156.162 
HOH non-polymer         . WATER           ? 'H2 O'           18.015  
ILE 'L-peptide linking' y ISOLEUCINE      ? 'C6 H13 N O2'    131.173 
LEU 'L-peptide linking' y LEUCINE         ? 'C6 H13 N O2'    131.173 
LYS 'L-peptide linking' y LYSINE          ? 'C6 H15 N2 O2 1' 147.195 
MET 'L-peptide linking' y METHIONINE      ? 'C5 H11 N O2 S'  149.211 
PHE 'L-peptide linking' y PHENYLALANINE   ? 'C9 H11 N O2'    165.189 
PRO 'L-peptide linking' y PROLINE         ? 'C5 H9 N O2'     115.130 
SER 'L-peptide linking' y SERINE          ? 'C3 H7 N O3'     105.093 
THR 'L-peptide linking' y THREONINE       ? 'C4 H9 N O3'     119.119 
TRP 'L-peptide linking' y TRYPTOPHAN      ? 'C11 H12 N2 O2'  204.225 
TYR 'L-peptide linking' y TYROSINE        ? 'C9 H11 N O3'    181.189 
VAL 'L-peptide linking' y VALINE          ? 'C5 H11 N O2'    117.146 
# 
loop_
_pdbx_poly_seq_scheme.asym_id 
_pdbx_poly_seq_scheme.entity_id 
_pdbx_poly_seq_scheme.seq_id 
_pdbx_poly_seq_scheme.mon_id 
_pdbx_poly_seq_scheme.ndb_seq_num 
_pdbx_poly_seq_scheme.pdb_seq_num 
_pdbx_poly_seq_scheme.auth_seq_num 
_pdbx_poly_seq_scheme.pdb_mon_id 
_pdbx_poly_seq_scheme.auth_mon_id 
_pdbx_poly_seq_scheme.pdb_strand_id 
_pdbx_poly_seq_scheme.pdb_ins_code 
_pdbx_poly_seq_scheme.hetero 
A 1 1   ASN 1   127 127 ASN ASN A . n 
A 1 2   SER 2   128 128 SER SER A . n 
A 1 3   VAL 3   129 129 VAL VAL A . n 
A 1 4   SER 4   130 130 SER SER A . n 
A 1 5   MET 5   131 131 MET MET A . n 
A 1 6   ILE 6   132 132 ILE ILE A . n 
A 1 7   GLY 7   133 133 GLY GLY A . n 
A 1 8   LYS 8   134 134 LYS LYS A . n 
A 1 9   ILE 9   135 135 ILE ILE A . n 
A 1 10  ALA 10  136 136 ALA ALA A . n 
A 1 11  GLU 11  137 137 GLU GLU A . n 
A 1 12  THR 12  138 138 THR THR A . n 
A 1 13  ASP 13  139 139 ASP ASP A . n 
A 1 14  VAL 14  140 140 VAL VAL A . n 
A 1 15  SER 15  141 141 SER SER A . n 
A 1 16  GLY 16  142 142 GLY GLY A . n 
A 1 17  ALA 17  143 143 ALA ALA A . n 
A 1 18  ASN 18  144 144 ASN ASN A . n 
A 1 19  PHE 19  145 145 PHE PHE A . n 
A 1 20  ASP 20  146 146 ASP ASP A . n 
A 1 21  GLY 21  147 147 GLY GLY A . n 
A 1 22  ASN 22  148 148 ASN ASN A . n 
A 1 23  ASN 23  149 149 ASN ASN A . n 
A 1 24  LYS 24  150 150 LYS LYS A . n 
A 1 25  LEU 25  151 151 LEU LEU A . n 
A 1 26  SER 26  152 152 SER SER A . n 
A 1 27  PHE 27  153 153 PHE PHE A . n 
A 1 28  SER 28  154 154 SER SER A . n 
A 1 29  LEU 29  155 155 LEU LEU A . n 
A 1 30  PHE 30  156 156 PHE PHE A . n 
A 1 31  PHE 31  157 157 PHE PHE A . n 
A 1 32  ASP 32  158 158 ASP ASP A . n 
A 1 33  GLU 33  159 159 GLU GLU A . n 
A 1 34  LYS 34  160 160 LYS LYS A . n 
A 1 35  ILE 35  161 161 ILE ILE A . n 
A 1 36  ASP 36  162 162 ASP ASP A . n 
A 1 37  ALA 37  163 163 ALA ALA A . n 
A 1 38  SER 38  164 164 SER SER A . n 
A 1 39  LYS 39  165 165 LYS LYS A . n 
A 1 40  GLY 40  166 166 GLY GLY A . n 
A 1 41  VAL 41  167 167 VAL VAL A . n 
A 1 42  PRO 42  168 168 PRO PRO A . n 
A 1 43  ALA 43  169 169 ALA ALA A . n 
A 1 44  ILE 44  170 170 ILE ILE A . n 
A 1 45  GLN 45  171 171 GLN GLN A . n 
A 1 46  ILE 46  172 172 ILE ILE A . n 
A 1 47  LEU 47  173 173 LEU LEU A . n 
A 1 48  ASN 48  174 174 ASN ASN A . n 
A 1 49  GLU 49  175 175 GLU GLU A . n 
A 1 50  ASN 50  176 176 ASN ASN A . n 
A 1 51  ASN 51  177 177 ASN ASN A . n 
A 1 52  GLU 52  178 178 GLU GLU A . n 
A 1 53  LEU 53  179 179 LEU LEU A . n 
A 1 54  VAL 54  180 180 VAL VAL A . n 
A 1 55  LYS 55  181 181 LYS LYS A . n 
A 1 56  THR 56  182 182 THR THR A . n 
A 1 57  ILE 57  183 183 ILE ILE A . n 
A 1 58  PRO 58  184 184 PRO PRO A . n 
A 1 59  LEU 59  185 185 LEU LEU A . n 
A 1 60  LYS 60  186 186 LYS LYS A . n 
A 1 61  ASP 61  187 187 ASP ASP A . n 
A 1 62  TYR 62  188 188 TYR TYR A . n 
A 1 63  ASN 63  189 189 ASN ASN A . n 
A 1 64  GLY 64  190 190 GLY GLY A . n 
A 1 65  GLN 65  191 191 GLN GLN A . n 
A 1 66  LYS 66  192 192 LYS LYS A . n 
A 1 67  GLY 67  193 193 GLY GLY A . n 
A 1 68  TYR 68  194 194 TYR TYR A . n 
A 1 69  ILE 69  195 195 ILE ILE A . n 
A 1 70  ASN 70  196 196 ASN ASN A . n 
A 1 71  PHE 71  197 197 PHE PHE A . n 
A 1 72  GLU 72  198 198 GLU GLU A . n 
A 1 73  TRP 73  199 199 TRP TRP A . n 
A 1 74  ASP 74  200 200 ASP ASP A . n 
A 1 75  GLY 75  201 201 GLY GLY A . n 
A 1 76  THR 76  202 202 THR THR A . n 
A 1 77  ASN 77  203 203 ASN ASN A . n 
A 1 78  GLU 78  204 204 GLU GLU A . n 
A 1 79  LYS 79  205 205 LYS LYS A . n 
A 1 80  GLY 80  206 206 GLY GLY A . n 
A 1 81  GLU 81  207 207 GLU GLU A . n 
A 1 82  LYS 82  208 208 LYS LYS A . n 
A 1 83  VAL 83  209 209 VAL VAL A . n 
A 1 84  PRO 84  210 210 PRO PRO A . n 
A 1 85  LYS 85  211 211 LYS LYS A . n 
A 1 86  GLY 86  212 212 GLY GLY A . n 
A 1 87  ASN 87  213 213 ASN ASN A . n 
A 1 88  TYR 88  214 214 TYR TYR A . n 
A 1 89  LYS 89  215 215 LYS LYS A . n 
A 1 90  ILE 90  216 216 ILE ILE A . n 
A 1 91  LYS 91  217 217 LYS LYS A . n 
A 1 92  ALA 92  218 218 ALA ALA A . n 
A 1 93  GLU 93  219 219 GLU GLU A . n 
A 1 94  TYR 94  220 220 TYR TYR A . n 
A 1 95  ASN 95  221 221 ASN ASN A . n 
A 1 96  LEU 96  222 222 LEU LEU A . n 
A 1 97  ASP 97  223 223 ASP ASP A . n 
A 1 98  SER 98  224 224 SER SER A . n 
A 1 99  HIS 99  225 225 HIS HIS A . n 
A 1 100 SER 100 226 226 SER SER A . n 
A 1 101 LYS 101 227 227 LYS LYS A . n 
A 1 102 GLN 102 228 228 GLN GLN A . n 
A 1 103 TYR 103 229 229 TYR TYR A . n 
A 1 104 LEU 104 230 230 LEU LEU A . n 
A 1 105 GLN 105 231 231 GLN GLN A . n 
A 1 106 THR 106 232 232 THR THR A . n 
A 1 107 ARG 107 233 233 ARG ARG A . n 
A 1 108 ILE 108 234 234 ILE ILE A . n 
A 1 109 GLY 109 235 235 GLY GLY A . n 
A 1 110 ARG 110 236 236 ARG ARG A . n 
A 1 111 GLY 111 237 237 GLY GLY A . n 
A 1 112 GLU 112 238 238 GLU GLU A . n 
A 1 113 VAL 113 239 239 VAL VAL A . n 
A 1 114 GLU 114 240 240 GLU GLU A . n 
A 1 115 SER 115 241 241 SER SER A . n 
A 1 116 VAL 116 242 242 VAL VAL A . n 
A 1 117 ILE 117 243 243 ILE ILE A . n 
A 1 118 PHE 118 244 244 PHE PHE A . n 
A 1 119 ASP 119 245 245 ASP ASP A . n 
A 1 120 LYS 120 246 246 LYS LYS A . n 
A 1 121 GLY 121 247 247 GLY GLY A . n 
A 1 122 LYS 122 248 248 LYS LYS A . n 
A 1 123 PRO 123 249 249 PRO PRO A . n 
A 1 124 MET 124 250 250 MET MET A . n 
A 1 125 LEU 125 251 251 LEU LEU A . n 
A 1 126 ARG 126 252 252 ARG ARG A . n 
A 1 127 MET 127 253 253 MET MET A . n 
A 1 128 GLY 128 254 254 GLY GLY A . n 
A 1 129 GLU 129 255 255 GLU GLU A . n 
A 1 130 MET 130 256 256 MET MET A . n 
A 1 131 VAL 131 257 257 VAL VAL A . n 
A 1 132 LEU 132 258 258 LEU LEU A . n 
A 1 133 PRO 133 259 259 PRO PRO A . n 
A 1 134 ILE 134 260 260 ILE ILE A . n 
A 1 135 ASP 135 261 261 ASP ASP A . n 
A 1 136 SER 136 262 262 SER SER A . n 
A 1 137 ALA 137 263 263 ALA ALA A . n 
A 1 138 ILE 138 264 264 ILE ILE A . n 
A 1 139 GLU 139 265 265 GLU GLU A . n 
A 1 140 PHE 140 266 266 PHE PHE A . n 
A 1 141 TYR 141 267 267 TYR TYR A . n 
A 1 142 GLN 142 268 268 GLN GLN A . n 
A 1 143 PRO 143 269 269 PRO PRO A . n 
A 1 144 ASP 144 270 270 ASP ASP A . n 
A 1 145 GLN 145 271 271 GLN GLN A . n 
A 1 146 LYS 146 272 272 LYS LYS A . n 
# 
loop_
_pdbx_nonpoly_scheme.asym_id 
_pdbx_nonpoly_scheme.entity_id 
_pdbx_nonpoly_scheme.mon_id 
_pdbx_nonpoly_scheme.ndb_seq_num 
_pdbx_nonpoly_scheme.pdb_seq_num 
_pdbx_nonpoly_scheme.auth_seq_num 
_pdbx_nonpoly_scheme.pdb_mon_id 
_pdbx_nonpoly_scheme.auth_mon_id 
_pdbx_nonpoly_scheme.pdb_strand_id 
_pdbx_nonpoly_scheme.pdb_ins_code 
B 2 HOH 1  301 34 HOH HOH A . 
B 2 HOH 2  302 55 HOH HOH A . 
B 2 HOH 3  303 72 HOH HOH A . 
B 2 HOH 4  304 45 HOH HOH A . 
B 2 HOH 5  305 7  HOH HOH A . 
B 2 HOH 6  306 44 HOH HOH A . 
B 2 HOH 7  307 33 HOH HOH A . 
B 2 HOH 8  308 30 HOH HOH A . 
B 2 HOH 9  309 3  HOH HOH A . 
B 2 HOH 10 310 60 HOH HOH A . 
B 2 HOH 11 311 1  HOH HOH A . 
B 2 HOH 12 312 20 HOH HOH A . 
B 2 HOH 13 313 13 HOH HOH A . 
B 2 HOH 14 314 41 HOH HOH A . 
B 2 HOH 15 315 50 HOH HOH A . 
B 2 HOH 16 316 57 HOH HOH A . 
B 2 HOH 17 317 35 HOH HOH A . 
B 2 HOH 18 318 2  HOH HOH A . 
B 2 HOH 19 319 6  HOH HOH A . 
B 2 HOH 20 320 67 HOH HOH A . 
B 2 HOH 21 321 16 HOH HOH A . 
B 2 HOH 22 322 15 HOH HOH A . 
B 2 HOH 23 323 64 HOH HOH A . 
B 2 HOH 24 324 12 HOH HOH A . 
B 2 HOH 25 325 4  HOH HOH A . 
B 2 HOH 26 326 5  HOH HOH A . 
B 2 HOH 27 327 23 HOH HOH A . 
B 2 HOH 28 328 24 HOH HOH A . 
B 2 HOH 29 329 31 HOH HOH A . 
B 2 HOH 30 330 27 HOH HOH A . 
B 2 HOH 31 331 17 HOH HOH A . 
B 2 HOH 32 332 9  HOH HOH A . 
B 2 HOH 33 333 37 HOH HOH A . 
B 2 HOH 34 334 14 HOH HOH A . 
B 2 HOH 35 335 63 HOH HOH A . 
B 2 HOH 36 336 21 HOH HOH A . 
B 2 HOH 37 337 11 HOH HOH A . 
B 2 HOH 38 338 48 HOH HOH A . 
B 2 HOH 39 339 47 HOH HOH A . 
B 2 HOH 40 340 36 HOH HOH A . 
B 2 HOH 41 341 42 HOH HOH A . 
B 2 HOH 42 342 8  HOH HOH A . 
B 2 HOH 43 343 10 HOH HOH A . 
B 2 HOH 44 344 40 HOH HOH A . 
B 2 HOH 45 345 65 HOH HOH A . 
B 2 HOH 46 346 68 HOH HOH A . 
B 2 HOH 47 347 19 HOH HOH A . 
B 2 HOH 48 348 26 HOH HOH A . 
B 2 HOH 49 349 49 HOH HOH A . 
B 2 HOH 50 350 61 HOH HOH A . 
B 2 HOH 51 351 54 HOH HOH A . 
B 2 HOH 52 352 73 HOH HOH A . 
B 2 HOH 53 353 70 HOH HOH A . 
B 2 HOH 54 354 62 HOH HOH A . 
B 2 HOH 55 355 71 HOH HOH A . 
B 2 HOH 56 356 46 HOH HOH A . 
B 2 HOH 57 357 52 HOH HOH A . 
B 2 HOH 58 358 39 HOH HOH A . 
B 2 HOH 59 359 51 HOH HOH A . 
B 2 HOH 60 360 74 HOH HOH A . 
B 2 HOH 61 361 53 HOH HOH A . 
B 2 HOH 62 362 18 HOH HOH A . 
B 2 HOH 63 363 59 HOH HOH A . 
B 2 HOH 64 364 58 HOH HOH A . 
B 2 HOH 65 365 43 HOH HOH A . 
B 2 HOH 66 366 29 HOH HOH A . 
B 2 HOH 67 367 32 HOH HOH A . 
B 2 HOH 68 368 22 HOH HOH A . 
B 2 HOH 69 369 66 HOH HOH A . 
B 2 HOH 70 370 56 HOH HOH A . 
B 2 HOH 71 371 38 HOH HOH A . 
B 2 HOH 72 372 28 HOH HOH A . 
B 2 HOH 73 373 69 HOH HOH A . 
B 2 HOH 74 374 25 HOH HOH A . 
# 
loop_
_software.citation_id 
_software.classification 
_software.compiler_name 
_software.compiler_version 
_software.contact_author 
_software.contact_author_email 
_software.date 
_software.description 
_software.dependencies 
_software.hardware 
_software.language 
_software.location 
_software.mods 
_software.name 
_software.os 
_software.os_version 
_software.type 
_software.version 
_software.pdbx_ordinal 
? refinement       ? ? ? ? ? ? ? ? ? ? ? PHENIX  ? ? ? 1.9_1692 1 
? 'data reduction' ? ? ? ? ? ? ? ? ? ? ? XDS     ? ? ? .        2 
? 'data scaling'   ? ? ? ? ? ? ? ? ? ? ? SCALA   ? ? ? .        3 
? phasing          ? ? ? ? ? ? ? ? ? ? ? SHELXDE ? ? ? .        4 
# 
_cell.angle_alpha                  90.00 
_cell.angle_alpha_esd              ? 
_cell.angle_beta                   90.00 
_cell.angle_beta_esd               ? 
_cell.angle_gamma                  90.00 
_cell.angle_gamma_esd              ? 
_cell.entry_id                     4ZZF 
_cell.details                      ? 
_cell.formula_units_Z              ? 
_cell.length_a                     76.418 
_cell.length_a_esd                 ? 
_cell.length_b                     76.418 
_cell.length_b_esd                 ? 
_cell.length_c                     145.430 
_cell.length_c_esd                 ? 
_cell.volume                       ? 
_cell.volume_esd                   ? 
_cell.Z_PDB                        16 
_cell.reciprocal_angle_alpha       ? 
_cell.reciprocal_angle_beta        ? 
_cell.reciprocal_angle_gamma       ? 
_cell.reciprocal_angle_alpha_esd   ? 
_cell.reciprocal_angle_beta_esd    ? 
_cell.reciprocal_angle_gamma_esd   ? 
_cell.reciprocal_length_a          ? 
_cell.reciprocal_length_b          ? 
_cell.reciprocal_length_c          ? 
_cell.reciprocal_length_a_esd      ? 
_cell.reciprocal_length_b_esd      ? 
_cell.reciprocal_length_c_esd      ? 
_cell.pdbx_unique_axis             ? 
# 
_symmetry.entry_id                         4ZZF 
_symmetry.cell_setting                     ? 
_symmetry.Int_Tables_number                97 
_symmetry.space_group_name_Hall            ? 
_symmetry.space_group_name_H-M             'I 4 2 2' 
_symmetry.pdbx_full_space_group_name_H-M   ? 
# 
_exptl.absorpt_coefficient_mu     ? 
_exptl.absorpt_correction_T_max   ? 
_exptl.absorpt_correction_T_min   ? 
_exptl.absorpt_correction_type    ? 
_exptl.absorpt_process_details    ? 
_exptl.entry_id                   4ZZF 
_exptl.crystals_number            ? 
_exptl.details                    ? 
_exptl.method                     'X-RAY DIFFRACTION' 
_exptl.method_details             ? 
# 
_exptl_crystal.colour                      ? 
_exptl_crystal.density_diffrn              ? 
_exptl_crystal.density_Matthews            3.23 
_exptl_crystal.density_method              ? 
_exptl_crystal.density_percent_sol         62 
_exptl_crystal.description                 Prism 
_exptl_crystal.F_000                       ? 
_exptl_crystal.id                          1 
_exptl_crystal.preparation                 ? 
_exptl_crystal.size_max                    ? 
_exptl_crystal.size_mid                    ? 
_exptl_crystal.size_min                    ? 
_exptl_crystal.size_rad                    ? 
_exptl_crystal.colour_lustre               ? 
_exptl_crystal.colour_modifier             ? 
_exptl_crystal.colour_primary              ? 
_exptl_crystal.density_meas                ? 
_exptl_crystal.density_meas_esd            ? 
_exptl_crystal.density_meas_gt             ? 
_exptl_crystal.density_meas_lt             ? 
_exptl_crystal.density_meas_temp           ? 
_exptl_crystal.density_meas_temp_esd       ? 
_exptl_crystal.density_meas_temp_gt        ? 
_exptl_crystal.density_meas_temp_lt        ? 
_exptl_crystal.pdbx_crystal_image_url      ? 
_exptl_crystal.pdbx_crystal_image_format   ? 
_exptl_crystal.pdbx_mosaicity              ? 
_exptl_crystal.pdbx_mosaicity_esd          ? 
# 
_exptl_crystal_grow.apparatus       ? 
_exptl_crystal_grow.atmosphere      ? 
_exptl_crystal_grow.crystal_id      1 
_exptl_crystal_grow.details         ? 
_exptl_crystal_grow.method          'VAPOR DIFFUSION, SITTING DROP' 
_exptl_crystal_grow.method_ref      ? 
_exptl_crystal_grow.pH              7.5 
_exptl_crystal_grow.pressure        ? 
_exptl_crystal_grow.pressure_esd    ? 
_exptl_crystal_grow.seeding         ? 
_exptl_crystal_grow.seeding_ref     ? 
_exptl_crystal_grow.temp            277 
_exptl_crystal_grow.temp_details    ? 
_exptl_crystal_grow.temp_esd        ? 
_exptl_crystal_grow.time            ? 
_exptl_crystal_grow.pdbx_details    'Sodium acetate, Bis-Tris propane, PEG 3350' 
_exptl_crystal_grow.pdbx_pH_range   ? 
# 
_diffrn.ambient_environment    ? 
_diffrn.ambient_temp           100 
_diffrn.ambient_temp_details   ? 
_diffrn.ambient_temp_esd       ? 
_diffrn.crystal_id             1 
_diffrn.crystal_support        ? 
_diffrn.crystal_treatment      ? 
_diffrn.details                ? 
_diffrn.id                     1 
_diffrn.ambient_pressure       ? 
_diffrn.ambient_pressure_esd   ? 
_diffrn.ambient_pressure_gt    ? 
_diffrn.ambient_pressure_lt    ? 
_diffrn.ambient_temp_gt        ? 
_diffrn.ambient_temp_lt        ? 
# 
_diffrn_detector.details                      ? 
_diffrn_detector.detector                     PIXEL 
_diffrn_detector.diffrn_id                    1 
_diffrn_detector.type                         'DECTRIS PILATUS 2M' 
_diffrn_detector.area_resol_mean              ? 
_diffrn_detector.dtime                        ? 
_diffrn_detector.pdbx_frames_total            ? 
_diffrn_detector.pdbx_collection_time_total   ? 
_diffrn_detector.pdbx_collection_date         2014-12-05 
# 
_diffrn_radiation.collimation                      ? 
_diffrn_radiation.diffrn_id                        1 
_diffrn_radiation.filter_edge                      ? 
_diffrn_radiation.inhomogeneity                    ? 
_diffrn_radiation.monochromator                    ? 
_diffrn_radiation.polarisn_norm                    ? 
_diffrn_radiation.polarisn_ratio                   ? 
_diffrn_radiation.probe                            ? 
_diffrn_radiation.type                             ? 
_diffrn_radiation.xray_symbol                      ? 
_diffrn_radiation.wavelength_id                    1 
_diffrn_radiation.pdbx_monochromatic_or_laue_m_l   M 
_diffrn_radiation.pdbx_wavelength_list             ? 
_diffrn_radiation.pdbx_wavelength                  ? 
_diffrn_radiation.pdbx_diffrn_protocol             'SINGLE WAVELENGTH' 
_diffrn_radiation.pdbx_analyzer                    ? 
_diffrn_radiation.pdbx_scattering_type             x-ray 
# 
_diffrn_radiation_wavelength.id           1 
_diffrn_radiation_wavelength.wavelength   0.99988 
_diffrn_radiation_wavelength.wt           1.0 
# 
_diffrn_source.current                     ? 
_diffrn_source.details                     ? 
_diffrn_source.diffrn_id                   1 
_diffrn_source.power                       ? 
_diffrn_source.size                        ? 
_diffrn_source.source                      SYNCHROTRON 
_diffrn_source.target                      ? 
_diffrn_source.type                        'SLS BEAMLINE X06DA' 
_diffrn_source.voltage                     ? 
_diffrn_source.take-off_angle              ? 
_diffrn_source.pdbx_wavelength_list        0.99988 
_diffrn_source.pdbx_wavelength             ? 
_diffrn_source.pdbx_synchrotron_beamline   X06DA 
_diffrn_source.pdbx_synchrotron_site       SLS 
# 
_reflns.B_iso_Wilson_estimate            ? 
_reflns.entry_id                         4ZZF 
_reflns.data_reduction_details           ? 
_reflns.data_reduction_method            ? 
_reflns.d_resolution_high                2.1673 
_reflns.d_resolution_low                 43.3801 
_reflns.details                          ? 
_reflns.limit_h_max                      ? 
_reflns.limit_h_min                      ? 
_reflns.limit_k_max                      ? 
_reflns.limit_k_min                      ? 
_reflns.limit_l_max                      ? 
_reflns.limit_l_min                      ? 
_reflns.number_all                       ? 
_reflns.number_obs                       11714 
_reflns.observed_criterion               ? 
_reflns.observed_criterion_F_max         ? 
_reflns.observed_criterion_F_min         ? 
_reflns.observed_criterion_I_max         ? 
_reflns.observed_criterion_I_min         ? 
_reflns.observed_criterion_sigma_F       ? 
_reflns.observed_criterion_sigma_I       ? 
_reflns.percent_possible_obs             98.5 
_reflns.R_free_details                   ? 
_reflns.Rmerge_F_all                     ? 
_reflns.Rmerge_F_obs                     ? 
_reflns.Friedel_coverage                 ? 
_reflns.number_gt                        ? 
_reflns.threshold_expression             ? 
_reflns.pdbx_redundancy                  6.9 
_reflns.pdbx_Rmerge_I_obs                0.059 
_reflns.pdbx_Rmerge_I_all                ? 
_reflns.pdbx_Rsym_value                  0.025 
_reflns.pdbx_netI_over_av_sigmaI         ? 
_reflns.pdbx_netI_over_sigmaI            20.5 
_reflns.pdbx_res_netI_over_av_sigmaI_2   ? 
_reflns.pdbx_res_netI_over_sigmaI_2      ? 
_reflns.pdbx_chi_squared                 ? 
_reflns.pdbx_scaling_rejects             ? 
_reflns.pdbx_d_res_high_opt              ? 
_reflns.pdbx_d_res_low_opt               ? 
_reflns.pdbx_d_res_opt_method            ? 
_reflns.phase_calculation_details        ? 
_reflns.pdbx_Rrim_I_all                  ? 
_reflns.pdbx_Rpim_I_all                  ? 
_reflns.pdbx_d_opt                       ? 
_reflns.pdbx_number_measured_all         ? 
_reflns.pdbx_diffrn_id                   1 
_reflns.pdbx_ordinal                     1 
_reflns.pdbx_CC_half                     ? 
_reflns.pdbx_R_split                     ? 
# 
_reflns_shell.d_res_high                  2.1673 
_reflns_shell.d_res_low                   2.28 
_reflns_shell.meanI_over_sigI_all         ? 
_reflns_shell.meanI_over_sigI_obs         2.1 
_reflns_shell.number_measured_all         ? 
_reflns_shell.number_measured_obs         ? 
_reflns_shell.number_possible             ? 
_reflns_shell.number_unique_all           ? 
_reflns_shell.number_unique_obs           ? 
_reflns_shell.percent_possible_all        90.0 
_reflns_shell.percent_possible_obs        ? 
_reflns_shell.Rmerge_F_all                ? 
_reflns_shell.Rmerge_F_obs                ? 
_reflns_shell.Rmerge_I_all                ? 
_reflns_shell.Rmerge_I_obs                0.666 
_reflns_shell.meanI_over_sigI_gt          ? 
_reflns_shell.meanI_over_uI_all           ? 
_reflns_shell.meanI_over_uI_gt            ? 
_reflns_shell.number_measured_gt          ? 
_reflns_shell.number_unique_gt            ? 
_reflns_shell.percent_possible_gt         ? 
_reflns_shell.Rmerge_F_gt                 ? 
_reflns_shell.Rmerge_I_gt                 ? 
_reflns_shell.pdbx_redundancy             5.5 
_reflns_shell.pdbx_Rsym_value             ? 
_reflns_shell.pdbx_chi_squared            ? 
_reflns_shell.pdbx_netI_over_sigmaI_all   ? 
_reflns_shell.pdbx_netI_over_sigmaI_obs   ? 
_reflns_shell.pdbx_Rrim_I_all             ? 
_reflns_shell.pdbx_Rpim_I_all             ? 
_reflns_shell.pdbx_rejects                ? 
_reflns_shell.pdbx_ordinal                1 
_reflns_shell.pdbx_diffrn_id              1 
_reflns_shell.pdbx_CC_half                ? 
_reflns_shell.pdbx_R_split                ? 
# 
_refine.aniso_B[1][1]                            ? 
_refine.aniso_B[1][2]                            ? 
_refine.aniso_B[1][3]                            ? 
_refine.aniso_B[2][2]                            ? 
_refine.aniso_B[2][3]                            ? 
_refine.aniso_B[3][3]                            ? 
_refine.B_iso_max                                ? 
_refine.B_iso_mean                               ? 
_refine.B_iso_min                                ? 
_refine.correlation_coeff_Fo_to_Fc               ? 
_refine.correlation_coeff_Fo_to_Fc_free          ? 
_refine.details                                  ? 
_refine.diff_density_max                         ? 
_refine.diff_density_max_esd                     ? 
_refine.diff_density_min                         ? 
_refine.diff_density_min_esd                     ? 
_refine.diff_density_rms                         ? 
_refine.diff_density_rms_esd                     ? 
_refine.entry_id                                 4ZZF 
_refine.pdbx_refine_id                           'X-RAY DIFFRACTION' 
_refine.ls_abs_structure_details                 ? 
_refine.ls_abs_structure_Flack                   ? 
_refine.ls_abs_structure_Flack_esd               ? 
_refine.ls_abs_structure_Rogers                  ? 
_refine.ls_abs_structure_Rogers_esd              ? 
_refine.ls_d_res_high                            2.1673 
_refine.ls_d_res_low                             43.3801 
_refine.ls_extinction_coef                       ? 
_refine.ls_extinction_coef_esd                   ? 
_refine.ls_extinction_expression                 ? 
_refine.ls_extinction_method                     ? 
_refine.ls_goodness_of_fit_all                   ? 
_refine.ls_goodness_of_fit_all_esd               ? 
_refine.ls_goodness_of_fit_obs                   ? 
_refine.ls_goodness_of_fit_obs_esd               ? 
_refine.ls_hydrogen_treatment                    ? 
_refine.ls_matrix_type                           ? 
_refine.ls_number_constraints                    ? 
_refine.ls_number_parameters                     ? 
_refine.ls_number_reflns_all                     ? 
_refine.ls_number_reflns_obs                     11712 
_refine.ls_number_reflns_R_free                  586 
_refine.ls_number_reflns_R_work                  ? 
_refine.ls_number_restraints                     ? 
_refine.ls_percent_reflns_obs                    98.86 
_refine.ls_percent_reflns_R_free                 5.00 
_refine.ls_R_factor_all                          ? 
_refine.ls_R_factor_obs                          0.1984 
_refine.ls_R_factor_R_free                       0.2338 
_refine.ls_R_factor_R_free_error                 ? 
_refine.ls_R_factor_R_free_error_details         ? 
_refine.ls_R_factor_R_work                       0.1966 
_refine.ls_R_Fsqd_factor_obs                     ? 
_refine.ls_R_I_factor_obs                        ? 
_refine.ls_redundancy_reflns_all                 ? 
_refine.ls_redundancy_reflns_obs                 ? 
_refine.ls_restrained_S_all                      ? 
_refine.ls_restrained_S_obs                      ? 
_refine.ls_shift_over_esd_max                    ? 
_refine.ls_shift_over_esd_mean                   ? 
_refine.ls_structure_factor_coef                 ? 
_refine.ls_weighting_details                     ? 
_refine.ls_weighting_scheme                      ? 
_refine.ls_wR_factor_all                         ? 
_refine.ls_wR_factor_obs                         ? 
_refine.ls_wR_factor_R_free                      ? 
_refine.ls_wR_factor_R_work                      ? 
_refine.occupancy_max                            ? 
_refine.occupancy_min                            ? 
_refine.solvent_model_details                    'FLAT BULK SOLVENT MODEL' 
_refine.solvent_model_param_bsol                 ? 
_refine.solvent_model_param_ksol                 ? 
_refine.ls_R_factor_gt                           ? 
_refine.ls_goodness_of_fit_gt                    ? 
_refine.ls_goodness_of_fit_ref                   ? 
_refine.ls_shift_over_su_max                     ? 
_refine.ls_shift_over_su_max_lt                  ? 
_refine.ls_shift_over_su_mean                    ? 
_refine.ls_shift_over_su_mean_lt                 ? 
_refine.pdbx_ls_sigma_I                          ? 
_refine.pdbx_ls_sigma_F                          1.35 
_refine.pdbx_ls_sigma_Fsqd                       ? 
_refine.pdbx_data_cutoff_high_absF               ? 
_refine.pdbx_data_cutoff_high_rms_absF           ? 
_refine.pdbx_data_cutoff_low_absF                ? 
_refine.pdbx_isotropic_thermal_model             ? 
_refine.pdbx_ls_cross_valid_method               'FREE R-VALUE' 
_refine.pdbx_method_to_determine_struct          MAD 
_refine.pdbx_starting_model                      ? 
_refine.pdbx_stereochemistry_target_values       ML 
_refine.pdbx_R_Free_selection_details            ? 
_refine.pdbx_stereochem_target_val_spec_case     ? 
_refine.pdbx_overall_ESU_R                       ? 
_refine.pdbx_overall_ESU_R_Free                  ? 
_refine.pdbx_solvent_vdw_probe_radii             1.11 
_refine.pdbx_solvent_ion_probe_radii             ? 
_refine.pdbx_solvent_shrinkage_radii             0.90 
_refine.pdbx_real_space_R                        ? 
_refine.pdbx_density_correlation                 ? 
_refine.pdbx_pd_number_of_powder_patterns        ? 
_refine.pdbx_pd_number_of_points                 ? 
_refine.pdbx_pd_meas_number_of_points            ? 
_refine.pdbx_pd_proc_ls_prof_R_factor            ? 
_refine.pdbx_pd_proc_ls_prof_wR_factor           ? 
_refine.pdbx_pd_Marquardt_correlation_coeff      ? 
_refine.pdbx_pd_Fsqrd_R_factor                   ? 
_refine.pdbx_pd_ls_matrix_band_width             ? 
_refine.pdbx_overall_phase_error                 24.88 
_refine.pdbx_overall_SU_R_free_Cruickshank_DPI   ? 
_refine.pdbx_overall_SU_R_free_Blow_DPI          ? 
_refine.pdbx_overall_SU_R_Blow_DPI               ? 
_refine.pdbx_TLS_residual_ADP_flag               ? 
_refine.pdbx_diffrn_id                           1 
_refine.overall_SU_B                             ? 
_refine.overall_SU_ML                            0.28 
_refine.overall_SU_R_Cruickshank_DPI             ? 
_refine.overall_SU_R_free                        ? 
_refine.overall_FOM_free_R_set                   ? 
_refine.overall_FOM_work_R_set                   ? 
_refine.pdbx_average_fsc_overall                 ? 
_refine.pdbx_average_fsc_work                    ? 
_refine.pdbx_average_fsc_free                    ? 
# 
_refine_hist.pdbx_refine_id                   'X-RAY DIFFRACTION' 
_refine_hist.cycle_id                         LAST 
_refine_hist.pdbx_number_atoms_protein        1156 
_refine_hist.pdbx_number_atoms_nucleic_acid   0 
_refine_hist.pdbx_number_atoms_ligand         0 
_refine_hist.number_atoms_solvent             74 
_refine_hist.number_atoms_total               1230 
_refine_hist.d_res_high                       2.1673 
_refine_hist.d_res_low                        43.3801 
# 
loop_
_refine_ls_restr.pdbx_refine_id 
_refine_ls_restr.criterion 
_refine_ls_restr.dev_ideal 
_refine_ls_restr.dev_ideal_target 
_refine_ls_restr.number 
_refine_ls_restr.rejects 
_refine_ls_restr.type 
_refine_ls_restr.weight 
_refine_ls_restr.pdbx_restraint_function 
'X-RAY DIFFRACTION' ? 0.008  ? 1177 ? f_bond_d           ? ? 
'X-RAY DIFFRACTION' ? 1.108  ? 1581 ? f_angle_d          ? ? 
'X-RAY DIFFRACTION' ? 14.173 ? 452  ? f_dihedral_angle_d ? ? 
'X-RAY DIFFRACTION' ? 0.044  ? 166  ? f_chiral_restr     ? ? 
'X-RAY DIFFRACTION' ? 0.004  ? 209  ? f_plane_restr      ? ? 
# 
loop_
_refine_ls_shell.pdbx_refine_id 
_refine_ls_shell.d_res_high 
_refine_ls_shell.d_res_low 
_refine_ls_shell.number_reflns_all 
_refine_ls_shell.number_reflns_obs 
_refine_ls_shell.number_reflns_R_free 
_refine_ls_shell.number_reflns_R_work 
_refine_ls_shell.percent_reflns_obs 
_refine_ls_shell.percent_reflns_R_free 
_refine_ls_shell.R_factor_all 
_refine_ls_shell.R_factor_obs 
_refine_ls_shell.R_factor_R_free 
_refine_ls_shell.R_factor_R_free_error 
_refine_ls_shell.R_factor_R_work 
_refine_ls_shell.redundancy_reflns_all 
_refine_ls_shell.redundancy_reflns_obs 
_refine_ls_shell.wR_factor_all 
_refine_ls_shell.wR_factor_obs 
_refine_ls_shell.wR_factor_R_free 
_refine_ls_shell.wR_factor_R_work 
_refine_ls_shell.pdbx_total_number_of_bins_used 
_refine_ls_shell.pdbx_phase_error 
_refine_ls_shell.pdbx_fsc_work 
_refine_ls_shell.pdbx_fsc_free 
'X-RAY DIFFRACTION' 2.1673 2.3854  . . 138 2621 95.00  . . . 0.3241 . 0.2614 . . . . . . . . . . 
'X-RAY DIFFRACTION' 2.3854 2.7305  . . 145 2760 100.00 . . . 0.2869 . 0.2486 . . . . . . . . . . 
'X-RAY DIFFRACTION' 2.7305 3.4399  . . 147 2798 100.00 . . . 0.2822 . 0.2224 . . . . . . . . . . 
'X-RAY DIFFRACTION' 3.4399 43.3801 . . 156 2947 100.00 . . . 0.1907 . 0.1659 . . . . . . . . . . 
# 
_struct.entry_id                     4ZZF 
_struct.title                        
'Crystal structure of truncated FlgD (tetragonal form) from the human pathogen Helicobacter pylori' 
_struct.pdbx_model_details           ? 
_struct.pdbx_formula_weight          ? 
_struct.pdbx_formula_weight_method   ? 
_struct.pdbx_model_type_details      ? 
_struct.pdbx_CASP_flag               ? 
# 
_struct_keywords.entry_id        4ZZF 
_struct_keywords.text            'Flagellum, Hook-caping protein, motor protein' 
_struct_keywords.pdbx_keywords   'MOTOR PROTEIN' 
# 
loop_
_struct_asym.id 
_struct_asym.pdbx_blank_PDB_chainid_flag 
_struct_asym.pdbx_modified 
_struct_asym.entity_id 
_struct_asym.details 
A N N 1 ? 
B N N 2 ? 
# 
_struct_ref.id                         1 
_struct_ref.db_name                    UNP 
_struct_ref.db_code                    O25565_HELPY 
_struct_ref.pdbx_db_accession          O25565 
_struct_ref.pdbx_db_isoform            ? 
_struct_ref.entity_id                  1 
_struct_ref.pdbx_seq_one_letter_code   
;NSVSMIGKIAETDVSGANFDGNNKLSFSLFFDEKIDASKGVPAIQILNENNELVKTIPLKDYNGQKGYINFEWDGTNEKG
EKVPKGNYKIKAEYNLDSHSKQYLQTRIGRGEVESVIFDKGKPMLRMGEMVLPIDSAIEFYQPDQK
;
_struct_ref.pdbx_align_begin           127 
# 
_struct_ref_seq.align_id                      1 
_struct_ref_seq.ref_id                        1 
_struct_ref_seq.pdbx_PDB_id_code              4ZZF 
_struct_ref_seq.pdbx_strand_id                A 
_struct_ref_seq.seq_align_beg                 1 
_struct_ref_seq.pdbx_seq_align_beg_ins_code   ? 
_struct_ref_seq.seq_align_end                 146 
_struct_ref_seq.pdbx_seq_align_end_ins_code   ? 
_struct_ref_seq.pdbx_db_accession             O25565 
_struct_ref_seq.db_align_beg                  127 
_struct_ref_seq.pdbx_db_align_beg_ins_code    ? 
_struct_ref_seq.db_align_end                  272 
_struct_ref_seq.pdbx_db_align_end_ins_code    ? 
_struct_ref_seq.pdbx_auth_seq_align_beg       127 
_struct_ref_seq.pdbx_auth_seq_align_end       272 
# 
_pdbx_struct_assembly.id                   1 
_pdbx_struct_assembly.details              author_and_software_defined_assembly 
_pdbx_struct_assembly.method_details       PISA 
_pdbx_struct_assembly.oligomeric_details   tetrameric 
_pdbx_struct_assembly.oligomeric_count     4 
# 
loop_
_pdbx_struct_assembly_prop.biol_id 
_pdbx_struct_assembly_prop.type 
_pdbx_struct_assembly_prop.value 
_pdbx_struct_assembly_prop.details 
1 'ABSA (A^2)' 3900  ? 
1 MORE         -20   ? 
1 'SSA (A^2)'  30180 ? 
# 
_pdbx_struct_assembly_gen.assembly_id       1 
_pdbx_struct_assembly_gen.oper_expression   1,2,3,4 
_pdbx_struct_assembly_gen.asym_id_list      A,B 
# 
loop_
_pdbx_struct_oper_list.id 
_pdbx_struct_oper_list.type 
_pdbx_struct_oper_list.name 
_pdbx_struct_oper_list.symmetry_operation 
_pdbx_struct_oper_list.matrix[1][1] 
_pdbx_struct_oper_list.matrix[1][2] 
_pdbx_struct_oper_list.matrix[1][3] 
_pdbx_struct_oper_list.vector[1] 
_pdbx_struct_oper_list.matrix[2][1] 
_pdbx_struct_oper_list.matrix[2][2] 
_pdbx_struct_oper_list.matrix[2][3] 
_pdbx_struct_oper_list.vector[2] 
_pdbx_struct_oper_list.matrix[3][1] 
_pdbx_struct_oper_list.matrix[3][2] 
_pdbx_struct_oper_list.matrix[3][3] 
_pdbx_struct_oper_list.vector[3] 
1 'identity operation'         1_555 x,y,z       1.0000000000  0.0000000000  0.0000000000  0.0000000000   0.0000000000  1.0000000000 0.0000000000 0.0000000000   0.0000000000  0.0000000000 1.0000000000  0.0000000000   
2 'crystal symmetry operation' 2_665 -x+1,-y+1,z -0.9782384577 -0.1550844831 -0.1378344039 -49.2854454664 -0.1550844831 0.1052156418 0.9822822771 3.6041215950   -0.1378344039 0.9822822771 -0.1269771841 -11.8364544149 
3 'crystal symmetry operation' 3_655 -y+1,x,z    0.0108807711  0.5831478583  -0.8122931640 -30.2327943051 -0.7382323413 0.5526078209 0.3868302037 -15.0964779570 0.6744587601  0.5954520734 0.4365114080  12.2126058646  
4 'crystal symmetry operation' 4_565 y,-x+1,z    0.0108807711  -0.7382323413 0.6744587601  -19.0526511613 0.5831478583  0.5526078209 0.5954520734 18.7005995520  -0.8122931640 0.3868302037 0.4365114080  -24.0490602795 
# 
_struct_conf.conf_type_id            HELX_P 
_struct_conf.id                      HELX_P1 
_struct_conf.pdbx_PDB_helix_id       AA1 
_struct_conf.beg_label_comp_id       LYS 
_struct_conf.beg_label_asym_id       A 
_struct_conf.beg_label_seq_id        60 
_struct_conf.pdbx_beg_PDB_ins_code   ? 
_struct_conf.end_label_comp_id       ASN 
_struct_conf.end_label_asym_id       A 
_struct_conf.end_label_seq_id        63 
_struct_conf.pdbx_end_PDB_ins_code   ? 
_struct_conf.beg_auth_comp_id        LYS 
_struct_conf.beg_auth_asym_id        A 
_struct_conf.beg_auth_seq_id         186 
_struct_conf.end_auth_comp_id        ASN 
_struct_conf.end_auth_asym_id        A 
_struct_conf.end_auth_seq_id         189 
_struct_conf.pdbx_PDB_helix_class    5 
_struct_conf.details                 ? 
_struct_conf.pdbx_PDB_helix_length   4 
# 
_struct_conf_type.id          HELX_P 
_struct_conf_type.criteria    ? 
_struct_conf_type.reference   ? 
# 
_struct_mon_prot_cis.pdbx_id                1 
_struct_mon_prot_cis.label_comp_id          LYS 
_struct_mon_prot_cis.label_seq_id           120 
_struct_mon_prot_cis.label_asym_id          A 
_struct_mon_prot_cis.label_alt_id           . 
_struct_mon_prot_cis.pdbx_PDB_ins_code      ? 
_struct_mon_prot_cis.auth_comp_id           LYS 
_struct_mon_prot_cis.auth_seq_id            246 
_struct_mon_prot_cis.auth_asym_id           A 
_struct_mon_prot_cis.pdbx_label_comp_id_2   GLY 
_struct_mon_prot_cis.pdbx_label_seq_id_2    121 
_struct_mon_prot_cis.pdbx_label_asym_id_2   A 
_struct_mon_prot_cis.pdbx_PDB_ins_code_2    ? 
_struct_mon_prot_cis.pdbx_auth_comp_id_2    GLY 
_struct_mon_prot_cis.pdbx_auth_seq_id_2     247 
_struct_mon_prot_cis.pdbx_auth_asym_id_2    A 
_struct_mon_prot_cis.pdbx_PDB_model_num     1 
_struct_mon_prot_cis.pdbx_omega_angle       -11.57 
# 
loop_
_struct_sheet.id 
_struct_sheet.type 
_struct_sheet.number_strands 
_struct_sheet.details 
AA1 ? 3 ? 
AA2 ? 4 ? 
AA3 ? 3 ? 
AA4 ? 2 ? 
AA5 ? 3 ? 
# 
loop_
_struct_sheet_order.sheet_id 
_struct_sheet_order.range_id_1 
_struct_sheet_order.range_id_2 
_struct_sheet_order.offset 
_struct_sheet_order.sense 
AA1 1 2 ? anti-parallel 
AA1 2 3 ? anti-parallel 
AA2 1 2 ? anti-parallel 
AA2 2 3 ? anti-parallel 
AA2 3 4 ? anti-parallel 
AA3 1 2 ? anti-parallel 
AA3 2 3 ? anti-parallel 
AA4 1 2 ? anti-parallel 
AA5 1 2 ? anti-parallel 
AA5 2 3 ? anti-parallel 
# 
loop_
_struct_sheet_range.sheet_id 
_struct_sheet_range.id 
_struct_sheet_range.beg_label_comp_id 
_struct_sheet_range.beg_label_asym_id 
_struct_sheet_range.beg_label_seq_id 
_struct_sheet_range.pdbx_beg_PDB_ins_code 
_struct_sheet_range.end_label_comp_id 
_struct_sheet_range.end_label_asym_id 
_struct_sheet_range.end_label_seq_id 
_struct_sheet_range.pdbx_end_PDB_ins_code 
_struct_sheet_range.beg_auth_comp_id 
_struct_sheet_range.beg_auth_asym_id 
_struct_sheet_range.beg_auth_seq_id 
_struct_sheet_range.end_auth_comp_id 
_struct_sheet_range.end_auth_asym_id 
_struct_sheet_range.end_auth_seq_id 
AA1 1 ARG A 110 ? GLU A 112 ? ARG A 236 GLU A 238 
AA1 2 ILE A 9   ? THR A 12  ? ILE A 135 THR A 138 
AA1 3 ALA A 137 ? TYR A 141 ? ALA A 263 TYR A 267 
AA2 1 GLY A 16  ? PHE A 19  ? GLY A 142 PHE A 145 
AA2 2 GLY A 86  ? TYR A 94  ? GLY A 212 TYR A 220 
AA2 3 ALA A 43  ? LEU A 47  ? ALA A 169 LEU A 173 
AA2 4 LEU A 53  ? PRO A 58  ? LEU A 179 PRO A 184 
AA3 1 GLY A 16  ? PHE A 19  ? GLY A 142 PHE A 145 
AA3 2 GLY A 86  ? TYR A 94  ? GLY A 212 TYR A 220 
AA3 3 LEU A 104 ? ARG A 107 ? LEU A 230 ARG A 233 
AA4 1 LEU A 25  ? PHE A 31  ? LEU A 151 PHE A 157 
AA4 2 GLY A 67  ? TRP A 73  ? GLY A 193 TRP A 199 
AA5 1 SER A 115 ? ASP A 119 ? SER A 241 ASP A 245 
AA5 2 LYS A 122 ? MET A 127 ? LYS A 248 MET A 253 
AA5 3 MET A 130 ? PRO A 133 ? MET A 256 PRO A 259 
# 
loop_
_pdbx_struct_sheet_hbond.sheet_id 
_pdbx_struct_sheet_hbond.range_id_1 
_pdbx_struct_sheet_hbond.range_id_2 
_pdbx_struct_sheet_hbond.range_1_label_atom_id 
_pdbx_struct_sheet_hbond.range_1_label_comp_id 
_pdbx_struct_sheet_hbond.range_1_label_asym_id 
_pdbx_struct_sheet_hbond.range_1_label_seq_id 
_pdbx_struct_sheet_hbond.range_1_PDB_ins_code 
_pdbx_struct_sheet_hbond.range_1_auth_atom_id 
_pdbx_struct_sheet_hbond.range_1_auth_comp_id 
_pdbx_struct_sheet_hbond.range_1_auth_asym_id 
_pdbx_struct_sheet_hbond.range_1_auth_seq_id 
_pdbx_struct_sheet_hbond.range_2_label_atom_id 
_pdbx_struct_sheet_hbond.range_2_label_comp_id 
_pdbx_struct_sheet_hbond.range_2_label_asym_id 
_pdbx_struct_sheet_hbond.range_2_label_seq_id 
_pdbx_struct_sheet_hbond.range_2_PDB_ins_code 
_pdbx_struct_sheet_hbond.range_2_auth_atom_id 
_pdbx_struct_sheet_hbond.range_2_auth_comp_id 
_pdbx_struct_sheet_hbond.range_2_auth_asym_id 
_pdbx_struct_sheet_hbond.range_2_auth_seq_id 
AA1 1 2 O GLY A 111 ? O GLY A 237 N ALA A 10  ? N ALA A 136 
AA1 2 3 N ILE A 9   ? N ILE A 135 O TYR A 141 ? O TYR A 267 
AA2 1 2 N PHE A 19  ? N PHE A 145 O GLY A 86  ? O GLY A 212 
AA2 2 3 O LYS A 89  ? O LYS A 215 N LEU A 47  ? N LEU A 173 
AA2 3 4 N ILE A 44  ? N ILE A 170 O ILE A 57  ? O ILE A 183 
AA3 1 2 N PHE A 19  ? N PHE A 145 O GLY A 86  ? O GLY A 212 
AA3 2 3 N ALA A 92  ? N ALA A 218 O THR A 106 ? O THR A 232 
AA4 1 2 N PHE A 27  ? N PHE A 153 O PHE A 71  ? O PHE A 197 
AA5 1 2 N ASP A 119 ? N ASP A 245 O LYS A 122 ? O LYS A 248 
AA5 2 3 N LEU A 125 ? N LEU A 251 O LEU A 132 ? O LEU A 258 
# 
loop_
_pdbx_validate_close_contact.id 
_pdbx_validate_close_contact.PDB_model_num 
_pdbx_validate_close_contact.auth_atom_id_1 
_pdbx_validate_close_contact.auth_asym_id_1 
_pdbx_validate_close_contact.auth_comp_id_1 
_pdbx_validate_close_contact.auth_seq_id_1 
_pdbx_validate_close_contact.PDB_ins_code_1 
_pdbx_validate_close_contact.label_alt_id_1 
_pdbx_validate_close_contact.auth_atom_id_2 
_pdbx_validate_close_contact.auth_asym_id_2 
_pdbx_validate_close_contact.auth_comp_id_2 
_pdbx_validate_close_contact.auth_seq_id_2 
_pdbx_validate_close_contact.PDB_ins_code_2 
_pdbx_validate_close_contact.label_alt_id_2 
_pdbx_validate_close_contact.dist 
1 1 O A HOH 351 ? ? O A HOH 370 ? ? 2.06 
2 1 O A SER 128 ? ? O A HOH 301 ? ? 2.16 
# 
loop_
_pdbx_validate_torsion.id 
_pdbx_validate_torsion.PDB_model_num 
_pdbx_validate_torsion.auth_comp_id 
_pdbx_validate_torsion.auth_asym_id 
_pdbx_validate_torsion.auth_seq_id 
_pdbx_validate_torsion.PDB_ins_code 
_pdbx_validate_torsion.label_alt_id 
_pdbx_validate_torsion.phi 
_pdbx_validate_torsion.psi 
1 1 ASN A 148 ? ? -130.43 -46.89 
2 1 LYS A 150 ? ? -49.17  156.56 
3 1 ASP A 245 ? ? -101.43 77.09  
4 1 ASP A 270 ? ? 83.86   -33.42 
# 
loop_
_pdbx_struct_special_symmetry.id 
_pdbx_struct_special_symmetry.PDB_model_num 
_pdbx_struct_special_symmetry.auth_asym_id 
_pdbx_struct_special_symmetry.auth_comp_id 
_pdbx_struct_special_symmetry.auth_seq_id 
_pdbx_struct_special_symmetry.PDB_ins_code 
_pdbx_struct_special_symmetry.label_asym_id 
_pdbx_struct_special_symmetry.label_comp_id 
_pdbx_struct_special_symmetry.label_seq_id 
1 1 A HOH 306 ? B HOH . 
2 1 A HOH 363 ? B HOH . 
# 
_pdbx_distant_solvent_atoms.id                                1 
_pdbx_distant_solvent_atoms.PDB_model_num                     1 
_pdbx_distant_solvent_atoms.auth_atom_id                      O 
_pdbx_distant_solvent_atoms.label_alt_id                      ? 
_pdbx_distant_solvent_atoms.auth_asym_id                      A 
_pdbx_distant_solvent_atoms.auth_comp_id                      HOH 
_pdbx_distant_solvent_atoms.auth_seq_id                       374 
_pdbx_distant_solvent_atoms.PDB_ins_code                      ? 
_pdbx_distant_solvent_atoms.neighbor_macromolecule_distance   5.88 
_pdbx_distant_solvent_atoms.neighbor_ligand_distance          . 
# 
loop_
_chem_comp_atom.comp_id 
_chem_comp_atom.atom_id 
_chem_comp_atom.type_symbol 
_chem_comp_atom.pdbx_aromatic_flag 
_chem_comp_atom.pdbx_stereo_config 
_chem_comp_atom.pdbx_ordinal 
ALA N    N N N 1   
ALA CA   C N S 2   
ALA C    C N N 3   
ALA O    O N N 4   
ALA CB   C N N 5   
ALA OXT  O N N 6   
ALA H    H N N 7   
ALA H2   H N N 8   
ALA HA   H N N 9   
ALA HB1  H N N 10  
ALA HB2  H N N 11  
ALA HB3  H N N 12  
ALA HXT  H N N 13  
ARG N    N N N 14  
ARG CA   C N S 15  
ARG C    C N N 16  
ARG O    O N N 17  
ARG CB   C N N 18  
ARG CG   C N N 19  
ARG CD   C N N 20  
ARG NE   N N N 21  
ARG CZ   C N N 22  
ARG NH1  N N N 23  
ARG NH2  N N N 24  
ARG OXT  O N N 25  
ARG H    H N N 26  
ARG H2   H N N 27  
ARG HA   H N N 28  
ARG HB2  H N N 29  
ARG HB3  H N N 30  
ARG HG2  H N N 31  
ARG HG3  H N N 32  
ARG HD2  H N N 33  
ARG HD3  H N N 34  
ARG HE   H N N 35  
ARG HH11 H N N 36  
ARG HH12 H N N 37  
ARG HH21 H N N 38  
ARG HH22 H N N 39  
ARG HXT  H N N 40  
ASN N    N N N 41  
ASN CA   C N S 42  
ASN C    C N N 43  
ASN O    O N N 44  
ASN CB   C N N 45  
ASN CG   C N N 46  
ASN OD1  O N N 47  
ASN ND2  N N N 48  
ASN OXT  O N N 49  
ASN H    H N N 50  
ASN H2   H N N 51  
ASN HA   H N N 52  
ASN HB2  H N N 53  
ASN HB3  H N N 54  
ASN HD21 H N N 55  
ASN HD22 H N N 56  
ASN HXT  H N N 57  
ASP N    N N N 58  
ASP CA   C N S 59  
ASP C    C N N 60  
ASP O    O N N 61  
ASP CB   C N N 62  
ASP CG   C N N 63  
ASP OD1  O N N 64  
ASP OD2  O N N 65  
ASP OXT  O N N 66  
ASP H    H N N 67  
ASP H2   H N N 68  
ASP HA   H N N 69  
ASP HB2  H N N 70  
ASP HB3  H N N 71  
ASP HD2  H N N 72  
ASP HXT  H N N 73  
GLN N    N N N 74  
GLN CA   C N S 75  
GLN C    C N N 76  
GLN O    O N N 77  
GLN CB   C N N 78  
GLN CG   C N N 79  
GLN CD   C N N 80  
GLN OE1  O N N 81  
GLN NE2  N N N 82  
GLN OXT  O N N 83  
GLN H    H N N 84  
GLN H2   H N N 85  
GLN HA   H N N 86  
GLN HB2  H N N 87  
GLN HB3  H N N 88  
GLN HG2  H N N 89  
GLN HG3  H N N 90  
GLN HE21 H N N 91  
GLN HE22 H N N 92  
GLN HXT  H N N 93  
GLU N    N N N 94  
GLU CA   C N S 95  
GLU C    C N N 96  
GLU O    O N N 97  
GLU CB   C N N 98  
GLU CG   C N N 99  
GLU CD   C N N 100 
GLU OE1  O N N 101 
GLU OE2  O N N 102 
GLU OXT  O N N 103 
GLU H    H N N 104 
GLU H2   H N N 105 
GLU HA   H N N 106 
GLU HB2  H N N 107 
GLU HB3  H N N 108 
GLU HG2  H N N 109 
GLU HG3  H N N 110 
GLU HE2  H N N 111 
GLU HXT  H N N 112 
GLY N    N N N 113 
GLY CA   C N N 114 
GLY C    C N N 115 
GLY O    O N N 116 
GLY OXT  O N N 117 
GLY H    H N N 118 
GLY H2   H N N 119 
GLY HA2  H N N 120 
GLY HA3  H N N 121 
GLY HXT  H N N 122 
HIS N    N N N 123 
HIS CA   C N S 124 
HIS C    C N N 125 
HIS O    O N N 126 
HIS CB   C N N 127 
HIS CG   C Y N 128 
HIS ND1  N Y N 129 
HIS CD2  C Y N 130 
HIS CE1  C Y N 131 
HIS NE2  N Y N 132 
HIS OXT  O N N 133 
HIS H    H N N 134 
HIS H2   H N N 135 
HIS HA   H N N 136 
HIS HB2  H N N 137 
HIS HB3  H N N 138 
HIS HD1  H N N 139 
HIS HD2  H N N 140 
HIS HE1  H N N 141 
HIS HE2  H N N 142 
HIS HXT  H N N 143 
HOH O    O N N 144 
HOH H1   H N N 145 
HOH H2   H N N 146 
ILE N    N N N 147 
ILE CA   C N S 148 
ILE C    C N N 149 
ILE O    O N N 150 
ILE CB   C N S 151 
ILE CG1  C N N 152 
ILE CG2  C N N 153 
ILE CD1  C N N 154 
ILE OXT  O N N 155 
ILE H    H N N 156 
ILE H2   H N N 157 
ILE HA   H N N 158 
ILE HB   H N N 159 
ILE HG12 H N N 160 
ILE HG13 H N N 161 
ILE HG21 H N N 162 
ILE HG22 H N N 163 
ILE HG23 H N N 164 
ILE HD11 H N N 165 
ILE HD12 H N N 166 
ILE HD13 H N N 167 
ILE HXT  H N N 168 
LEU N    N N N 169 
LEU CA   C N S 170 
LEU C    C N N 171 
LEU O    O N N 172 
LEU CB   C N N 173 
LEU CG   C N N 174 
LEU CD1  C N N 175 
LEU CD2  C N N 176 
LEU OXT  O N N 177 
LEU H    H N N 178 
LEU H2   H N N 179 
LEU HA   H N N 180 
LEU HB2  H N N 181 
LEU HB3  H N N 182 
LEU HG   H N N 183 
LEU HD11 H N N 184 
LEU HD12 H N N 185 
LEU HD13 H N N 186 
LEU HD21 H N N 187 
LEU HD22 H N N 188 
LEU HD23 H N N 189 
LEU HXT  H N N 190 
LYS N    N N N 191 
LYS CA   C N S 192 
LYS C    C N N 193 
LYS O    O N N 194 
LYS CB   C N N 195 
LYS CG   C N N 196 
LYS CD   C N N 197 
LYS CE   C N N 198 
LYS NZ   N N N 199 
LYS OXT  O N N 200 
LYS H    H N N 201 
LYS H2   H N N 202 
LYS HA   H N N 203 
LYS HB2  H N N 204 
LYS HB3  H N N 205 
LYS HG2  H N N 206 
LYS HG3  H N N 207 
LYS HD2  H N N 208 
LYS HD3  H N N 209 
LYS HE2  H N N 210 
LYS HE3  H N N 211 
LYS HZ1  H N N 212 
LYS HZ2  H N N 213 
LYS HZ3  H N N 214 
LYS HXT  H N N 215 
MET N    N N N 216 
MET CA   C N S 217 
MET C    C N N 218 
MET O    O N N 219 
MET CB   C N N 220 
MET CG   C N N 221 
MET SD   S N N 222 
MET CE   C N N 223 
MET OXT  O N N 224 
MET H    H N N 225 
MET H2   H N N 226 
MET HA   H N N 227 
MET HB2  H N N 228 
MET HB3  H N N 229 
MET HG2  H N N 230 
MET HG3  H N N 231 
MET HE1  H N N 232 
MET HE2  H N N 233 
MET HE3  H N N 234 
MET HXT  H N N 235 
PHE N    N N N 236 
PHE CA   C N S 237 
PHE C    C N N 238 
PHE O    O N N 239 
PHE CB   C N N 240 
PHE CG   C Y N 241 
PHE CD1  C Y N 242 
PHE CD2  C Y N 243 
PHE CE1  C Y N 244 
PHE CE2  C Y N 245 
PHE CZ   C Y N 246 
PHE OXT  O N N 247 
PHE H    H N N 248 
PHE H2   H N N 249 
PHE HA   H N N 250 
PHE HB2  H N N 251 
PHE HB3  H N N 252 
PHE HD1  H N N 253 
PHE HD2  H N N 254 
PHE HE1  H N N 255 
PHE HE2  H N N 256 
PHE HZ   H N N 257 
PHE HXT  H N N 258 
PRO N    N N N 259 
PRO CA   C N S 260 
PRO C    C N N 261 
PRO O    O N N 262 
PRO CB   C N N 263 
PRO CG   C N N 264 
PRO CD   C N N 265 
PRO OXT  O N N 266 
PRO H    H N N 267 
PRO HA   H N N 268 
PRO HB2  H N N 269 
PRO HB3  H N N 270 
PRO HG2  H N N 271 
PRO HG3  H N N 272 
PRO HD2  H N N 273 
PRO HD3  H N N 274 
PRO HXT  H N N 275 
SER N    N N N 276 
SER CA   C N S 277 
SER C    C N N 278 
SER O    O N N 279 
SER CB   C N N 280 
SER OG   O N N 281 
SER OXT  O N N 282 
SER H    H N N 283 
SER H2   H N N 284 
SER HA   H N N 285 
SER HB2  H N N 286 
SER HB3  H N N 287 
SER HG   H N N 288 
SER HXT  H N N 289 
THR N    N N N 290 
THR CA   C N S 291 
THR C    C N N 292 
THR O    O N N 293 
THR CB   C N R 294 
THR OG1  O N N 295 
THR CG2  C N N 296 
THR OXT  O N N 297 
THR H    H N N 298 
THR H2   H N N 299 
THR HA   H N N 300 
THR HB   H N N 301 
THR HG1  H N N 302 
THR HG21 H N N 303 
THR HG22 H N N 304 
THR HG23 H N N 305 
THR HXT  H N N 306 
TRP N    N N N 307 
TRP CA   C N S 308 
TRP C    C N N 309 
TRP O    O N N 310 
TRP CB   C N N 311 
TRP CG   C Y N 312 
TRP CD1  C Y N 313 
TRP CD2  C Y N 314 
TRP NE1  N Y N 315 
TRP CE2  C Y N 316 
TRP CE3  C Y N 317 
TRP CZ2  C Y N 318 
TRP CZ3  C Y N 319 
TRP CH2  C Y N 320 
TRP OXT  O N N 321 
TRP H    H N N 322 
TRP H2   H N N 323 
TRP HA   H N N 324 
TRP HB2  H N N 325 
TRP HB3  H N N 326 
TRP HD1  H N N 327 
TRP HE1  H N N 328 
TRP HE3  H N N 329 
TRP HZ2  H N N 330 
TRP HZ3  H N N 331 
TRP HH2  H N N 332 
TRP HXT  H N N 333 
TYR N    N N N 334 
TYR CA   C N S 335 
TYR C    C N N 336 
TYR O    O N N 337 
TYR CB   C N N 338 
TYR CG   C Y N 339 
TYR CD1  C Y N 340 
TYR CD2  C Y N 341 
TYR CE1  C Y N 342 
TYR CE2  C Y N 343 
TYR CZ   C Y N 344 
TYR OH   O N N 345 
TYR OXT  O N N 346 
TYR H    H N N 347 
TYR H2   H N N 348 
TYR HA   H N N 349 
TYR HB2  H N N 350 
TYR HB3  H N N 351 
TYR HD1  H N N 352 
TYR HD2  H N N 353 
TYR HE1  H N N 354 
TYR HE2  H N N 355 
TYR HH   H N N 356 
TYR HXT  H N N 357 
VAL N    N N N 358 
VAL CA   C N S 359 
VAL C    C N N 360 
VAL O    O N N 361 
VAL CB   C N N 362 
VAL CG1  C N N 363 
VAL CG2  C N N 364 
VAL OXT  O N N 365 
VAL H    H N N 366 
VAL H2   H N N 367 
VAL HA   H N N 368 
VAL HB   H N N 369 
VAL HG11 H N N 370 
VAL HG12 H N N 371 
VAL HG13 H N N 372 
VAL HG21 H N N 373 
VAL HG22 H N N 374 
VAL HG23 H N N 375 
VAL HXT  H N N 376 
# 
loop_
_chem_comp_bond.comp_id 
_chem_comp_bond.atom_id_1 
_chem_comp_bond.atom_id_2 
_chem_comp_bond.value_order 
_chem_comp_bond.pdbx_aromatic_flag 
_chem_comp_bond.pdbx_stereo_config 
_chem_comp_bond.pdbx_ordinal 
ALA N   CA   sing N N 1   
ALA N   H    sing N N 2   
ALA N   H2   sing N N 3   
ALA CA  C    sing N N 4   
ALA CA  CB   sing N N 5   
ALA CA  HA   sing N N 6   
ALA C   O    doub N N 7   
ALA C   OXT  sing N N 8   
ALA CB  HB1  sing N N 9   
ALA CB  HB2  sing N N 10  
ALA CB  HB3  sing N N 11  
ALA OXT HXT  sing N N 12  
ARG N   CA   sing N N 13  
ARG N   H    sing N N 14  
ARG N   H2   sing N N 15  
ARG CA  C    sing N N 16  
ARG CA  CB   sing N N 17  
ARG CA  HA   sing N N 18  
ARG C   O    doub N N 19  
ARG C   OXT  sing N N 20  
ARG CB  CG   sing N N 21  
ARG CB  HB2  sing N N 22  
ARG CB  HB3  sing N N 23  
ARG CG  CD   sing N N 24  
ARG CG  HG2  sing N N 25  
ARG CG  HG3  sing N N 26  
ARG CD  NE   sing N N 27  
ARG CD  HD2  sing N N 28  
ARG CD  HD3  sing N N 29  
ARG NE  CZ   sing N N 30  
ARG NE  HE   sing N N 31  
ARG CZ  NH1  sing N N 32  
ARG CZ  NH2  doub N N 33  
ARG NH1 HH11 sing N N 34  
ARG NH1 HH12 sing N N 35  
ARG NH2 HH21 sing N N 36  
ARG NH2 HH22 sing N N 37  
ARG OXT HXT  sing N N 38  
ASN N   CA   sing N N 39  
ASN N   H    sing N N 40  
ASN N   H2   sing N N 41  
ASN CA  C    sing N N 42  
ASN CA  CB   sing N N 43  
ASN CA  HA   sing N N 44  
ASN C   O    doub N N 45  
ASN C   OXT  sing N N 46  
ASN CB  CG   sing N N 47  
ASN CB  HB2  sing N N 48  
ASN CB  HB3  sing N N 49  
ASN CG  OD1  doub N N 50  
ASN CG  ND2  sing N N 51  
ASN ND2 HD21 sing N N 52  
ASN ND2 HD22 sing N N 53  
ASN OXT HXT  sing N N 54  
ASP N   CA   sing N N 55  
ASP N   H    sing N N 56  
ASP N   H2   sing N N 57  
ASP CA  C    sing N N 58  
ASP CA  CB   sing N N 59  
ASP CA  HA   sing N N 60  
ASP C   O    doub N N 61  
ASP C   OXT  sing N N 62  
ASP CB  CG   sing N N 63  
ASP CB  HB2  sing N N 64  
ASP CB  HB3  sing N N 65  
ASP CG  OD1  doub N N 66  
ASP CG  OD2  sing N N 67  
ASP OD2 HD2  sing N N 68  
ASP OXT HXT  sing N N 69  
GLN N   CA   sing N N 70  
GLN N   H    sing N N 71  
GLN N   H2   sing N N 72  
GLN CA  C    sing N N 73  
GLN CA  CB   sing N N 74  
GLN CA  HA   sing N N 75  
GLN C   O    doub N N 76  
GLN C   OXT  sing N N 77  
GLN CB  CG   sing N N 78  
GLN CB  HB2  sing N N 79  
GLN CB  HB3  sing N N 80  
GLN CG  CD   sing N N 81  
GLN CG  HG2  sing N N 82  
GLN CG  HG3  sing N N 83  
GLN CD  OE1  doub N N 84  
GLN CD  NE2  sing N N 85  
GLN NE2 HE21 sing N N 86  
GLN NE2 HE22 sing N N 87  
GLN OXT HXT  sing N N 88  
GLU N   CA   sing N N 89  
GLU N   H    sing N N 90  
GLU N   H2   sing N N 91  
GLU CA  C    sing N N 92  
GLU CA  CB   sing N N 93  
GLU CA  HA   sing N N 94  
GLU C   O    doub N N 95  
GLU C   OXT  sing N N 96  
GLU CB  CG   sing N N 97  
GLU CB  HB2  sing N N 98  
GLU CB  HB3  sing N N 99  
GLU CG  CD   sing N N 100 
GLU CG  HG2  sing N N 101 
GLU CG  HG3  sing N N 102 
GLU CD  OE1  doub N N 103 
GLU CD  OE2  sing N N 104 
GLU OE2 HE2  sing N N 105 
GLU OXT HXT  sing N N 106 
GLY N   CA   sing N N 107 
GLY N   H    sing N N 108 
GLY N   H2   sing N N 109 
GLY CA  C    sing N N 110 
GLY CA  HA2  sing N N 111 
GLY CA  HA3  sing N N 112 
GLY C   O    doub N N 113 
GLY C   OXT  sing N N 114 
GLY OXT HXT  sing N N 115 
HIS N   CA   sing N N 116 
HIS N   H    sing N N 117 
HIS N   H2   sing N N 118 
HIS CA  C    sing N N 119 
HIS CA  CB   sing N N 120 
HIS CA  HA   sing N N 121 
HIS C   O    doub N N 122 
HIS C   OXT  sing N N 123 
HIS CB  CG   sing N N 124 
HIS CB  HB2  sing N N 125 
HIS CB  HB3  sing N N 126 
HIS CG  ND1  sing Y N 127 
HIS CG  CD2  doub Y N 128 
HIS ND1 CE1  doub Y N 129 
HIS ND1 HD1  sing N N 130 
HIS CD2 NE2  sing Y N 131 
HIS CD2 HD2  sing N N 132 
HIS CE1 NE2  sing Y N 133 
HIS CE1 HE1  sing N N 134 
HIS NE2 HE2  sing N N 135 
HIS OXT HXT  sing N N 136 
HOH O   H1   sing N N 137 
HOH O   H2   sing N N 138 
ILE N   CA   sing N N 139 
ILE N   H    sing N N 140 
ILE N   H2   sing N N 141 
ILE CA  C    sing N N 142 
ILE CA  CB   sing N N 143 
ILE CA  HA   sing N N 144 
ILE C   O    doub N N 145 
ILE C   OXT  sing N N 146 
ILE CB  CG1  sing N N 147 
ILE CB  CG2  sing N N 148 
ILE CB  HB   sing N N 149 
ILE CG1 CD1  sing N N 150 
ILE CG1 HG12 sing N N 151 
ILE CG1 HG13 sing N N 152 
ILE CG2 HG21 sing N N 153 
ILE CG2 HG22 sing N N 154 
ILE CG2 HG23 sing N N 155 
ILE CD1 HD11 sing N N 156 
ILE CD1 HD12 sing N N 157 
ILE CD1 HD13 sing N N 158 
ILE OXT HXT  sing N N 159 
LEU N   CA   sing N N 160 
LEU N   H    sing N N 161 
LEU N   H2   sing N N 162 
LEU CA  C    sing N N 163 
LEU CA  CB   sing N N 164 
LEU CA  HA   sing N N 165 
LEU C   O    doub N N 166 
LEU C   OXT  sing N N 167 
LEU CB  CG   sing N N 168 
LEU CB  HB2  sing N N 169 
LEU CB  HB3  sing N N 170 
LEU CG  CD1  sing N N 171 
LEU CG  CD2  sing N N 172 
LEU CG  HG   sing N N 173 
LEU CD1 HD11 sing N N 174 
LEU CD1 HD12 sing N N 175 
LEU CD1 HD13 sing N N 176 
LEU CD2 HD21 sing N N 177 
LEU CD2 HD22 sing N N 178 
LEU CD2 HD23 sing N N 179 
LEU OXT HXT  sing N N 180 
LYS N   CA   sing N N 181 
LYS N   H    sing N N 182 
LYS N   H2   sing N N 183 
LYS CA  C    sing N N 184 
LYS CA  CB   sing N N 185 
LYS CA  HA   sing N N 186 
LYS C   O    doub N N 187 
LYS C   OXT  sing N N 188 
LYS CB  CG   sing N N 189 
LYS CB  HB2  sing N N 190 
LYS CB  HB3  sing N N 191 
LYS CG  CD   sing N N 192 
LYS CG  HG2  sing N N 193 
LYS CG  HG3  sing N N 194 
LYS CD  CE   sing N N 195 
LYS CD  HD2  sing N N 196 
LYS CD  HD3  sing N N 197 
LYS CE  NZ   sing N N 198 
LYS CE  HE2  sing N N 199 
LYS CE  HE3  sing N N 200 
LYS NZ  HZ1  sing N N 201 
LYS NZ  HZ2  sing N N 202 
LYS NZ  HZ3  sing N N 203 
LYS OXT HXT  sing N N 204 
MET N   CA   sing N N 205 
MET N   H    sing N N 206 
MET N   H2   sing N N 207 
MET CA  C    sing N N 208 
MET CA  CB   sing N N 209 
MET CA  HA   sing N N 210 
MET C   O    doub N N 211 
MET C   OXT  sing N N 212 
MET CB  CG   sing N N 213 
MET CB  HB2  sing N N 214 
MET CB  HB3  sing N N 215 
MET CG  SD   sing N N 216 
MET CG  HG2  sing N N 217 
MET CG  HG3  sing N N 218 
MET SD  CE   sing N N 219 
MET CE  HE1  sing N N 220 
MET CE  HE2  sing N N 221 
MET CE  HE3  sing N N 222 
MET OXT HXT  sing N N 223 
PHE N   CA   sing N N 224 
PHE N   H    sing N N 225 
PHE N   H2   sing N N 226 
PHE CA  C    sing N N 227 
PHE CA  CB   sing N N 228 
PHE CA  HA   sing N N 229 
PHE C   O    doub N N 230 
PHE C   OXT  sing N N 231 
PHE CB  CG   sing N N 232 
PHE CB  HB2  sing N N 233 
PHE CB  HB3  sing N N 234 
PHE CG  CD1  doub Y N 235 
PHE CG  CD2  sing Y N 236 
PHE CD1 CE1  sing Y N 237 
PHE CD1 HD1  sing N N 238 
PHE CD2 CE2  doub Y N 239 
PHE CD2 HD2  sing N N 240 
PHE CE1 CZ   doub Y N 241 
PHE CE1 HE1  sing N N 242 
PHE CE2 CZ   sing Y N 243 
PHE CE2 HE2  sing N N 244 
PHE CZ  HZ   sing N N 245 
PHE OXT HXT  sing N N 246 
PRO N   CA   sing N N 247 
PRO N   CD   sing N N 248 
PRO N   H    sing N N 249 
PRO CA  C    sing N N 250 
PRO CA  CB   sing N N 251 
PRO CA  HA   sing N N 252 
PRO C   O    doub N N 253 
PRO C   OXT  sing N N 254 
PRO CB  CG   sing N N 255 
PRO CB  HB2  sing N N 256 
PRO CB  HB3  sing N N 257 
PRO CG  CD   sing N N 258 
PRO CG  HG2  sing N N 259 
PRO CG  HG3  sing N N 260 
PRO CD  HD2  sing N N 261 
PRO CD  HD3  sing N N 262 
PRO OXT HXT  sing N N 263 
SER N   CA   sing N N 264 
SER N   H    sing N N 265 
SER N   H2   sing N N 266 
SER CA  C    sing N N 267 
SER CA  CB   sing N N 268 
SER CA  HA   sing N N 269 
SER C   O    doub N N 270 
SER C   OXT  sing N N 271 
SER CB  OG   sing N N 272 
SER CB  HB2  sing N N 273 
SER CB  HB3  sing N N 274 
SER OG  HG   sing N N 275 
SER OXT HXT  sing N N 276 
THR N   CA   sing N N 277 
THR N   H    sing N N 278 
THR N   H2   sing N N 279 
THR CA  C    sing N N 280 
THR CA  CB   sing N N 281 
THR CA  HA   sing N N 282 
THR C   O    doub N N 283 
THR C   OXT  sing N N 284 
THR CB  OG1  sing N N 285 
THR CB  CG2  sing N N 286 
THR CB  HB   sing N N 287 
THR OG1 HG1  sing N N 288 
THR CG2 HG21 sing N N 289 
THR CG2 HG22 sing N N 290 
THR CG2 HG23 sing N N 291 
THR OXT HXT  sing N N 292 
TRP N   CA   sing N N 293 
TRP N   H    sing N N 294 
TRP N   H2   sing N N 295 
TRP CA  C    sing N N 296 
TRP CA  CB   sing N N 297 
TRP CA  HA   sing N N 298 
TRP C   O    doub N N 299 
TRP C   OXT  sing N N 300 
TRP CB  CG   sing N N 301 
TRP CB  HB2  sing N N 302 
TRP CB  HB3  sing N N 303 
TRP CG  CD1  doub Y N 304 
TRP CG  CD2  sing Y N 305 
TRP CD1 NE1  sing Y N 306 
TRP CD1 HD1  sing N N 307 
TRP CD2 CE2  doub Y N 308 
TRP CD2 CE3  sing Y N 309 
TRP NE1 CE2  sing Y N 310 
TRP NE1 HE1  sing N N 311 
TRP CE2 CZ2  sing Y N 312 
TRP CE3 CZ3  doub Y N 313 
TRP CE3 HE3  sing N N 314 
TRP CZ2 CH2  doub Y N 315 
TRP CZ2 HZ2  sing N N 316 
TRP CZ3 CH2  sing Y N 317 
TRP CZ3 HZ3  sing N N 318 
TRP CH2 HH2  sing N N 319 
TRP OXT HXT  sing N N 320 
TYR N   CA   sing N N 321 
TYR N   H    sing N N 322 
TYR N   H2   sing N N 323 
TYR CA  C    sing N N 324 
TYR CA  CB   sing N N 325 
TYR CA  HA   sing N N 326 
TYR C   O    doub N N 327 
TYR C   OXT  sing N N 328 
TYR CB  CG   sing N N 329 
TYR CB  HB2  sing N N 330 
TYR CB  HB3  sing N N 331 
TYR CG  CD1  doub Y N 332 
TYR CG  CD2  sing Y N 333 
TYR CD1 CE1  sing Y N 334 
TYR CD1 HD1  sing N N 335 
TYR CD2 CE2  doub Y N 336 
TYR CD2 HD2  sing N N 337 
TYR CE1 CZ   doub Y N 338 
TYR CE1 HE1  sing N N 339 
TYR CE2 CZ   sing Y N 340 
TYR CE2 HE2  sing N N 341 
TYR CZ  OH   sing N N 342 
TYR OH  HH   sing N N 343 
TYR OXT HXT  sing N N 344 
VAL N   CA   sing N N 345 
VAL N   H    sing N N 346 
VAL N   H2   sing N N 347 
VAL CA  C    sing N N 348 
VAL CA  CB   sing N N 349 
VAL CA  HA   sing N N 350 
VAL C   O    doub N N 351 
VAL C   OXT  sing N N 352 
VAL CB  CG1  sing N N 353 
VAL CB  CG2  sing N N 354 
VAL CB  HB   sing N N 355 
VAL CG1 HG11 sing N N 356 
VAL CG1 HG12 sing N N 357 
VAL CG1 HG13 sing N N 358 
VAL CG2 HG21 sing N N 359 
VAL CG2 HG22 sing N N 360 
VAL CG2 HG23 sing N N 361 
VAL OXT HXT  sing N N 362 
# 
loop_
_pdbx_audit_support.funding_organization 
_pdbx_audit_support.country 
_pdbx_audit_support.grant_number 
_pdbx_audit_support.ordinal 
;European Community's Seventh Framework Program (FP7/2007-2013)
;
Italy   283570           1 
'PRIN 2010-2011 (MIUR)'                                          Italy   ?                2 
'Ministry of Science, Education and Sports'                      Croatia 119-1193079-1084 3 
# 
_atom_sites.entry_id                    4ZZF 
_atom_sites.fract_transf_matrix[1][1]   -0.01115865 
_atom_sites.fract_transf_matrix[1][2]   0.00359927 
_atom_sites.fract_transf_matrix[1][3]   -0.00581147 
_atom_sites.fract_transf_matrix[2][1]   0.00669811 
_atom_sites.fract_transf_matrix[2][2]   0.00797861 
_atom_sites.fract_transf_matrix[2][3]   -0.00791963 
_atom_sites.fract_transf_matrix[3][1]   0.00071724 
_atom_sites.fract_transf_matrix[3][2]   -0.00511145 
_atom_sites.fract_transf_matrix[3][3]   -0.00454291 
_atom_sites.fract_transf_vector[1]      0.184144 
_atom_sites.fract_transf_vector[2]      0.603815 
_atom_sites.fract_transf_vector[3]      0.136746 
# 
loop_
_atom_type.symbol 
C 
N 
O 
S 
# 
loop_
_atom_site.group_PDB 
_atom_site.id 
_atom_site.type_symbol 
_atom_site.label_atom_id 
_atom_site.label_alt_id 
_atom_site.label_comp_id 
_atom_site.label_asym_id 
_atom_site.label_entity_id 
_atom_site.label_seq_id 
_atom_site.pdbx_PDB_ins_code 
_atom_site.Cartn_x 
_atom_site.Cartn_y 
_atom_site.Cartn_z 
_atom_site.occupancy 
_atom_site.B_iso_or_equiv 
_atom_site.pdbx_formal_charge 
_atom_site.auth_seq_id 
_atom_site.auth_comp_id 
_atom_site.auth_asym_id 
_atom_site.auth_atom_id 
_atom_site.pdbx_PDB_model_num 
ATOM   1    N N   . ASN A 1 1   ? -18.602 -4.842  -16.801 1.00 77.78 ? 127 ASN A N   1 
ATOM   2    C CA  . ASN A 1 1   ? -19.904 -4.218  -17.035 1.00 81.39 ? 127 ASN A CA  1 
ATOM   3    C C   . ASN A 1 1   ? -20.361 -3.357  -15.858 1.00 79.65 ? 127 ASN A C   1 
ATOM   4    O O   . ASN A 1 1   ? -21.015 -2.331  -16.042 1.00 79.29 ? 127 ASN A O   1 
ATOM   5    C CB  . ASN A 1 1   ? -20.967 -5.289  -17.343 1.00 81.47 ? 127 ASN A CB  1 
ATOM   6    C CG  . ASN A 1 1   ? -22.388 -4.727  -17.327 1.00 85.29 ? 127 ASN A CG  1 
ATOM   7    O OD1 . ASN A 1 1   ? -23.039 -4.661  -16.272 1.00 77.86 ? 127 ASN A OD1 1 
ATOM   8    N ND2 . ASN A 1 1   ? -22.872 -4.312  -18.498 1.00 83.52 ? 127 ASN A ND2 1 
ATOM   9    N N   . SER A 1 2   ? -20.016 -3.777  -14.646 1.00 76.94 ? 128 SER A N   1 
ATOM   10   C CA  . SER A 1 2   ? -20.424 -3.047  -13.451 1.00 73.07 ? 128 SER A CA  1 
ATOM   11   C C   . SER A 1 2   ? -19.360 -2.046  -12.961 1.00 68.66 ? 128 SER A C   1 
ATOM   12   O O   . SER A 1 2   ? -18.158 -2.344  -12.916 1.00 68.08 ? 128 SER A O   1 
ATOM   13   C CB  . SER A 1 2   ? -20.786 -4.030  -12.322 1.00 68.36 ? 128 SER A CB  1 
ATOM   14   O OG  . SER A 1 2   ? -21.446 -3.355  -11.269 1.00 64.13 ? 128 SER A OG  1 
ATOM   15   N N   . VAL A 1 3   ? -19.836 -0.860  -12.591 1.00 60.29 ? 129 VAL A N   1 
ATOM   16   C CA  . VAL A 1 3   ? -19.007 0.169   -11.992 1.00 50.28 ? 129 VAL A CA  1 
ATOM   17   C C   . VAL A 1 3   ? -19.392 0.394   -10.516 1.00 47.95 ? 129 VAL A C   1 
ATOM   18   O O   . VAL A 1 3   ? -19.068 1.431   -9.925  1.00 42.77 ? 129 VAL A O   1 
ATOM   19   C CB  . VAL A 1 3   ? -19.103 1.512   -12.793 1.00 50.19 ? 129 VAL A CB  1 
ATOM   20   C CG1 . VAL A 1 3   ? -18.871 1.255   -14.275 1.00 48.24 ? 129 VAL A CG1 1 
ATOM   21   C CG2 . VAL A 1 3   ? -20.437 2.238   -12.571 1.00 41.68 ? 129 VAL A CG2 1 
ATOM   22   N N   . SER A 1 4   ? -20.061 -0.593  -9.924  1.00 43.80 ? 130 SER A N   1 
ATOM   23   C CA  . SER A 1 4   ? -20.474 -0.525  -8.526  1.00 51.53 ? 130 SER A CA  1 
ATOM   24   C C   . SER A 1 4   ? -19.283 -0.557  -7.563  1.00 46.76 ? 130 SER A C   1 
ATOM   25   O O   . SER A 1 4   ? -19.429 -0.239  -6.385  1.00 49.35 ? 130 SER A O   1 
ATOM   26   C CB  . SER A 1 4   ? -21.444 -1.669  -8.190  1.00 50.13 ? 130 SER A CB  1 
ATOM   27   O OG  . SER A 1 4   ? -20.822 -2.918  -8.428  1.00 54.09 ? 130 SER A OG  1 
ATOM   28   N N   . MET A 1 5   ? -18.105 -0.910  -8.064  1.00 45.71 ? 131 MET A N   1 
ATOM   29   C CA  . MET A 1 5   ? -16.905 -0.941  -7.231  1.00 44.56 ? 131 MET A CA  1 
ATOM   30   C C   . MET A 1 5   ? -16.403 0.446   -6.882  1.00 41.09 ? 131 MET A C   1 
ATOM   31   O O   . MET A 1 5   ? -15.735 0.637   -5.862  1.00 38.65 ? 131 MET A O   1 
ATOM   32   C CB  . MET A 1 5   ? -15.799 -1.722  -7.936  1.00 46.04 ? 131 MET A CB  1 
ATOM   33   C CG  . MET A 1 5   ? -16.184 -3.160  -8.203  1.00 49.63 ? 131 MET A CG  1 
ATOM   34   S SD  . MET A 1 5   ? -15.214 -3.928  -9.517  1.00 60.83 ? 131 MET A SD  1 
ATOM   35   C CE  . MET A 1 5   ? -15.787 -5.624  -9.397  1.00 53.91 ? 131 MET A CE  1 
ATOM   36   N N   . ILE A 1 6   ? -16.720 1.414   -7.732  1.00 41.16 ? 132 ILE A N   1 
ATOM   37   C CA  . ILE A 1 6   ? -16.279 2.775   -7.504  1.00 40.57 ? 132 ILE A CA  1 
ATOM   38   C C   . ILE A 1 6   ? -16.745 3.254   -6.137  1.00 42.13 ? 132 ILE A C   1 
ATOM   39   O O   . ILE A 1 6   ? -17.911 3.129   -5.803  1.00 44.44 ? 132 ILE A O   1 
ATOM   40   C CB  . ILE A 1 6   ? -16.800 3.718   -8.584  1.00 41.67 ? 132 ILE A CB  1 
ATOM   41   C CG1 . ILE A 1 6   ? -16.158 3.379   -9.932  1.00 41.97 ? 132 ILE A CG1 1 
ATOM   42   C CG2 . ILE A 1 6   ? -16.536 5.168   -8.197  1.00 40.83 ? 132 ILE A CG2 1 
ATOM   43   C CD1 . ILE A 1 6   ? -16.842 4.066   -11.080 1.00 42.33 ? 132 ILE A CD1 1 
ATOM   44   N N   . GLY A 1 7   ? -15.814 3.770   -5.345  1.00 38.87 ? 133 GLY A N   1 
ATOM   45   C CA  . GLY A 1 7   ? -16.112 4.237   -4.010  1.00 39.08 ? 133 GLY A CA  1 
ATOM   46   C C   . GLY A 1 7   ? -15.985 3.162   -2.949  1.00 39.25 ? 133 GLY A C   1 
ATOM   47   O O   . GLY A 1 7   ? -16.097 3.452   -1.758  1.00 42.73 ? 133 GLY A O   1 
ATOM   48   N N   . LYS A 1 8   ? -15.767 1.919   -3.366  1.00 39.05 ? 134 LYS A N   1 
ATOM   49   C CA  . LYS A 1 8   ? -15.551 0.836   -2.409  1.00 38.51 ? 134 LYS A CA  1 
ATOM   50   C C   . LYS A 1 8   ? -14.070 0.758   -2.091  1.00 37.71 ? 134 LYS A C   1 
ATOM   51   O O   . LYS A 1 8   ? -13.242 1.280   -2.841  1.00 37.62 ? 134 LYS A O   1 
ATOM   52   C CB  . LYS A 1 8   ? -16.036 -0.521  -2.949  1.00 36.03 ? 134 LYS A CB  1 
ATOM   53   C CG  . LYS A 1 8   ? -17.518 -0.583  -3.393  1.00 42.36 ? 134 LYS A CG  1 
ATOM   54   C CD  . LYS A 1 8   ? -18.472 -0.357  -2.234  1.00 41.45 ? 134 LYS A CD  1 
ATOM   55   C CE  . LYS A 1 8   ? -19.915 -0.673  -2.613  1.00 49.60 ? 134 LYS A CE  1 
ATOM   56   N NZ  . LYS A 1 8   ? -20.392 0.112   -3.784  1.00 47.37 ? 134 LYS A NZ  1 
ATOM   57   N N   . ILE A 1 9   ? -13.737 0.113   -0.982  1.00 34.02 ? 135 ILE A N   1 
ATOM   58   C CA  . ILE A 1 9   ? -12.367 -0.299  -0.748  1.00 33.72 ? 135 ILE A CA  1 
ATOM   59   C C   . ILE A 1 9   ? -12.217 -1.650  -1.395  1.00 35.99 ? 135 ILE A C   1 
ATOM   60   O O   . ILE A 1 9   ? -13.078 -2.526  -1.231  1.00 34.13 ? 135 ILE A O   1 
ATOM   61   C CB  . ILE A 1 9   ? -12.003 -0.383  0.755   1.00 35.98 ? 135 ILE A CB  1 
ATOM   62   C CG1 . ILE A 1 9   ? -12.353 0.923   1.466   1.00 31.93 ? 135 ILE A CG1 1 
ATOM   63   C CG2 . ILE A 1 9   ? -10.508 -0.754  0.938   1.00 30.22 ? 135 ILE A CG2 1 
ATOM   64   C CD1 . ILE A 1 9   ? -11.368 2.028   1.216   1.00 38.31 ? 135 ILE A CD1 1 
ATOM   65   N N   . ALA A 1 10  ? -11.145 -1.806  -2.167  1.00 33.86 ? 136 ALA A N   1 
ATOM   66   C CA  . ALA A 1 10  ? -10.829 -3.089  -2.789  1.00 35.36 ? 136 ALA A CA  1 
ATOM   67   C C   . ALA A 1 10  ? -9.555  -3.654  -2.174  1.00 35.42 ? 136 ALA A C   1 
ATOM   68   O O   . ALA A 1 10  ? -8.606  -2.912  -1.920  1.00 33.19 ? 136 ALA A O   1 
ATOM   69   C CB  . ALA A 1 10  ? -10.671 -2.934  -4.291  1.00 34.53 ? 136 ALA A CB  1 
ATOM   70   N N   . GLU A 1 11  ? -9.575  -4.948  -1.883  1.00 32.74 ? 137 GLU A N   1 
ATOM   71   C CA  . GLU A 1 11  ? -8.374  -5.702  -1.564  1.00 37.45 ? 137 GLU A CA  1 
ATOM   72   C C   . GLU A 1 11  ? -8.005  -6.471  -2.844  1.00 36.91 ? 137 GLU A C   1 
ATOM   73   O O   . GLU A 1 11  ? -8.852  -7.160  -3.393  1.00 36.75 ? 137 GLU A O   1 
ATOM   74   C CB  . GLU A 1 11  ? -8.612  -6.678  -0.394  1.00 34.81 ? 137 GLU A CB  1 
ATOM   75   C CG  . GLU A 1 11  ? -9.123  -6.064  0.904   1.00 36.64 ? 137 GLU A CG  1 
ATOM   76   C CD  . GLU A 1 11  ? -8.012  -5.429  1.726   1.00 36.61 ? 137 GLU A CD  1 
ATOM   77   O OE1 . GLU A 1 11  ? -6.824  -5.770  1.506   1.00 38.74 ? 137 GLU A OE1 1 
ATOM   78   O OE2 . GLU A 1 11  ? -8.313  -4.572  2.580   1.00 33.85 ? 137 GLU A OE2 1 
ATOM   79   N N   . THR A 1 12  ? -6.781  -6.346  -3.341  1.00 35.71 ? 138 THR A N   1 
ATOM   80   C CA  . THR A 1 12  ? -6.391  -7.128  -4.520  1.00 37.37 ? 138 THR A CA  1 
ATOM   81   C C   . THR A 1 12  ? -5.283  -8.129  -4.193  1.00 41.10 ? 138 THR A C   1 
ATOM   82   O O   . THR A 1 12  ? -4.665  -8.047  -3.134  1.00 41.89 ? 138 THR A O   1 
ATOM   83   C CB  . THR A 1 12  ? -5.907  -6.246  -5.679  1.00 35.48 ? 138 THR A CB  1 
ATOM   84   O OG1 . THR A 1 12  ? -4.562  -5.836  -5.435  1.00 37.42 ? 138 THR A OG1 1 
ATOM   85   C CG2 . THR A 1 12  ? -6.793  -5.043  -5.857  1.00 35.00 ? 138 THR A CG2 1 
ATOM   86   N N   . ASP A 1 13  ? -5.026  -9.073  -5.100  1.00 38.13 ? 139 ASP A N   1 
ATOM   87   C CA  . ASP A 1 13  ? -3.958  -10.048 -4.869  1.00 44.88 ? 139 ASP A CA  1 
ATOM   88   C C   . ASP A 1 13  ? -2.575  -9.515  -5.286  1.00 43.14 ? 139 ASP A C   1 
ATOM   89   O O   . ASP A 1 13  ? -1.612  -10.265 -5.340  1.00 43.98 ? 139 ASP A O   1 
ATOM   90   C CB  . ASP A 1 13  ? -4.252  -11.382 -5.590  1.00 40.60 ? 139 ASP A CB  1 
ATOM   91   C CG  . ASP A 1 13  ? -4.411  -11.228 -7.105  1.00 45.27 ? 139 ASP A CG  1 
ATOM   92   O OD1 . ASP A 1 13  ? -3.879  -10.265 -7.689  1.00 48.95 ? 139 ASP A OD1 1 
ATOM   93   O OD2 . ASP A 1 13  ? -5.070  -12.082 -7.728  1.00 48.31 ? 139 ASP A OD2 1 
ATOM   94   N N   . VAL A 1 14  ? -2.485  -8.226  -5.591  1.00 39.04 ? 140 VAL A N   1 
ATOM   95   C CA  . VAL A 1 14  ? -1.191  -7.588  -5.829  1.00 41.77 ? 140 VAL A CA  1 
ATOM   96   C C   . VAL A 1 14  ? -0.646  -7.033  -4.521  1.00 44.51 ? 140 VAL A C   1 
ATOM   97   O O   . VAL A 1 14  ? -1.165  -6.038  -4.015  1.00 46.36 ? 140 VAL A O   1 
ATOM   98   C CB  . VAL A 1 14  ? -1.307  -6.443  -6.846  1.00 42.05 ? 140 VAL A CB  1 
ATOM   99   C CG1 . VAL A 1 14  ? 0.008   -5.682  -6.953  1.00 42.49 ? 140 VAL A CG1 1 
ATOM   100  C CG2 . VAL A 1 14  ? -1.761  -6.985  -8.198  1.00 41.03 ? 140 VAL A CG2 1 
ATOM   101  N N   . SER A 1 15  ? 0.377   -7.667  -3.965  1.00 43.70 ? 141 SER A N   1 
ATOM   102  C CA  . SER A 1 15  ? 0.913   -7.232  -2.677  1.00 49.68 ? 141 SER A CA  1 
ATOM   103  C C   . SER A 1 15  ? 2.381   -6.776  -2.729  1.00 49.88 ? 141 SER A C   1 
ATOM   104  O O   . SER A 1 15  ? 2.922   -6.308  -1.726  1.00 45.51 ? 141 SER A O   1 
ATOM   105  C CB  . SER A 1 15  ? 0.777   -8.358  -1.655  1.00 44.84 ? 141 SER A CB  1 
ATOM   106  O OG  . SER A 1 15  ? 1.527   -9.484  -2.074  1.00 52.12 ? 141 SER A OG  1 
ATOM   107  N N   . GLY A 1 16  ? 3.022   -6.922  -3.884  1.00 48.87 ? 142 GLY A N   1 
ATOM   108  C CA  . GLY A 1 16  ? 4.421   -6.561  -4.008  1.00 47.18 ? 142 GLY A CA  1 
ATOM   109  C C   . GLY A 1 16  ? 4.699   -5.645  -5.177  1.00 48.93 ? 142 GLY A C   1 
ATOM   110  O O   . GLY A 1 16  ? 3.889   -5.525  -6.078  1.00 52.46 ? 142 GLY A O   1 
ATOM   111  N N   . ALA A 1 17  ? 5.848   -4.984  -5.149  1.00 48.37 ? 143 ALA A N   1 
ATOM   112  C CA  . ALA A 1 17  ? 6.305   -4.175  -6.267  1.00 52.25 ? 143 ALA A CA  1 
ATOM   113  C C   . ALA A 1 17  ? 7.660   -4.685  -6.756  1.00 54.86 ? 143 ALA A C   1 
ATOM   114  O O   . ALA A 1 17  ? 8.407   -5.314  -6.002  1.00 53.70 ? 143 ALA A O   1 
ATOM   115  C CB  . ALA A 1 17  ? 6.408   -2.718  -5.869  1.00 49.35 ? 143 ALA A CB  1 
ATOM   116  N N   . ASN A 1 18  ? 7.991   -4.405  -8.009  1.00 55.03 ? 144 ASN A N   1 
ATOM   117  C CA  . ASN A 1 18  ? 9.256   -4.883  -8.555  1.00 56.17 ? 144 ASN A CA  1 
ATOM   118  C C   . ASN A 1 18  ? 10.398  -3.888  -8.422  1.00 52.39 ? 144 ASN A C   1 
ATOM   119  O O   . ASN A 1 18  ? 10.281  -2.738  -8.843  1.00 54.52 ? 144 ASN A O   1 
ATOM   120  C CB  . ASN A 1 18  ? 9.100   -5.258  -10.020 1.00 60.26 ? 144 ASN A CB  1 
ATOM   121  C CG  . ASN A 1 18  ? 10.408  -5.709  -10.636 1.00 60.50 ? 144 ASN A CG  1 
ATOM   122  O OD1 . ASN A 1 18  ? 11.081  -4.938  -11.328 1.00 63.98 ? 144 ASN A OD1 1 
ATOM   123  N ND2 . ASN A 1 18  ? 10.793  -6.953  -10.363 1.00 55.36 ? 144 ASN A ND2 1 
ATOM   124  N N   . PHE A 1 19  ? 11.499  -4.341  -7.832  1.00 48.85 ? 145 PHE A N   1 
ATOM   125  C CA  . PHE A 1 19  ? 12.733  -3.560  -7.822  1.00 58.75 ? 145 PHE A CA  1 
ATOM   126  C C   . PHE A 1 19  ? 13.700  -4.133  -8.850  1.00 56.36 ? 145 PHE A C   1 
ATOM   127  O O   . PHE A 1 19  ? 14.022  -5.320  -8.794  1.00 55.20 ? 145 PHE A O   1 
ATOM   128  C CB  . PHE A 1 19  ? 13.365  -3.562  -6.434  1.00 54.50 ? 145 PHE A CB  1 
ATOM   129  C CG  . PHE A 1 19  ? 14.677  -2.842  -6.365  1.00 57.68 ? 145 PHE A CG  1 
ATOM   130  C CD1 . PHE A 1 19  ? 14.777  -1.522  -6.765  1.00 58.23 ? 145 PHE A CD1 1 
ATOM   131  C CD2 . PHE A 1 19  ? 15.804  -3.475  -5.869  1.00 56.32 ? 145 PHE A CD2 1 
ATOM   132  C CE1 . PHE A 1 19  ? 15.982  -0.850  -6.687  1.00 61.06 ? 145 PHE A CE1 1 
ATOM   133  C CE2 . PHE A 1 19  ? 17.005  -2.812  -5.789  1.00 58.29 ? 145 PHE A CE2 1 
ATOM   134  C CZ  . PHE A 1 19  ? 17.097  -1.495  -6.199  1.00 61.28 ? 145 PHE A CZ  1 
ATOM   135  N N   . ASP A 1 20  ? 14.159  -3.298  -9.782  1.00 58.81 ? 146 ASP A N   1 
ATOM   136  C CA  . ASP A 1 20  ? 14.977  -3.796  -10.893 1.00 63.94 ? 146 ASP A CA  1 
ATOM   137  C C   . ASP A 1 20  ? 16.443  -4.010  -10.512 1.00 67.43 ? 146 ASP A C   1 
ATOM   138  O O   . ASP A 1 20  ? 17.168  -4.714  -11.214 1.00 68.53 ? 146 ASP A O   1 
ATOM   139  C CB  . ASP A 1 20  ? 14.890  -2.859  -12.116 1.00 63.97 ? 146 ASP A CB  1 
ATOM   140  C CG  . ASP A 1 20  ? 15.425  -1.453  -11.846 1.00 65.66 ? 146 ASP A CG  1 
ATOM   141  O OD1 . ASP A 1 20  ? 16.376  -1.292  -11.047 1.00 67.16 ? 146 ASP A OD1 1 
ATOM   142  O OD2 . ASP A 1 20  ? 14.895  -0.498  -12.464 1.00 62.72 ? 146 ASP A OD2 1 
ATOM   143  N N   . GLY A 1 21  ? 16.877  -3.395  -9.414  1.00 63.36 ? 147 GLY A N   1 
ATOM   144  C CA  . GLY A 1 21  ? 18.253  -3.526  -8.974  1.00 61.91 ? 147 GLY A CA  1 
ATOM   145  C C   . GLY A 1 21  ? 19.013  -2.213  -8.884  1.00 69.08 ? 147 GLY A C   1 
ATOM   146  O O   . GLY A 1 21  ? 19.981  -2.099  -8.122  1.00 70.18 ? 147 GLY A O   1 
ATOM   147  N N   . ASN A 1 22  ? 18.589  -1.211  -9.648  1.00 69.32 ? 148 ASN A N   1 
ATOM   148  C CA  . ASN A 1 22  ? 19.252  0.088   -9.569  1.00 72.54 ? 148 ASN A CA  1 
ATOM   149  C C   . ASN A 1 22  ? 18.295  1.273   -9.397  1.00 71.68 ? 148 ASN A C   1 
ATOM   150  O O   . ASN A 1 22  ? 18.520  2.146   -8.552  1.00 74.43 ? 148 ASN A O   1 
ATOM   151  C CB  . ASN A 1 22  ? 20.132  0.308   -10.809 1.00 77.73 ? 148 ASN A CB  1 
ATOM   152  C CG  . ASN A 1 22  ? 20.937  1.605   -10.732 1.00 79.36 ? 148 ASN A CG  1 
ATOM   153  O OD1 . ASN A 1 22  ? 21.713  1.816   -9.790  1.00 77.57 ? 148 ASN A OD1 1 
ATOM   154  N ND2 . ASN A 1 22  ? 20.753  2.477   -11.723 1.00 78.85 ? 148 ASN A ND2 1 
ATOM   155  N N   . ASN A 1 23  ? 17.235  1.308   -10.198 1.00 70.25 ? 149 ASN A N   1 
ATOM   156  C CA  . ASN A 1 23  ? 16.325  2.447   -10.190 1.00 69.83 ? 149 ASN A CA  1 
ATOM   157  C C   . ASN A 1 23  ? 15.399  2.494   -8.973  1.00 69.98 ? 149 ASN A C   1 
ATOM   158  O O   . ASN A 1 23  ? 14.922  1.458   -8.493  1.00 63.86 ? 149 ASN A O   1 
ATOM   159  C CB  . ASN A 1 23  ? 15.487  2.451   -11.468 1.00 71.84 ? 149 ASN A CB  1 
ATOM   160  C CG  . ASN A 1 23  ? 16.339  2.556   -12.721 1.00 79.99 ? 149 ASN A CG  1 
ATOM   161  O OD1 . ASN A 1 23  ? 17.503  2.966   -12.662 1.00 79.16 ? 149 ASN A OD1 1 
ATOM   162  N ND2 . ASN A 1 23  ? 15.763  2.187   -13.862 1.00 78.53 ? 149 ASN A ND2 1 
ATOM   163  N N   . LYS A 1 24  ? 15.163  3.714   -8.489  1.00 67.10 ? 150 LYS A N   1 
ATOM   164  C CA  . LYS A 1 24  ? 14.225  3.983   -7.403  1.00 64.73 ? 150 LYS A CA  1 
ATOM   165  C C   . LYS A 1 24  ? 12.883  3.312   -7.651  1.00 63.85 ? 150 LYS A C   1 
ATOM   166  O O   . LYS A 1 24  ? 12.508  3.023   -8.790  1.00 62.55 ? 150 LYS A O   1 
ATOM   167  C CB  . LYS A 1 24  ? 14.010  5.495   -7.241  1.00 64.71 ? 150 LYS A CB  1 
ATOM   168  C CG  . LYS A 1 24  ? 12.735  5.976   -7.953  1.00 70.87 ? 150 LYS A CG  1 
ATOM   169  C CD  . LYS A 1 24  ? 12.362  7.427   -7.675  1.00 75.30 ? 150 LYS A CD  1 
ATOM   170  C CE  . LYS A 1 24  ? 13.556  8.370   -7.746  1.00 77.72 ? 150 LYS A CE  1 
ATOM   171  N NZ  . LYS A 1 24  ? 13.109  9.800   -7.707  1.00 75.67 ? 150 LYS A NZ  1 
ATOM   172  N N   . LEU A 1 25  ? 12.150  3.075   -6.578  1.00 60.58 ? 151 LEU A N   1 
ATOM   173  C CA  . LEU A 1 25  ? 10.819  2.529   -6.724  1.00 59.75 ? 151 LEU A CA  1 
ATOM   174  C C   . LEU A 1 25  ? 9.790   3.493   -6.160  1.00 57.81 ? 151 LEU A C   1 
ATOM   175  O O   . LEU A 1 25  ? 9.793   3.782   -4.971  1.00 59.65 ? 151 LEU A O   1 
ATOM   176  C CB  . LEU A 1 25  ? 10.720  1.181   -6.027  1.00 57.53 ? 151 LEU A CB  1 
ATOM   177  C CG  . LEU A 1 25  ? 9.325   0.585   -6.124  1.00 60.21 ? 151 LEU A CG  1 
ATOM   178  C CD1 . LEU A 1 25  ? 9.003   0.231   -7.577  1.00 63.92 ? 151 LEU A CD1 1 
ATOM   179  C CD2 . LEU A 1 25  ? 9.247   -0.620  -5.224  1.00 58.27 ? 151 LEU A CD2 1 
ATOM   180  N N   . SER A 1 26  ? 8.930   4.010   -7.023  1.00 54.28 ? 152 SER A N   1 
ATOM   181  C CA  . SER A 1 26  ? 7.781   4.774   -6.569  1.00 54.35 ? 152 SER A CA  1 
ATOM   182  C C   . SER A 1 26  ? 6.688   3.789   -6.225  1.00 53.49 ? 152 SER A C   1 
ATOM   183  O O   . SER A 1 26  ? 6.497   2.805   -6.944  1.00 54.14 ? 152 SER A O   1 
ATOM   184  C CB  . SER A 1 26  ? 7.297   5.756   -7.639  1.00 52.94 ? 152 SER A CB  1 
ATOM   185  O OG  . SER A 1 26  ? 8.203   6.834   -7.768  1.00 65.37 ? 152 SER A OG  1 
ATOM   186  N N   . PHE A 1 27  ? 5.986   4.036   -5.124  1.00 47.81 ? 153 PHE A N   1 
ATOM   187  C CA  . PHE A 1 27  ? 4.839   3.208   -4.759  1.00 44.86 ? 153 PHE A CA  1 
ATOM   188  C C   . PHE A 1 27  ? 3.859   4.005   -3.903  1.00 44.12 ? 153 PHE A C   1 
ATOM   189  O O   . PHE A 1 27  ? 4.195   5.048   -3.339  1.00 45.74 ? 153 PHE A O   1 
ATOM   190  C CB  . PHE A 1 27  ? 5.289   1.937   -4.023  1.00 42.58 ? 153 PHE A CB  1 
ATOM   191  C CG  . PHE A 1 27  ? 5.819   2.195   -2.639  1.00 45.37 ? 153 PHE A CG  1 
ATOM   192  C CD1 . PHE A 1 27  ? 7.160   2.481   -2.438  1.00 47.34 ? 153 PHE A CD1 1 
ATOM   193  C CD2 . PHE A 1 27  ? 4.975   2.166   -1.537  1.00 39.79 ? 153 PHE A CD2 1 
ATOM   194  C CE1 . PHE A 1 27  ? 7.644   2.726   -1.165  1.00 47.36 ? 153 PHE A CE1 1 
ATOM   195  C CE2 . PHE A 1 27  ? 5.458   2.408   -0.266  1.00 40.94 ? 153 PHE A CE2 1 
ATOM   196  C CZ  . PHE A 1 27  ? 6.784   2.688   -0.076  1.00 39.14 ? 153 PHE A CZ  1 
ATOM   197  N N   . SER A 1 28  ? 2.643   3.494   -3.802  1.00 45.00 ? 154 SER A N   1 
ATOM   198  C CA  . SER A 1 28  ? 1.568   4.188   -3.117  1.00 43.67 ? 154 SER A CA  1 
ATOM   199  C C   . SER A 1 28  ? 0.899   3.284   -2.058  1.00 41.10 ? 154 SER A C   1 
ATOM   200  O O   . SER A 1 28  ? 0.756   2.066   -2.248  1.00 37.48 ? 154 SER A O   1 
ATOM   201  C CB  . SER A 1 28  ? 0.563   4.690   -4.158  1.00 44.27 ? 154 SER A CB  1 
ATOM   202  O OG  . SER A 1 28  ? -0.748  4.749   -3.644  1.00 49.18 ? 154 SER A OG  1 
ATOM   203  N N   . LEU A 1 29  ? 0.550   3.886   -0.922  1.00 36.99 ? 155 LEU A N   1 
ATOM   204  C CA  . LEU A 1 29  ? -0.147  3.198   0.157   1.00 37.39 ? 155 LEU A CA  1 
ATOM   205  C C   . LEU A 1 29  ? -1.419  3.948   0.521   1.00 39.55 ? 155 LEU A C   1 
ATOM   206  O O   . LEU A 1 29  ? -1.436  5.186   0.558   1.00 40.10 ? 155 LEU A O   1 
ATOM   207  C CB  . LEU A 1 29  ? 0.740   3.072   1.397   1.00 35.12 ? 155 LEU A CB  1 
ATOM   208  C CG  . LEU A 1 29  ? 1.906   2.103   1.282   1.00 41.55 ? 155 LEU A CG  1 
ATOM   209  C CD1 . LEU A 1 29  ? 2.722   2.117   2.578   1.00 36.05 ? 155 LEU A CD1 1 
ATOM   210  C CD2 . LEU A 1 29  ? 1.380   0.732   1.004   1.00 35.55 ? 155 LEU A CD2 1 
ATOM   211  N N   . PHE A 1 30  ? -2.481  3.212   0.815   1.00 36.38 ? 156 PHE A N   1 
ATOM   212  C CA  . PHE A 1 30  ? -3.735  3.855   1.168   1.00 34.89 ? 156 PHE A CA  1 
ATOM   213  C C   . PHE A 1 30  ? -3.960  3.822   2.675   1.00 36.08 ? 156 PHE A C   1 
ATOM   214  O O   . PHE A 1 30  ? -3.979  2.739   3.275   1.00 36.03 ? 156 PHE A O   1 
ATOM   215  C CB  . PHE A 1 30  ? -4.897  3.186   0.438   1.00 35.85 ? 156 PHE A CB  1 
ATOM   216  C CG  . PHE A 1 30  ? -6.237  3.788   0.741   1.00 37.92 ? 156 PHE A CG  1 
ATOM   217  C CD1 . PHE A 1 30  ? -6.702  4.868   0.016   1.00 36.13 ? 156 PHE A CD1 1 
ATOM   218  C CD2 . PHE A 1 30  ? -7.039  3.267   1.758   1.00 37.70 ? 156 PHE A CD2 1 
ATOM   219  C CE1 . PHE A 1 30  ? -7.949  5.417   0.296   1.00 39.09 ? 156 PHE A CE1 1 
ATOM   220  C CE2 . PHE A 1 30  ? -8.273  3.812   2.038   1.00 37.51 ? 156 PHE A CE2 1 
ATOM   221  C CZ  . PHE A 1 30  ? -8.731  4.890   1.301   1.00 34.18 ? 156 PHE A CZ  1 
ATOM   222  N N   . PHE A 1 31  ? -4.137  5.003   3.277   1.00 32.72 ? 157 PHE A N   1 
ATOM   223  C CA  . PHE A 1 31  ? -4.424  5.090   4.706   1.00 37.23 ? 157 PHE A CA  1 
ATOM   224  C C   . PHE A 1 31  ? -5.895  5.435   4.951   1.00 39.17 ? 157 PHE A C   1 
ATOM   225  O O   . PHE A 1 31  ? -6.365  6.519   4.605   1.00 37.78 ? 157 PHE A O   1 
ATOM   226  C CB  . PHE A 1 31  ? -3.477  6.098   5.375   1.00 33.61 ? 157 PHE A CB  1 
ATOM   227  C CG  . PHE A 1 31  ? -2.035  5.667   5.324   1.00 37.65 ? 157 PHE A CG  1 
ATOM   228  C CD1 . PHE A 1 31  ? -1.256  5.926   4.195   1.00 34.58 ? 157 PHE A CD1 1 
ATOM   229  C CD2 . PHE A 1 31  ? -1.478  4.941   6.371   1.00 31.68 ? 157 PHE A CD2 1 
ATOM   230  C CE1 . PHE A 1 31  ? 0.063   5.505   4.123   1.00 35.32 ? 157 PHE A CE1 1 
ATOM   231  C CE2 . PHE A 1 31  ? -0.159  4.515   6.312   1.00 36.79 ? 157 PHE A CE2 1 
ATOM   232  C CZ  . PHE A 1 31  ? 0.620   4.793   5.178   1.00 36.71 ? 157 PHE A CZ  1 
ATOM   233  N N   . ASP A 1 32  ? -6.608  4.480   5.541   1.00 34.21 ? 158 ASP A N   1 
ATOM   234  C CA  . ASP A 1 32  ? -8.044  4.584   5.798   1.00 42.07 ? 158 ASP A CA  1 
ATOM   235  C C   . ASP A 1 32  ? -8.413  5.693   6.782   1.00 44.23 ? 158 ASP A C   1 
ATOM   236  O O   . ASP A 1 32  ? -9.528  6.205   6.756   1.00 46.57 ? 158 ASP A O   1 
ATOM   237  C CB  . ASP A 1 32  ? -8.549  3.239   6.319   1.00 34.37 ? 158 ASP A CB  1 
ATOM   238  C CG  . ASP A 1 32  ? -8.124  2.086   5.419   1.00 39.44 ? 158 ASP A CG  1 
ATOM   239  O OD1 . ASP A 1 32  ? -6.925  1.717   5.436   1.00 36.50 ? 158 ASP A OD1 1 
ATOM   240  O OD2 . ASP A 1 32  ? -8.975  1.574   4.670   1.00 34.28 ? 158 ASP A OD2 1 
ATOM   241  N N   . GLU A 1 33  ? -7.459  6.034   7.642   1.00 40.22 ? 159 GLU A N   1 
ATOM   242  C CA  . GLU A 1 33  ? -7.590  7.080   8.653   1.00 43.98 ? 159 GLU A CA  1 
ATOM   243  C C   . GLU A 1 33  ? -6.393  7.992   8.545   1.00 43.81 ? 159 GLU A C   1 
ATOM   244  O O   . GLU A 1 33  ? -5.322  7.533   8.129   1.00 39.53 ? 159 GLU A O   1 
ATOM   245  C CB  . GLU A 1 33  ? -7.613  6.502   10.072  1.00 40.03 ? 159 GLU A CB  1 
ATOM   246  C CG  . GLU A 1 33  ? -8.853  5.802   10.500  1.00 48.93 ? 159 GLU A CG  1 
ATOM   247  C CD  . GLU A 1 33  ? -8.742  5.356   11.944  1.00 52.51 ? 159 GLU A CD  1 
ATOM   248  O OE1 . GLU A 1 33  ? -7.784  5.810   12.630  1.00 50.27 ? 159 GLU A OE1 1 
ATOM   249  O OE2 . GLU A 1 33  ? -9.587  4.546   12.390  1.00 56.16 ? 159 GLU A OE2 1 
ATOM   250  N N   . LYS A 1 34  ? -6.550  9.249   8.958   1.00 37.88 ? 160 LYS A N   1 
ATOM   251  C CA  . LYS A 1 34  ? -5.415  10.145  9.099   1.00 39.56 ? 160 LYS A CA  1 
ATOM   252  C C   . LYS A 1 34  ? -4.341  9.532   9.983   1.00 39.17 ? 160 LYS A C   1 
ATOM   253  O O   . LYS A 1 34  ? -4.629  9.041   11.066  1.00 41.18 ? 160 LYS A O   1 
ATOM   254  C CB  . LYS A 1 34  ? -5.842  11.485  9.710   1.00 44.15 ? 160 LYS A CB  1 
ATOM   255  C CG  . LYS A 1 34  ? -6.566  12.398  8.761   1.00 48.65 ? 160 LYS A CG  1 
ATOM   256  C CD  . LYS A 1 34  ? -6.730  13.786  9.352   1.00 45.97 ? 160 LYS A CD  1 
ATOM   257  C CE  . LYS A 1 34  ? -7.388  14.715  8.337   1.00 56.50 ? 160 LYS A CE  1 
ATOM   258  N NZ  . LYS A 1 34  ? -7.397  16.148  8.773   1.00 67.40 ? 160 LYS A NZ  1 
ATOM   259  N N   . ILE A 1 35  ? -3.099  9.564   9.533   1.00 36.67 ? 161 ILE A N   1 
ATOM   260  C CA  . ILE A 1 35  ? -2.005  9.082   10.372  1.00 40.87 ? 161 ILE A CA  1 
ATOM   261  C C   . ILE A 1 35  ? -1.851  9.971   11.609  1.00 42.11 ? 161 ILE A C   1 
ATOM   262  O O   . ILE A 1 35  ? -1.792  11.194  11.495  1.00 40.08 ? 161 ILE A O   1 
ATOM   263  C CB  . ILE A 1 35  ? -0.680  9.052   9.598   1.00 37.58 ? 161 ILE A CB  1 
ATOM   264  C CG1 . ILE A 1 35  ? -0.792  8.097   8.413   1.00 36.77 ? 161 ILE A CG1 1 
ATOM   265  C CG2 . ILE A 1 35  ? 0.449   8.654   10.499  1.00 36.63 ? 161 ILE A CG2 1 
ATOM   266  C CD1 . ILE A 1 35  ? 0.321   8.254   7.435   1.00 35.44 ? 161 ILE A CD1 1 
ATOM   267  N N   . ASP A 1 36  ? -1.802  9.363   12.789  1.00 36.93 ? 162 ASP A N   1 
ATOM   268  C CA  . ASP A 1 36  ? -1.494  10.112  13.993  1.00 35.56 ? 162 ASP A CA  1 
ATOM   269  C C   . ASP A 1 36  ? -0.181  9.584   14.557  1.00 36.71 ? 162 ASP A C   1 
ATOM   270  O O   . ASP A 1 36  ? -0.148  8.481   15.065  1.00 37.82 ? 162 ASP A O   1 
ATOM   271  C CB  . ASP A 1 36  ? -2.618  9.984   15.017  1.00 37.40 ? 162 ASP A CB  1 
ATOM   272  C CG  . ASP A 1 36  ? -2.360  10.806  16.293  1.00 42.89 ? 162 ASP A CG  1 
ATOM   273  O OD1 . ASP A 1 36  ? -1.214  11.284  16.517  1.00 37.87 ? 162 ASP A OD1 1 
ATOM   274  O OD2 . ASP A 1 36  ? -3.318  10.965  17.089  1.00 40.72 ? 162 ASP A OD2 1 
ATOM   275  N N   . ALA A 1 37  ? 0.878   10.386  14.498  1.00 36.72 ? 163 ALA A N   1 
ATOM   276  C CA  . ALA A 1 37  ? 2.214   9.923   14.869  1.00 41.40 ? 163 ALA A CA  1 
ATOM   277  C C   . ALA A 1 37  ? 2.456   9.865   16.388  1.00 48.21 ? 163 ALA A C   1 
ATOM   278  O O   . ALA A 1 37  ? 3.546   9.465   16.833  1.00 46.17 ? 163 ALA A O   1 
ATOM   279  C CB  . ALA A 1 37  ? 3.277   10.804  14.211  1.00 43.53 ? 163 ALA A CB  1 
ATOM   280  N N   . SER A 1 38  ? 1.466   10.266  17.187  1.00 43.59 ? 164 SER A N   1 
ATOM   281  C CA  . SER A 1 38  ? 1.580   10.110  18.640  1.00 42.46 ? 164 SER A CA  1 
ATOM   282  C C   . SER A 1 38  ? 1.072   8.725   19.077  1.00 41.62 ? 164 SER A C   1 
ATOM   283  O O   . SER A 1 38  ? 1.220   8.331   20.231  1.00 43.55 ? 164 SER A O   1 
ATOM   284  C CB  . SER A 1 38  ? 0.802   11.209  19.360  1.00 42.43 ? 164 SER A CB  1 
ATOM   285  O OG  . SER A 1 38  ? -0.577  10.986  19.198  1.00 39.54 ? 164 SER A OG  1 
ATOM   286  N N   . LYS A 1 39  ? 0.472   7.995   18.139  1.00 37.76 ? 165 LYS A N   1 
ATOM   287  C CA  . LYS A 1 39  ? -0.134  6.707   18.426  1.00 39.81 ? 165 LYS A CA  1 
ATOM   288  C C   . LYS A 1 39  ? 0.819   5.589   18.001  1.00 43.02 ? 165 LYS A C   1 
ATOM   289  O O   . LYS A 1 39  ? 0.774   5.116   16.866  1.00 40.92 ? 165 LYS A O   1 
ATOM   290  C CB  . LYS A 1 39  ? -1.497  6.589   17.720  1.00 40.46 ? 165 LYS A CB  1 
ATOM   291  C CG  . LYS A 1 39  ? -2.586  7.478   18.337  1.00 38.37 ? 165 LYS A CG  1 
ATOM   292  C CD  . LYS A 1 39  ? -3.877  7.543   17.506  1.00 39.62 ? 165 LYS A CD  1 
ATOM   293  C CE  . LYS A 1 39  ? -4.671  6.244   17.543  1.00 43.56 ? 165 LYS A CE  1 
ATOM   294  N NZ  . LYS A 1 39  ? -5.061  5.853   18.926  1.00 44.98 ? 165 LYS A NZ  1 
ATOM   295  N N   . GLY A 1 40  ? 1.685   5.183   18.925  1.00 43.98 ? 166 GLY A N   1 
ATOM   296  C CA  . GLY A 1 40  ? 2.749   4.245   18.627  1.00 41.36 ? 166 GLY A CA  1 
ATOM   297  C C   . GLY A 1 40  ? 3.781   4.852   17.697  1.00 44.18 ? 166 GLY A C   1 
ATOM   298  O O   . GLY A 1 40  ? 3.893   6.073   17.605  1.00 46.02 ? 166 GLY A O   1 
ATOM   299  N N   . VAL A 1 41  ? 4.523   3.995   16.994  1.00 41.25 ? 167 VAL A N   1 
ATOM   300  C CA  . VAL A 1 41  ? 5.509   4.440   16.014  1.00 41.65 ? 167 VAL A CA  1 
ATOM   301  C C   . VAL A 1 41  ? 5.142   3.932   14.606  1.00 40.40 ? 167 VAL A C   1 
ATOM   302  O O   . VAL A 1 41  ? 5.408   2.783   14.282  1.00 40.83 ? 167 VAL A O   1 
ATOM   303  C CB  . VAL A 1 41  ? 6.925   3.955   16.414  1.00 45.57 ? 167 VAL A CB  1 
ATOM   304  C CG1 . VAL A 1 41  ? 7.985   4.450   15.417  1.00 43.72 ? 167 VAL A CG1 1 
ATOM   305  C CG2 . VAL A 1 41  ? 7.253   4.411   17.854  1.00 43.73 ? 167 VAL A CG2 1 
ATOM   306  N N   . PRO A 1 42  ? 4.516   4.786   13.772  1.00 39.38 ? 168 PRO A N   1 
ATOM   307  C CA  . PRO A 1 42  ? 4.046   4.327   12.459  1.00 37.35 ? 168 PRO A CA  1 
ATOM   308  C C   . PRO A 1 42  ? 5.192   4.170   11.471  1.00 42.19 ? 168 PRO A C   1 
ATOM   309  O O   . PRO A 1 42  ? 6.106   4.988   11.437  1.00 39.08 ? 168 PRO A O   1 
ATOM   310  C CB  . PRO A 1 42  ? 3.103   5.442   12.012  1.00 36.12 ? 168 PRO A CB  1 
ATOM   311  C CG  . PRO A 1 42  ? 3.710   6.681   12.619  1.00 37.55 ? 168 PRO A CG  1 
ATOM   312  C CD  . PRO A 1 42  ? 4.235   6.218   13.978  1.00 40.06 ? 168 PRO A CD  1 
ATOM   313  N N   . ALA A 1 43  ? 5.138   3.131   10.657  1.00 41.46 ? 169 ALA A N   1 
ATOM   314  C CA  . ALA A 1 43  ? 6.218   2.884   9.732   1.00 42.52 ? 169 ALA A CA  1 
ATOM   315  C C   . ALA A 1 43  ? 5.777   1.984   8.590   1.00 42.38 ? 169 ALA A C   1 
ATOM   316  O O   . ALA A 1 43  ? 4.841   1.199   8.731   1.00 40.41 ? 169 ALA A O   1 
ATOM   317  C CB  . ALA A 1 43  ? 7.398   2.259   10.475  1.00 42.86 ? 169 ALA A CB  1 
ATOM   318  N N   . ILE A 1 44  ? 6.470   2.113   7.465   1.00 43.67 ? 170 ILE A N   1 
ATOM   319  C CA  . ILE A 1 44  ? 6.402   1.163   6.349   1.00 40.35 ? 170 ILE A CA  1 
ATOM   320  C C   . ILE A 1 44  ? 7.435   0.044   6.492   1.00 44.56 ? 170 ILE A C   1 
ATOM   321  O O   . ILE A 1 44  ? 8.599   0.307   6.816   1.00 44.87 ? 170 ILE A O   1 
ATOM   322  C CB  . ILE A 1 44  ? 6.666   1.877   5.012   1.00 42.66 ? 170 ILE A CB  1 
ATOM   323  C CG1 . ILE A 1 44  ? 5.611   2.946   4.755   1.00 38.49 ? 170 ILE A CG1 1 
ATOM   324  C CG2 . ILE A 1 44  ? 6.758   0.878   3.867   1.00 42.08 ? 170 ILE A CG2 1 
ATOM   325  C CD1 . ILE A 1 44  ? 5.992   3.914   3.641   1.00 42.41 ? 170 ILE A CD1 1 
ATOM   326  N N   . GLN A 1 45  ? 7.031   -1.199  6.252   1.00 41.04 ? 171 GLN A N   1 
ATOM   327  C CA  . GLN A 1 45  ? 7.999   -2.292  6.183   1.00 42.61 ? 171 GLN A CA  1 
ATOM   328  C C   . GLN A 1 45  ? 8.104   -2.826  4.747   1.00 45.82 ? 171 GLN A C   1 
ATOM   329  O O   . GLN A 1 45  ? 7.087   -3.052  4.083   1.00 41.65 ? 171 GLN A O   1 
ATOM   330  C CB  . GLN A 1 45  ? 7.628   -3.442  7.131   1.00 42.65 ? 171 GLN A CB  1 
ATOM   331  C CG  . GLN A 1 45  ? 7.502   -3.069  8.608   1.00 46.33 ? 171 GLN A CG  1 
ATOM   332  C CD  . GLN A 1 45  ? 6.196   -2.313  8.929   1.00 54.65 ? 171 GLN A CD  1 
ATOM   333  O OE1 . GLN A 1 45  ? 5.107   -2.692  8.468   1.00 53.14 ? 171 GLN A OE1 1 
ATOM   334  N NE2 . GLN A 1 45  ? 6.307   -1.241  9.718   1.00 52.66 ? 171 GLN A NE2 1 
ATOM   335  N N   . ILE A 1 46  ? 9.334   -3.036  4.282   1.00 45.04 ? 172 ILE A N   1 
ATOM   336  C CA  . ILE A 1 46  ? 9.577   -3.660  2.987   1.00 41.96 ? 172 ILE A CA  1 
ATOM   337  C C   . ILE A 1 46  ? 10.226  -5.030  3.160   1.00 46.98 ? 172 ILE A C   1 
ATOM   338  O O   . ILE A 1 46  ? 11.308  -5.150  3.728   1.00 47.71 ? 172 ILE A O   1 
ATOM   339  C CB  . ILE A 1 46  ? 10.448  -2.774  2.118   1.00 44.32 ? 172 ILE A CB  1 
ATOM   340  C CG1 . ILE A 1 46  ? 9.871   -1.352  2.105   1.00 43.33 ? 172 ILE A CG1 1 
ATOM   341  C CG2 . ILE A 1 46  ? 10.552  -3.356  0.710   1.00 47.02 ? 172 ILE A CG2 1 
ATOM   342  C CD1 . ILE A 1 46  ? 10.660  -0.351  1.283   1.00 46.41 ? 172 ILE A CD1 1 
ATOM   343  N N   . LEU A 1 47  ? 9.553   -6.064  2.669   1.00 42.88 ? 173 LEU A N   1 
ATOM   344  C CA  . LEU A 1 47  ? 9.988   -7.441  2.865   1.00 45.29 ? 173 LEU A CA  1 
ATOM   345  C C   . LEU A 1 47  ? 10.366  -8.060  1.520   1.00 54.11 ? 173 LEU A C   1 
ATOM   346  O O   . LEU A 1 47  ? 9.804   -7.669  0.485   1.00 48.09 ? 173 LEU A O   1 
ATOM   347  C CB  . LEU A 1 47  ? 8.882   -8.272  3.522   1.00 49.57 ? 173 LEU A CB  1 
ATOM   348  C CG  . LEU A 1 47  ? 8.500   -8.097  5.009   1.00 51.79 ? 173 LEU A CG  1 
ATOM   349  C CD1 . LEU A 1 47  ? 8.307   -6.664  5.394   1.00 46.13 ? 173 LEU A CD1 1 
ATOM   350  C CD2 . LEU A 1 47  ? 7.223   -8.867  5.310   1.00 51.33 ? 173 LEU A CD2 1 
ATOM   351  N N   . ASN A 1 48  ? 11.301  -9.018  1.524   1.00 51.00 ? 174 ASN A N   1 
ATOM   352  C CA  . ASN A 1 48  ? 11.647  -9.718  0.290   1.00 52.96 ? 174 ASN A CA  1 
ATOM   353  C C   . ASN A 1 48  ? 10.718  -10.908 0.092   1.00 56.73 ? 174 ASN A C   1 
ATOM   354  O O   . ASN A 1 48  ? 9.807   -11.124 0.902   1.00 51.73 ? 174 ASN A O   1 
ATOM   355  C CB  . ASN A 1 48  ? 13.127  -10.151 0.275   1.00 52.45 ? 174 ASN A CB  1 
ATOM   356  C CG  . ASN A 1 48  ? 13.452  -11.286 1.254   1.00 53.68 ? 174 ASN A CG  1 
ATOM   357  O OD1 . ASN A 1 48  ? 12.577  -12.005 1.746   1.00 54.48 ? 174 ASN A OD1 1 
ATOM   358  N ND2 . ASN A 1 48  ? 14.744  -11.464 1.511   1.00 51.09 ? 174 ASN A ND2 1 
ATOM   359  N N   . GLU A 1 49  ? 10.962  -11.695 -0.959  1.00 55.86 ? 175 GLU A N   1 
ATOM   360  C CA  . GLU A 1 49  ? 10.045  -12.770 -1.321  1.00 56.94 ? 175 GLU A CA  1 
ATOM   361  C C   . GLU A 1 49  ? 9.948   -13.853 -0.253  1.00 57.49 ? 175 GLU A C   1 
ATOM   362  O O   . GLU A 1 49  ? 9.007   -14.644 -0.248  1.00 58.23 ? 175 GLU A O   1 
ATOM   363  C CB  . GLU A 1 49  ? 10.440  -13.387 -2.667  1.00 61.30 ? 175 GLU A CB  1 
ATOM   364  C CG  . GLU A 1 49  ? 9.699   -12.746 -3.859  1.00 69.37 ? 175 GLU A CG  1 
ATOM   365  C CD  . GLU A 1 49  ? 8.168   -12.680 -3.665  1.00 77.64 ? 175 GLU A CD  1 
ATOM   366  O OE1 . GLU A 1 49  ? 7.546   -13.733 -3.377  1.00 81.70 ? 175 GLU A OE1 1 
ATOM   367  O OE2 . GLU A 1 49  ? 7.584   -11.572 -3.785  1.00 71.46 ? 175 GLU A OE2 1 
ATOM   368  N N   . ASN A 1 50  ? 10.900  -13.872 0.668   1.00 58.45 ? 176 ASN A N   1 
ATOM   369  C CA  . ASN A 1 50  ? 10.850  -14.844 1.748   1.00 61.77 ? 176 ASN A CA  1 
ATOM   370  C C   . ASN A 1 50  ? 10.305  -14.238 3.043   1.00 61.65 ? 176 ASN A C   1 
ATOM   371  O O   . ASN A 1 50  ? 10.466  -14.822 4.123   1.00 59.31 ? 176 ASN A O   1 
ATOM   372  C CB  . ASN A 1 50  ? 12.234  -15.451 1.972   1.00 62.58 ? 176 ASN A CB  1 
ATOM   373  C CG  . ASN A 1 50  ? 12.688  -16.297 0.791   1.00 67.65 ? 176 ASN A CG  1 
ATOM   374  O OD1 . ASN A 1 50  ? 12.322  -17.473 0.669   1.00 73.73 ? 176 ASN A OD1 1 
ATOM   375  N ND2 . ASN A 1 50  ? 13.471  -15.695 -0.097  1.00 66.54 ? 176 ASN A ND2 1 
ATOM   376  N N   . ASN A 1 51  ? 9.643   -13.084 2.915   1.00 54.61 ? 177 ASN A N   1 
ATOM   377  C CA  . ASN A 1 51  ? 9.077   -12.349 4.053   1.00 55.30 ? 177 ASN A CA  1 
ATOM   378  C C   . ASN A 1 51  ? 10.129  -11.980 5.093   1.00 56.01 ? 177 ASN A C   1 
ATOM   379  O O   . ASN A 1 51  ? 9.856   -11.974 6.290   1.00 53.93 ? 177 ASN A O   1 
ATOM   380  C CB  . ASN A 1 51  ? 7.951   -13.147 4.713   1.00 52.67 ? 177 ASN A CB  1 
ATOM   381  C CG  . ASN A 1 51  ? 6.767   -13.340 3.791   1.00 58.51 ? 177 ASN A CG  1 
ATOM   382  O OD1 . ASN A 1 51  ? 6.419   -12.447 3.018   1.00 60.61 ? 177 ASN A OD1 1 
ATOM   383  N ND2 . ASN A 1 51  ? 6.160   -14.521 3.839   1.00 59.54 ? 177 ASN A ND2 1 
ATOM   384  N N   . GLU A 1 52  ? 11.331  -11.669 4.617   1.00 54.90 ? 178 GLU A N   1 
ATOM   385  C CA  . GLU A 1 52  ? 12.402  -11.183 5.472   1.00 53.56 ? 178 GLU A CA  1 
ATOM   386  C C   . GLU A 1 52  ? 12.486  -9.676  5.333   1.00 53.53 ? 178 GLU A C   1 
ATOM   387  O O   . GLU A 1 52  ? 12.526  -9.151  4.214   1.00 52.60 ? 178 GLU A O   1 
ATOM   388  C CB  . GLU A 1 52  ? 13.739  -11.839 5.106   1.00 52.52 ? 178 GLU A CB  1 
ATOM   389  C CG  . GLU A 1 52  ? 13.701  -13.360 5.171   1.00 58.65 ? 178 GLU A CG  1 
ATOM   390  C CD  . GLU A 1 52  ? 14.991  -14.015 4.679   1.00 65.72 ? 178 GLU A CD  1 
ATOM   391  O OE1 . GLU A 1 52  ? 15.658  -13.442 3.783   1.00 61.40 ? 178 GLU A OE1 1 
ATOM   392  O OE2 . GLU A 1 52  ? 15.329  -15.109 5.194   1.00 64.43 ? 178 GLU A OE2 1 
ATOM   393  N N   . LEU A 1 53  ? 12.494  -8.990  6.473   1.00 50.72 ? 179 LEU A N   1 
ATOM   394  C CA  . LEU A 1 53  ? 12.513  -7.539  6.502   1.00 49.21 ? 179 LEU A CA  1 
ATOM   395  C C   . LEU A 1 53  ? 13.778  -6.976  5.874   1.00 51.85 ? 179 LEU A C   1 
ATOM   396  O O   . LEU A 1 53  ? 14.882  -7.272  6.302   1.00 54.02 ? 179 LEU A O   1 
ATOM   397  C CB  . LEU A 1 53  ? 12.385  -7.042  7.938   1.00 51.61 ? 179 LEU A CB  1 
ATOM   398  C CG  . LEU A 1 53  ? 12.308  -5.527  8.127   1.00 50.75 ? 179 LEU A CG  1 
ATOM   399  C CD1 . LEU A 1 53  ? 11.068  -5.016  7.460   1.00 48.08 ? 179 LEU A CD1 1 
ATOM   400  C CD2 . LEU A 1 53  ? 12.302  -5.177  9.607   1.00 40.50 ? 179 LEU A CD2 1 
ATOM   401  N N   . VAL A 1 54  ? 13.611  -6.139  4.866   1.00 48.81 ? 180 VAL A N   1 
ATOM   402  C CA  . VAL A 1 54  ? 14.748  -5.547  4.185   1.00 52.82 ? 180 VAL A CA  1 
ATOM   403  C C   . VAL A 1 54  ? 14.931  -4.059  4.527   1.00 53.57 ? 180 VAL A C   1 
ATOM   404  O O   . VAL A 1 54  ? 16.055  -3.568  4.658   1.00 55.17 ? 180 VAL A O   1 
ATOM   405  C CB  . VAL A 1 54  ? 14.597  -5.752  2.663   1.00 50.34 ? 180 VAL A CB  1 
ATOM   406  C CG1 . VAL A 1 54  ? 15.200  -4.604  1.872   1.00 57.38 ? 180 VAL A CG1 1 
ATOM   407  C CG2 . VAL A 1 54  ? 15.217  -7.075  2.275   1.00 52.77 ? 180 VAL A CG2 1 
ATOM   408  N N   . LYS A 1 55  ? 13.826  -3.347  4.699   1.00 50.58 ? 181 LYS A N   1 
ATOM   409  C CA  . LYS A 1 55  ? 13.874  -1.902  4.910   1.00 49.11 ? 181 LYS A CA  1 
ATOM   410  C C   . LYS A 1 55  ? 12.691  -1.438  5.752   1.00 52.11 ? 181 LYS A C   1 
ATOM   411  O O   . LYS A 1 55  ? 11.593  -2.000  5.660   1.00 47.60 ? 181 LYS A O   1 
ATOM   412  C CB  . LYS A 1 55  ? 13.879  -1.171  3.566   1.00 50.40 ? 181 LYS A CB  1 
ATOM   413  C CG  . LYS A 1 55  ? 14.027  0.337   3.645   1.00 48.64 ? 181 LYS A CG  1 
ATOM   414  C CD  . LYS A 1 55  ? 15.417  0.700   4.137   1.00 58.73 ? 181 LYS A CD  1 
ATOM   415  C CE  . LYS A 1 55  ? 15.902  2.011   3.529   1.00 60.81 ? 181 LYS A CE  1 
ATOM   416  N NZ  . LYS A 1 55  ? 17.386  2.166   3.668   1.00 64.07 ? 181 LYS A NZ  1 
ATOM   417  N N   . THR A 1 56  ? 12.925  -0.419  6.575   1.00 48.36 ? 182 THR A N   1 
ATOM   418  C CA  . THR A 1 56  ? 11.866  0.214   7.338   1.00 45.87 ? 182 THR A CA  1 
ATOM   419  C C   . THR A 1 56  ? 11.926  1.694   7.054   1.00 44.50 ? 182 THR A C   1 
ATOM   420  O O   . THR A 1 56  ? 12.996  2.304   7.111   1.00 50.36 ? 182 THR A O   1 
ATOM   421  C CB  . THR A 1 56  ? 11.990  -0.043  8.862   1.00 45.03 ? 182 THR A CB  1 
ATOM   422  O OG1 . THR A 1 56  ? 11.863  -1.440  9.118   1.00 45.59 ? 182 THR A OG1 1 
ATOM   423  C CG2 . THR A 1 56  ? 10.887  0.668   9.613   1.00 44.68 ? 182 THR A CG2 1 
ATOM   424  N N   . ILE A 1 57  ? 10.776  2.259   6.712   1.00 43.06 ? 183 ILE A N   1 
ATOM   425  C CA  . ILE A 1 57  ? 10.649  3.683   6.484   1.00 41.46 ? 183 ILE A CA  1 
ATOM   426  C C   . ILE A 1 57  ? 9.671   4.269   7.495   1.00 46.68 ? 183 ILE A C   1 
ATOM   427  O O   . ILE A 1 57  ? 8.495   3.893   7.502   1.00 44.10 ? 183 ILE A O   1 
ATOM   428  C CB  . ILE A 1 57  ? 10.155  3.972   5.065   1.00 43.26 ? 183 ILE A CB  1 
ATOM   429  C CG1 . ILE A 1 57  ? 11.045  3.267   4.039   1.00 44.14 ? 183 ILE A CG1 1 
ATOM   430  C CG2 . ILE A 1 57  ? 10.080  5.466   4.800   1.00 37.76 ? 183 ILE A CG2 1 
ATOM   431  C CD1 . ILE A 1 57  ? 10.594  3.496   2.630   1.00 45.83 ? 183 ILE A CD1 1 
ATOM   432  N N   . PRO A 1 58  ? 10.150  5.185   8.358   1.00 45.26 ? 184 PRO A N   1 
ATOM   433  C CA  . PRO A 1 58  ? 9.296   5.810   9.381   1.00 46.49 ? 184 PRO A CA  1 
ATOM   434  C C   . PRO A 1 58  ? 8.193   6.696   8.791   1.00 42.98 ? 184 PRO A C   1 
ATOM   435  O O   . PRO A 1 58  ? 8.445   7.465   7.864   1.00 45.45 ? 184 PRO A O   1 
ATOM   436  C CB  . PRO A 1 58  ? 10.290  6.653   10.203  1.00 46.62 ? 184 PRO A CB  1 
ATOM   437  C CG  . PRO A 1 58  ? 11.438  6.905   9.281   1.00 50.04 ? 184 PRO A CG  1 
ATOM   438  C CD  . PRO A 1 58  ? 11.544  5.653   8.439   1.00 46.76 ? 184 PRO A CD  1 
ATOM   439  N N   . LEU A 1 59  ? 6.988   6.599   9.340   1.00 41.18 ? 185 LEU A N   1 
ATOM   440  C CA  . LEU A 1 59  ? 5.855   7.381   8.846   1.00 41.66 ? 185 LEU A CA  1 
ATOM   441  C C   . LEU A 1 59  ? 5.581   8.637   9.674   1.00 42.85 ? 185 LEU A C   1 
ATOM   442  O O   . LEU A 1 59  ? 4.709   9.447   9.326   1.00 42.39 ? 185 LEU A O   1 
ATOM   443  C CB  . LEU A 1 59  ? 4.603   6.507   8.798   1.00 43.52 ? 185 LEU A CB  1 
ATOM   444  C CG  . LEU A 1 59  ? 4.522   5.569   7.598   1.00 40.98 ? 185 LEU A CG  1 
ATOM   445  C CD1 . LEU A 1 59  ? 3.258   4.754   7.650   1.00 38.08 ? 185 LEU A CD1 1 
ATOM   446  C CD2 . LEU A 1 59  ? 4.565   6.369   6.301   1.00 43.44 ? 185 LEU A CD2 1 
ATOM   447  N N   . LYS A 1 60  ? 6.330   8.779   10.764  1.00 40.83 ? 186 LYS A N   1 
ATOM   448  C CA  . LYS A 1 60  ? 6.328   9.971   11.629  1.00 45.00 ? 186 LYS A CA  1 
ATOM   449  C C   . LYS A 1 60  ? 6.012   11.289  10.904  1.00 46.17 ? 186 LYS A C   1 
ATOM   450  O O   . LYS A 1 60  ? 5.126   12.052  11.307  1.00 41.22 ? 186 LYS A O   1 
ATOM   451  C CB  . LYS A 1 60  ? 7.707   10.074  12.305  1.00 48.31 ? 186 LYS A CB  1 
ATOM   452  C CG  . LYS A 1 60  ? 7.863   11.082  13.402  1.00 55.47 ? 186 LYS A CG  1 
ATOM   453  C CD  . LYS A 1 60  ? 9.183   10.807  14.141  1.00 63.12 ? 186 LYS A CD  1 
ATOM   454  C CE  . LYS A 1 60  ? 9.728   12.070  14.801  1.00 69.66 ? 186 LYS A CE  1 
ATOM   455  N NZ  . LYS A 1 60  ? 11.037  11.827  15.476  1.00 73.43 ? 186 LYS A NZ  1 
ATOM   456  N N   . ASP A 1 61  ? 6.731   11.542  9.816   1.00 42.48 ? 187 ASP A N   1 
ATOM   457  C CA  . ASP A 1 61  ? 6.641   12.826  9.126   1.00 49.09 ? 187 ASP A CA  1 
ATOM   458  C C   . ASP A 1 61  ? 5.340   12.998  8.361   1.00 45.23 ? 187 ASP A C   1 
ATOM   459  O O   . ASP A 1 61  ? 5.047   14.089  7.887   1.00 44.11 ? 187 ASP A O   1 
ATOM   460  C CB  . ASP A 1 61  ? 7.823   13.008  8.163   1.00 50.25 ? 187 ASP A CB  1 
ATOM   461  C CG  . ASP A 1 61  ? 9.148   13.184  8.896   1.00 56.15 ? 187 ASP A CG  1 
ATOM   462  O OD1 . ASP A 1 61  ? 9.161   13.848  9.959   1.00 58.56 ? 187 ASP A OD1 1 
ATOM   463  O OD2 . ASP A 1 61  ? 10.173  12.649  8.415   1.00 63.00 ? 187 ASP A OD2 1 
ATOM   464  N N   . TYR A 1 62  ? 4.557   11.933  8.241   1.00 44.12 ? 188 TYR A N   1 
ATOM   465  C CA  . TYR A 1 62  ? 3.336   12.016  7.451   1.00 45.13 ? 188 TYR A CA  1 
ATOM   466  C C   . TYR A 1 62  ? 2.145   12.227  8.352   1.00 41.26 ? 188 TYR A C   1 
ATOM   467  O O   . TYR A 1 62  ? 0.994   12.006  7.952   1.00 40.16 ? 188 TYR A O   1 
ATOM   468  C CB  . TYR A 1 62  ? 3.169   10.761  6.585   1.00 44.99 ? 188 TYR A CB  1 
ATOM   469  C CG  . TYR A 1 62  ? 4.230   10.666  5.515   1.00 42.32 ? 188 TYR A CG  1 
ATOM   470  C CD1 . TYR A 1 62  ? 5.473   10.110  5.795   1.00 44.44 ? 188 TYR A CD1 1 
ATOM   471  C CD2 . TYR A 1 62  ? 4.007   11.170  4.237   1.00 44.04 ? 188 TYR A CD2 1 
ATOM   472  C CE1 . TYR A 1 62  ? 6.464   10.037  4.831   1.00 45.29 ? 188 TYR A CE1 1 
ATOM   473  C CE2 . TYR A 1 62  ? 4.986   11.100  3.259   1.00 43.16 ? 188 TYR A CE2 1 
ATOM   474  C CZ  . TYR A 1 62  ? 6.214   10.531  3.562   1.00 48.36 ? 188 TYR A CZ  1 
ATOM   475  O OH  . TYR A 1 62  ? 7.198   10.451  2.604   1.00 48.42 ? 188 TYR A OH  1 
ATOM   476  N N   . ASN A 1 63  ? 2.433   12.658  9.577   1.00 42.52 ? 189 ASN A N   1 
ATOM   477  C CA  . ASN A 1 63  ? 1.392   12.948  10.552  1.00 40.99 ? 189 ASN A CA  1 
ATOM   478  C C   . ASN A 1 63  ? 0.325   13.828  9.941   1.00 39.07 ? 189 ASN A C   1 
ATOM   479  O O   . ASN A 1 63  ? 0.637   14.810  9.282   1.00 42.84 ? 189 ASN A O   1 
ATOM   480  C CB  . ASN A 1 63  ? 1.982   13.617  11.803  1.00 44.41 ? 189 ASN A CB  1 
ATOM   481  C CG  . ASN A 1 63  ? 0.929   13.914  12.843  1.00 42.11 ? 189 ASN A CG  1 
ATOM   482  O OD1 . ASN A 1 63  ? 0.429   13.007  13.516  1.00 42.07 ? 189 ASN A OD1 1 
ATOM   483  N ND2 . ASN A 1 63  ? 0.560   15.180  12.961  1.00 40.70 ? 189 ASN A ND2 1 
ATOM   484  N N   . GLY A 1 64  ? -0.936  13.446  10.104  1.00 40.50 ? 190 GLY A N   1 
ATOM   485  C CA  . GLY A 1 64  ? -2.027  14.248  9.578   1.00 39.30 ? 190 GLY A CA  1 
ATOM   486  C C   . GLY A 1 64  ? -2.561  13.887  8.197   1.00 43.55 ? 190 GLY A C   1 
ATOM   487  O O   . GLY A 1 64  ? -3.643  14.345  7.817   1.00 43.17 ? 190 GLY A O   1 
ATOM   488  N N   . GLN A 1 65  ? -1.839  13.054  7.450   1.00 39.60 ? 191 GLN A N   1 
ATOM   489  C CA  . GLN A 1 65  ? -2.259  12.726  6.095   1.00 39.89 ? 191 GLN A CA  1 
ATOM   490  C C   . GLN A 1 65  ? -3.087  11.453  6.047   1.00 42.08 ? 191 GLN A C   1 
ATOM   491  O O   . GLN A 1 65  ? -2.911  10.565  6.882   1.00 42.64 ? 191 GLN A O   1 
ATOM   492  C CB  . GLN A 1 65  ? -1.041  12.593  5.192   1.00 38.89 ? 191 GLN A CB  1 
ATOM   493  C CG  . GLN A 1 65  ? -0.169  13.835  5.204   1.00 39.49 ? 191 GLN A CG  1 
ATOM   494  C CD  . GLN A 1 65  ? 1.034   13.710  4.305   1.00 46.53 ? 191 GLN A CD  1 
ATOM   495  O OE1 . GLN A 1 65  ? 0.974   13.089  3.235   1.00 49.00 ? 191 GLN A OE1 1 
ATOM   496  N NE2 . GLN A 1 65  ? 2.143   14.286  4.736   1.00 41.60 ? 191 GLN A NE2 1 
ATOM   497  N N   . LYS A 1 66  ? -3.989  11.369  5.070   1.00 41.55 ? 192 LYS A N   1 
ATOM   498  C CA  . LYS A 1 66  ? -4.821  10.182  4.860   1.00 40.51 ? 192 LYS A CA  1 
ATOM   499  C C   . LYS A 1 66  ? -5.048  9.925   3.366   1.00 43.85 ? 192 LYS A C   1 
ATOM   500  O O   . LYS A 1 66  ? -4.697  10.756  2.531   1.00 43.17 ? 192 LYS A O   1 
ATOM   501  C CB  . LYS A 1 66  ? -6.172  10.323  5.563   1.00 40.78 ? 192 LYS A CB  1 
ATOM   502  C CG  . LYS A 1 66  ? -7.119  11.317  4.908   1.00 45.22 ? 192 LYS A CG  1 
ATOM   503  C CD  . LYS A 1 66  ? -8.454  11.404  5.674   1.00 48.92 ? 192 LYS A CD  1 
ATOM   504  C CE  . LYS A 1 66  ? -9.271  10.131  5.489   1.00 55.85 ? 192 LYS A CE  1 
ATOM   505  N NZ  . LYS A 1 66  ? -10.484 10.047  6.356   1.00 65.95 ? 192 LYS A NZ  1 
ATOM   506  N N   . GLY A 1 67  ? -5.647  8.783   3.033   1.00 41.15 ? 193 GLY A N   1 
ATOM   507  C CA  . GLY A 1 67  ? -5.873  8.438   1.640   1.00 42.65 ? 193 GLY A CA  1 
ATOM   508  C C   . GLY A 1 67  ? -4.608  7.866   1.025   1.00 40.24 ? 193 GLY A C   1 
ATOM   509  O O   . GLY A 1 67  ? -3.794  7.265   1.726   1.00 39.46 ? 193 GLY A O   1 
ATOM   510  N N   . TYR A 1 68  ? -4.454  8.041   -0.286  1.00 40.76 ? 194 TYR A N   1 
ATOM   511  C CA  . TYR A 1 68  ? -3.275  7.562   -0.997  1.00 40.36 ? 194 TYR A CA  1 
ATOM   512  C C   . TYR A 1 68  ? -2.100  8.509   -0.796  1.00 41.21 ? 194 TYR A C   1 
ATOM   513  O O   . TYR A 1 68  ? -2.209  9.704   -1.039  1.00 42.72 ? 194 TYR A O   1 
ATOM   514  C CB  . TYR A 1 68  ? -3.564  7.411   -2.491  1.00 36.60 ? 194 TYR A CB  1 
ATOM   515  C CG  . TYR A 1 68  ? -4.455  6.228   -2.837  1.00 39.90 ? 194 TYR A CG  1 
ATOM   516  C CD1 . TYR A 1 68  ? -3.965  4.928   -2.799  1.00 38.18 ? 194 TYR A CD1 1 
ATOM   517  C CD2 . TYR A 1 68  ? -5.771  6.419   -3.221  1.00 37.77 ? 194 TYR A CD2 1 
ATOM   518  C CE1 . TYR A 1 68  ? -4.768  3.850   -3.124  1.00 40.33 ? 194 TYR A CE1 1 
ATOM   519  C CE2 . TYR A 1 68  ? -6.579  5.359   -3.550  1.00 38.39 ? 194 TYR A CE2 1 
ATOM   520  C CZ  . TYR A 1 68  ? -6.081  4.079   -3.496  1.00 40.47 ? 194 TYR A CZ  1 
ATOM   521  O OH  . TYR A 1 68  ? -6.906  3.035   -3.809  1.00 35.49 ? 194 TYR A OH  1 
ATOM   522  N N   . ILE A 1 69  ? -0.973  7.967   -0.356  1.00 41.72 ? 195 ILE A N   1 
ATOM   523  C CA  . ILE A 1 69  ? 0.250   8.749   -0.223  1.00 43.31 ? 195 ILE A CA  1 
ATOM   524  C C   . ILE A 1 69  ? 1.347   8.091   -1.065  1.00 44.26 ? 195 ILE A C   1 
ATOM   525  O O   . ILE A 1 69  ? 1.484   6.865   -1.054  1.00 42.91 ? 195 ILE A O   1 
ATOM   526  C CB  . ILE A 1 69  ? 0.688   8.865   1.255   1.00 40.17 ? 195 ILE A CB  1 
ATOM   527  C CG1 . ILE A 1 69  ? -0.447  9.449   2.098   1.00 44.68 ? 195 ILE A CG1 1 
ATOM   528  C CG2 . ILE A 1 69  ? 1.932   9.750   1.402   1.00 42.72 ? 195 ILE A CG2 1 
ATOM   529  C CD1 . ILE A 1 69  ? -0.169  9.436   3.598   1.00 39.57 ? 195 ILE A CD1 1 
ATOM   530  N N   . ASN A 1 70  ? 2.118   8.888   -1.804  1.00 43.58 ? 196 ASN A N   1 
ATOM   531  C CA  . ASN A 1 70  ? 3.185   8.331   -2.641  1.00 43.18 ? 196 ASN A CA  1 
ATOM   532  C C   . ASN A 1 70  ? 4.530   8.339   -1.938  1.00 41.17 ? 196 ASN A C   1 
ATOM   533  O O   . ASN A 1 70  ? 4.899   9.302   -1.279  1.00 41.23 ? 196 ASN A O   1 
ATOM   534  C CB  . ASN A 1 70  ? 3.295   9.084   -3.961  1.00 41.64 ? 196 ASN A CB  1 
ATOM   535  C CG  . ASN A 1 70  ? 1.983   9.133   -4.693  1.00 46.96 ? 196 ASN A CG  1 
ATOM   536  O OD1 . ASN A 1 70  ? 1.420   8.099   -5.050  1.00 51.89 ? 196 ASN A OD1 1 
ATOM   537  N ND2 . ASN A 1 70  ? 1.475   10.332  -4.909  1.00 49.47 ? 196 ASN A ND2 1 
ATOM   538  N N   . PHE A 1 71  ? 5.250   7.240   -2.073  1.00 43.85 ? 197 PHE A N   1 
ATOM   539  C CA  . PHE A 1 71  ? 6.537   7.089   -1.426  1.00 44.10 ? 197 PHE A CA  1 
ATOM   540  C C   . PHE A 1 71  ? 7.581   6.672   -2.444  1.00 50.48 ? 197 PHE A C   1 
ATOM   541  O O   . PHE A 1 71  ? 7.243   6.276   -3.562  1.00 50.69 ? 197 PHE A O   1 
ATOM   542  C CB  . PHE A 1 71  ? 6.466   6.053   -0.308  1.00 43.45 ? 197 PHE A CB  1 
ATOM   543  C CG  . PHE A 1 71  ? 5.444   6.364   0.759   1.00 41.74 ? 197 PHE A CG  1 
ATOM   544  C CD1 . PHE A 1 71  ? 5.783   7.137   1.856   1.00 39.58 ? 197 PHE A CD1 1 
ATOM   545  C CD2 . PHE A 1 71  ? 4.152   5.861   0.667   1.00 42.51 ? 197 PHE A CD2 1 
ATOM   546  C CE1 . PHE A 1 71  ? 4.853   7.402   2.846   1.00 41.98 ? 197 PHE A CE1 1 
ATOM   547  C CE2 . PHE A 1 71  ? 3.214   6.125   1.646   1.00 42.41 ? 197 PHE A CE2 1 
ATOM   548  C CZ  . PHE A 1 71  ? 3.563   6.899   2.737   1.00 40.64 ? 197 PHE A CZ  1 
ATOM   549  N N   . GLU A 1 72  ? 8.850   6.772   -2.056  1.00 51.13 ? 198 GLU A N   1 
ATOM   550  C CA  . GLU A 1 72  ? 9.931   6.258   -2.880  1.00 54.34 ? 198 GLU A CA  1 
ATOM   551  C C   . GLU A 1 72  ? 10.851  5.426   -2.012  1.00 56.10 ? 198 GLU A C   1 
ATOM   552  O O   . GLU A 1 72  ? 11.021  5.699   -0.823  1.00 56.89 ? 198 GLU A O   1 
ATOM   553  C CB  . GLU A 1 72  ? 10.702  7.393   -3.563  1.00 59.46 ? 198 GLU A CB  1 
ATOM   554  C CG  . GLU A 1 72  ? 9.921   8.070   -4.693  1.00 64.11 ? 198 GLU A CG  1 
ATOM   555  C CD  . GLU A 1 72  ? 10.655  9.242   -5.345  1.00 73.67 ? 198 GLU A CD  1 
ATOM   556  O OE1 . GLU A 1 72  ? 11.605  9.788   -4.738  1.00 69.50 ? 198 GLU A OE1 1 
ATOM   557  O OE2 . GLU A 1 72  ? 10.268  9.614   -6.480  1.00 78.27 ? 198 GLU A OE2 1 
ATOM   558  N N   . TRP A 1 73  ? 11.413  4.390   -2.612  1.00 51.36 ? 199 TRP A N   1 
ATOM   559  C CA  . TRP A 1 73  ? 12.405  3.558   -1.963  1.00 52.09 ? 199 TRP A CA  1 
ATOM   560  C C   . TRP A 1 73  ? 13.621  3.454   -2.879  1.00 57.81 ? 199 TRP A C   1 
ATOM   561  O O   . TRP A 1 73  ? 13.465  3.131   -4.062  1.00 51.78 ? 199 TRP A O   1 
ATOM   562  C CB  . TRP A 1 73  ? 11.827  2.187   -1.679  1.00 47.88 ? 199 TRP A CB  1 
ATOM   563  C CG  . TRP A 1 73  ? 12.805  1.203   -1.150  1.00 50.73 ? 199 TRP A CG  1 
ATOM   564  C CD1 . TRP A 1 73  ? 13.774  1.427   -0.226  1.00 52.15 ? 199 TRP A CD1 1 
ATOM   565  C CD2 . TRP A 1 73  ? 12.909  -0.172  -1.531  1.00 48.84 ? 199 TRP A CD2 1 
ATOM   566  N NE1 . TRP A 1 73  ? 14.470  0.265   0.009   1.00 53.31 ? 199 TRP A NE1 1 
ATOM   567  C CE2 . TRP A 1 73  ? 13.957  -0.727  -0.774  1.00 50.20 ? 199 TRP A CE2 1 
ATOM   568  C CE3 . TRP A 1 73  ? 12.217  -0.987  -2.421  1.00 48.82 ? 199 TRP A CE3 1 
ATOM   569  C CZ2 . TRP A 1 73  ? 14.332  -2.061  -0.900  1.00 52.79 ? 199 TRP A CZ2 1 
ATOM   570  C CZ3 . TRP A 1 73  ? 12.583  -2.310  -2.531  1.00 51.39 ? 199 TRP A CZ3 1 
ATOM   571  C CH2 . TRP A 1 73  ? 13.633  -2.834  -1.777  1.00 51.13 ? 199 TRP A CH2 1 
ATOM   572  N N   . ASP A 1 74  ? 14.819  3.721   -2.349  1.00 55.43 ? 200 ASP A N   1 
ATOM   573  C CA  . ASP A 1 74  ? 16.028  3.744   -3.180  1.00 56.83 ? 200 ASP A CA  1 
ATOM   574  C C   . ASP A 1 74  ? 16.555  2.346   -3.461  1.00 56.87 ? 200 ASP A C   1 
ATOM   575  O O   . ASP A 1 74  ? 17.524  2.180   -4.192  1.00 63.79 ? 200 ASP A O   1 
ATOM   576  C CB  . ASP A 1 74  ? 17.134  4.597   -2.533  1.00 58.35 ? 200 ASP A CB  1 
ATOM   577  C CG  . ASP A 1 74  ? 17.521  4.123   -1.134  1.00 60.79 ? 200 ASP A CG  1 
ATOM   578  O OD1 . ASP A 1 74  ? 17.259  2.955   -0.782  1.00 61.80 ? 200 ASP A OD1 1 
ATOM   579  O OD2 . ASP A 1 74  ? 18.099  4.930   -0.377  1.00 61.51 ? 200 ASP A OD2 1 
ATOM   580  N N   . GLY A 1 75  ? 15.912  1.344   -2.877  1.00 56.28 ? 201 GLY A N   1 
ATOM   581  C CA  . GLY A 1 75  ? 16.302  -0.032  -3.100  1.00 55.55 ? 201 GLY A CA  1 
ATOM   582  C C   . GLY A 1 75  ? 17.426  -0.501  -2.196  1.00 59.36 ? 201 GLY A C   1 
ATOM   583  O O   . GLY A 1 75  ? 18.036  -1.544  -2.457  1.00 60.47 ? 201 GLY A O   1 
ATOM   584  N N   . THR A 1 76  ? 17.700  0.254   -1.133  1.00 60.45 ? 202 THR A N   1 
ATOM   585  C CA  . THR A 1 76  ? 18.721  -0.139  -0.158  1.00 64.93 ? 202 THR A CA  1 
ATOM   586  C C   . THR A 1 76  ? 18.110  -0.790  1.080   1.00 62.56 ? 202 THR A C   1 
ATOM   587  O O   . THR A 1 76  ? 16.963  -0.511  1.456   1.00 59.46 ? 202 THR A O   1 
ATOM   588  C CB  . THR A 1 76  ? 19.586  1.063   0.291   1.00 63.96 ? 202 THR A CB  1 
ATOM   589  O OG1 . THR A 1 76  ? 18.777  2.005   1.011   1.00 66.34 ? 202 THR A OG1 1 
ATOM   590  C CG2 . THR A 1 76  ? 20.231  1.752   -0.918  1.00 62.93 ? 202 THR A CG2 1 
ATOM   591  N N   . ASN A 1 77  ? 18.878  -1.678  1.701   1.00 64.78 ? 203 ASN A N   1 
ATOM   592  C CA  . ASN A 1 77  ? 18.494  -2.212  2.998   1.00 61.79 ? 203 ASN A CA  1 
ATOM   593  C C   . ASN A 1 77  ? 18.908  -1.246  4.109   1.00 66.05 ? 203 ASN A C   1 
ATOM   594  O O   . ASN A 1 77  ? 19.288  -0.091  3.848   1.00 64.19 ? 203 ASN A O   1 
ATOM   595  C CB  . ASN A 1 77  ? 19.082  -3.609  3.232   1.00 62.16 ? 203 ASN A CB  1 
ATOM   596  C CG  . ASN A 1 77  ? 20.609  -3.639  3.185   1.00 70.30 ? 203 ASN A CG  1 
ATOM   597  O OD1 . ASN A 1 77  ? 21.280  -2.611  3.298   1.00 67.52 ? 203 ASN A OD1 1 
ATOM   598  N ND2 . ASN A 1 77  ? 21.160  -4.839  3.027   1.00 69.48 ? 203 ASN A ND2 1 
ATOM   599  N N   . GLU A 1 78  ? 18.824  -1.712  5.349   1.00 64.04 ? 204 GLU A N   1 
ATOM   600  C CA  . GLU A 1 78  ? 18.963  -0.803  6.471   1.00 66.17 ? 204 GLU A CA  1 
ATOM   601  C C   . GLU A 1 78  ? 20.404  -0.307  6.633   1.00 72.31 ? 204 GLU A C   1 
ATOM   602  O O   . GLU A 1 78  ? 20.638  0.689   7.315   1.00 72.33 ? 204 GLU A O   1 
ATOM   603  C CB  . GLU A 1 78  ? 18.463  -1.464  7.756   1.00 64.96 ? 204 GLU A CB  1 
ATOM   604  C CG  . GLU A 1 78  ? 17.746  -0.476  8.680   1.00 74.32 ? 204 GLU A CG  1 
ATOM   605  C CD  . GLU A 1 78  ? 16.679  0.366   7.963   1.00 68.26 ? 204 GLU A CD  1 
ATOM   606  O OE1 . GLU A 1 78  ? 15.602  -0.184  7.649   1.00 59.14 ? 204 GLU A OE1 1 
ATOM   607  O OE2 . GLU A 1 78  ? 16.915  1.576   7.729   1.00 71.37 ? 204 GLU A OE2 1 
ATOM   608  N N   . LYS A 1 79  ? 21.360  -0.981  5.992   1.00 71.98 ? 205 LYS A N   1 
ATOM   609  C CA  . LYS A 1 79  ? 22.751  -0.517  5.997   1.00 72.89 ? 205 LYS A CA  1 
ATOM   610  C C   . LYS A 1 79  ? 22.984  0.545   4.928   1.00 72.63 ? 205 LYS A C   1 
ATOM   611  O O   . LYS A 1 79  ? 23.789  1.465   5.101   1.00 74.27 ? 205 LYS A O   1 
ATOM   612  C CB  . LYS A 1 79  ? 23.723  -1.678  5.783   1.00 72.54 ? 205 LYS A CB  1 
ATOM   613  C CG  . LYS A 1 79  ? 23.802  -2.648  6.946   1.00 76.78 ? 205 LYS A CG  1 
ATOM   614  C CD  . LYS A 1 79  ? 23.381  -4.050  6.529   1.00 81.60 ? 205 LYS A CD  1 
ATOM   615  C CE  . LYS A 1 79  ? 23.668  -5.063  7.635   1.00 86.51 ? 205 LYS A CE  1 
ATOM   616  N NZ  . LYS A 1 79  ? 23.482  -6.475  7.177   1.00 87.93 ? 205 LYS A NZ  1 
ATOM   617  N N   . GLY A 1 80  ? 22.271  0.408   3.819   1.00 70.79 ? 206 GLY A N   1 
ATOM   618  C CA  . GLY A 1 80  ? 22.421  1.315   2.701   1.00 70.39 ? 206 GLY A CA  1 
ATOM   619  C C   . GLY A 1 80  ? 22.916  0.568   1.480   1.00 68.43 ? 206 GLY A C   1 
ATOM   620  O O   . GLY A 1 80  ? 23.248  1.183   0.472   1.00 69.31 ? 206 GLY A O   1 
ATOM   621  N N   . GLU A 1 81  ? 22.957  -0.762  1.580   1.00 69.38 ? 207 GLU A N   1 
ATOM   622  C CA  . GLU A 1 81  ? 23.373  -1.650  0.487   1.00 69.25 ? 207 GLU A CA  1 
ATOM   623  C C   . GLU A 1 81  ? 22.213  -1.937  -0.474  1.00 69.80 ? 207 GLU A C   1 
ATOM   624  O O   . GLU A 1 81  ? 21.130  -2.303  -0.025  1.00 66.41 ? 207 GLU A O   1 
ATOM   625  C CB  . GLU A 1 81  ? 23.882  -2.971  1.058   1.00 70.92 ? 207 GLU A CB  1 
ATOM   626  C CG  . GLU A 1 81  ? 24.414  -2.857  2.479   1.00 77.54 ? 207 GLU A CG  1 
ATOM   627  C CD  . GLU A 1 81  ? 25.052  -4.149  2.974   1.00 87.61 ? 207 GLU A CD  1 
ATOM   628  O OE1 . GLU A 1 81  ? 24.633  -5.234  2.500   1.00 87.15 ? 207 GLU A OE1 1 
ATOM   629  O OE2 . GLU A 1 81  ? 25.957  -4.079  3.842   1.00 87.32 ? 207 GLU A OE2 1 
ATOM   630  N N   . LYS A 1 82  ? 22.425  -1.797  -1.782  1.00 67.91 ? 208 LYS A N   1 
ATOM   631  C CA  . LYS A 1 82  ? 21.354  -2.099  -2.732  1.00 63.75 ? 208 LYS A CA  1 
ATOM   632  C C   . LYS A 1 82  ? 21.070  -3.594  -2.788  1.00 64.64 ? 208 LYS A C   1 
ATOM   633  O O   . LYS A 1 82  ? 21.966  -4.398  -3.036  1.00 65.76 ? 208 LYS A O   1 
ATOM   634  C CB  . LYS A 1 82  ? 21.681  -1.560  -4.128  1.00 65.57 ? 208 LYS A CB  1 
ATOM   635  C CG  . LYS A 1 82  ? 21.579  -0.036  -4.205  1.00 68.40 ? 208 LYS A CG  1 
ATOM   636  C CD  . LYS A 1 82  ? 21.083  0.443   -5.563  1.00 70.92 ? 208 LYS A CD  1 
ATOM   637  C CE  . LYS A 1 82  ? 20.849  1.952   -5.547  1.00 70.87 ? 208 LYS A CE  1 
ATOM   638  N NZ  . LYS A 1 82  ? 20.310  2.470   -6.843  1.00 78.74 ? 208 LYS A NZ  1 
ATOM   639  N N   . VAL A 1 83  ? 19.806  -3.944  -2.555  1.00 61.08 ? 209 VAL A N   1 
ATOM   640  C CA  . VAL A 1 83  ? 19.362  -5.331  -2.416  1.00 59.00 ? 209 VAL A CA  1 
ATOM   641  C C   . VAL A 1 83  ? 19.151  -6.027  -3.763  1.00 60.76 ? 209 VAL A C   1 
ATOM   642  O O   . VAL A 1 83  ? 19.057  -5.359  -4.797  1.00 58.49 ? 209 VAL A O   1 
ATOM   643  C CB  . VAL A 1 83  ? 18.062  -5.383  -1.619  1.00 61.83 ? 209 VAL A CB  1 
ATOM   644  C CG1 . VAL A 1 83  ? 18.271  -4.749  -0.239  1.00 62.57 ? 209 VAL A CG1 1 
ATOM   645  C CG2 . VAL A 1 83  ? 16.957  -4.669  -2.399  1.00 61.98 ? 209 VAL A CG2 1 
ATOM   646  N N   . PRO A 1 84  ? 19.084  -7.375  -3.763  1.00 56.60 ? 210 PRO A N   1 
ATOM   647  C CA  . PRO A 1 84  ? 18.862  -8.084  -5.035  1.00 63.17 ? 210 PRO A CA  1 
ATOM   648  C C   . PRO A 1 84  ? 17.568  -7.671  -5.739  1.00 64.62 ? 210 PRO A C   1 
ATOM   649  O O   . PRO A 1 84  ? 16.582  -7.329  -5.084  1.00 61.20 ? 210 PRO A O   1 
ATOM   650  C CB  . PRO A 1 84  ? 18.810  -9.567  -4.623  1.00 58.85 ? 210 PRO A CB  1 
ATOM   651  C CG  . PRO A 1 84  ? 18.713  -9.574  -3.134  1.00 61.70 ? 210 PRO A CG  1 
ATOM   652  C CD  . PRO A 1 84  ? 19.356  -8.310  -2.661  1.00 58.66 ? 210 PRO A CD  1 
ATOM   653  N N   . LYS A 1 85  ? 17.593  -7.675  -7.068  1.00 63.40 ? 211 LYS A N   1 
ATOM   654  C CA  . LYS A 1 85  ? 16.413  -7.323  -7.835  1.00 61.70 ? 211 LYS A CA  1 
ATOM   655  C C   . LYS A 1 85  ? 15.326  -8.347  -7.552  1.00 58.99 ? 211 LYS A C   1 
ATOM   656  O O   . LYS A 1 85  ? 15.614  -9.482  -7.175  1.00 58.55 ? 211 LYS A O   1 
ATOM   657  C CB  . LYS A 1 85  ? 16.718  -7.254  -9.338  1.00 60.87 ? 211 LYS A CB  1 
ATOM   658  C CG  . LYS A 1 85  ? 16.987  -8.598  -10.012 1.00 61.86 ? 211 LYS A CG  1 
ATOM   659  C CD  . LYS A 1 85  ? 17.424  -8.422  -11.481 1.00 62.94 ? 211 LYS A CD  1 
ATOM   660  C CE  . LYS A 1 85  ? 16.248  -8.502  -12.452 1.00 63.70 ? 211 LYS A CE  1 
ATOM   661  N NZ  . LYS A 1 85  ? 16.669  -8.463  -13.900 1.00 63.26 ? 211 LYS A NZ  1 
ATOM   662  N N   . GLY A 1 86  ? 14.074  -7.939  -7.722  1.00 56.91 ? 212 GLY A N   1 
ATOM   663  C CA  . GLY A 1 86  ? 12.965  -8.851  -7.535  1.00 57.45 ? 212 GLY A CA  1 
ATOM   664  C C   . GLY A 1 86  ? 11.729  -8.186  -6.983  1.00 53.63 ? 212 GLY A C   1 
ATOM   665  O O   . GLY A 1 86  ? 11.628  -6.952  -6.966  1.00 51.10 ? 212 GLY A O   1 
ATOM   666  N N   . ASN A 1 87  ? 10.785  -9.015  -6.552  1.00 55.92 ? 213 ASN A N   1 
ATOM   667  C CA  . ASN A 1 87  ? 9.555   -8.526  -5.958  1.00 57.95 ? 213 ASN A CA  1 
ATOM   668  C C   . ASN A 1 87  ? 9.673   -8.301  -4.460  1.00 51.93 ? 213 ASN A C   1 
ATOM   669  O O   . ASN A 1 87  ? 10.038  -9.203  -3.707  1.00 49.07 ? 213 ASN A O   1 
ATOM   670  C CB  . ASN A 1 87  ? 8.401   -9.489  -6.210  1.00 55.87 ? 213 ASN A CB  1 
ATOM   671  C CG  . ASN A 1 87  ? 7.211   -8.804  -6.849  1.00 66.84 ? 213 ASN A CG  1 
ATOM   672  O OD1 . ASN A 1 87  ? 7.377   -7.934  -7.706  1.00 70.05 ? 213 ASN A OD1 1 
ATOM   673  N ND2 . ASN A 1 87  ? 6.007   -9.096  -6.339  1.00 64.10 ? 213 ASN A ND2 1 
ATOM   674  N N   . TYR A 1 88  ? 9.346   -7.089  -4.038  1.00 48.89 ? 214 TYR A N   1 
ATOM   675  C CA  . TYR A 1 88  ? 9.306   -6.753  -2.621  1.00 46.47 ? 214 TYR A CA  1 
ATOM   676  C C   . TYR A 1 88  ? 7.896   -6.424  -2.135  1.00 45.20 ? 214 TYR A C   1 
ATOM   677  O O   . TYR A 1 88  ? 7.198   -5.590  -2.721  1.00 44.84 ? 214 TYR A O   1 
ATOM   678  C CB  . TYR A 1 88  ? 10.252  -5.594  -2.358  1.00 45.49 ? 214 TYR A CB  1 
ATOM   679  C CG  . TYR A 1 88  ? 11.677  -6.050  -2.428  1.00 48.00 ? 214 TYR A CG  1 
ATOM   680  C CD1 . TYR A 1 88  ? 12.331  -6.176  -3.654  1.00 48.75 ? 214 TYR A CD1 1 
ATOM   681  C CD2 . TYR A 1 88  ? 12.362  -6.398  -1.276  1.00 48.78 ? 214 TYR A CD2 1 
ATOM   682  C CE1 . TYR A 1 88  ? 13.643  -6.612  -3.721  1.00 54.98 ? 214 TYR A CE1 1 
ATOM   683  C CE2 . TYR A 1 88  ? 13.667  -6.837  -1.327  1.00 53.64 ? 214 TYR A CE2 1 
ATOM   684  C CZ  . TYR A 1 88  ? 14.307  -6.942  -2.547  1.00 58.97 ? 214 TYR A CZ  1 
ATOM   685  O OH  . TYR A 1 88  ? 15.606  -7.386  -2.576  1.00 62.96 ? 214 TYR A OH  1 
ATOM   686  N N   . LYS A 1 89  ? 7.484   -7.099  -1.068  1.00 41.92 ? 215 LYS A N   1 
ATOM   687  C CA  . LYS A 1 89  ? 6.214   -6.816  -0.395  1.00 45.06 ? 215 LYS A CA  1 
ATOM   688  C C   . LYS A 1 89  ? 6.321   -5.566  0.471   1.00 45.41 ? 215 LYS A C   1 
ATOM   689  O O   . LYS A 1 89  ? 7.233   -5.442  1.296   1.00 42.12 ? 215 LYS A O   1 
ATOM   690  C CB  . LYS A 1 89  ? 5.781   -8.000  0.476   1.00 44.10 ? 215 LYS A CB  1 
ATOM   691  C CG  . LYS A 1 89  ? 5.678   -9.308  -0.269  1.00 51.73 ? 215 LYS A CG  1 
ATOM   692  C CD  . LYS A 1 89  ? 5.445   -10.471 0.681   1.00 54.49 ? 215 LYS A CD  1 
ATOM   693  C CE  . LYS A 1 89  ? 5.465   -11.808 -0.060  1.00 65.23 ? 215 LYS A CE  1 
ATOM   694  N NZ  . LYS A 1 89  ? 5.073   -12.959 0.815   1.00 67.10 ? 215 LYS A NZ  1 
ATOM   695  N N   . ILE A 1 90  ? 5.383   -4.645  0.291   1.00 41.11 ? 216 ILE A N   1 
ATOM   696  C CA  . ILE A 1 90  ? 5.380   -3.408  1.054   1.00 41.57 ? 216 ILE A CA  1 
ATOM   697  C C   . ILE A 1 90  ? 4.100   -3.300  1.881   1.00 43.62 ? 216 ILE A C   1 
ATOM   698  O O   . ILE A 1 90  ? 2.989   -3.424  1.343   1.00 39.39 ? 216 ILE A O   1 
ATOM   699  C CB  . ILE A 1 90  ? 5.518   -2.184  0.137   1.00 39.63 ? 216 ILE A CB  1 
ATOM   700  C CG1 . ILE A 1 90  ? 6.808   -2.292  -0.684  1.00 43.73 ? 216 ILE A CG1 1 
ATOM   701  C CG2 . ILE A 1 90  ? 5.512   -0.909  0.961   1.00 39.02 ? 216 ILE A CG2 1 
ATOM   702  C CD1 . ILE A 1 90  ? 7.024   -1.152  -1.646  1.00 42.53 ? 216 ILE A CD1 1 
ATOM   703  N N   . LYS A 1 91  ? 4.275   -3.125  3.193   1.00 37.12 ? 217 LYS A N   1 
ATOM   704  C CA  . LYS A 1 91  ? 3.184   -3.006  4.162   1.00 38.24 ? 217 LYS A CA  1 
ATOM   705  C C   . LYS A 1 91  ? 3.447   -1.808  5.056   1.00 42.50 ? 217 LYS A C   1 
ATOM   706  O O   . LYS A 1 91  ? 4.531   -1.222  5.017   1.00 43.90 ? 217 LYS A O   1 
ATOM   707  C CB  . LYS A 1 91  ? 3.052   -4.244  5.042   1.00 37.79 ? 217 LYS A CB  1 
ATOM   708  C CG  . LYS A 1 91  ? 3.158   -5.552  4.322   1.00 52.22 ? 217 LYS A CG  1 
ATOM   709  C CD  . LYS A 1 91  ? 2.803   -6.715  5.236   1.00 57.87 ? 217 LYS A CD  1 
ATOM   710  C CE  . LYS A 1 91  ? 3.697   -6.784  6.457   1.00 59.17 ? 217 LYS A CE  1 
ATOM   711  N NZ  . LYS A 1 91  ? 3.556   -8.138  7.093   1.00 68.84 ? 217 LYS A NZ  1 
ATOM   712  N N   . ALA A 1 92  ? 2.469   -1.459  5.884   1.00 38.03 ? 218 ALA A N   1 
ATOM   713  C CA  . ALA A 1 92  ? 2.642   -0.369  6.828   1.00 39.50 ? 218 ALA A CA  1 
ATOM   714  C C   . ALA A 1 92  ? 1.800   -0.597  8.076   1.00 38.07 ? 218 ALA A C   1 
ATOM   715  O O   . ALA A 1 92  ? 0.786   -1.290  8.047   1.00 36.88 ? 218 ALA A O   1 
ATOM   716  C CB  . ALA A 1 92  ? 2.284   0.972   6.186   1.00 33.40 ? 218 ALA A CB  1 
ATOM   717  N N   . GLU A 1 93  ? 2.236   0.009   9.168   1.00 38.11 ? 219 GLU A N   1 
ATOM   718  C CA  . GLU A 1 93  ? 1.500   -0.012  10.417  1.00 40.63 ? 219 GLU A CA  1 
ATOM   719  C C   . GLU A 1 93  ? 1.405   1.410   10.905  1.00 39.61 ? 219 GLU A C   1 
ATOM   720  O O   . GLU A 1 93  ? 2.376   2.152   10.800  1.00 37.80 ? 219 GLU A O   1 
ATOM   721  C CB  . GLU A 1 93  ? 2.198   -0.890  11.449  1.00 39.26 ? 219 GLU A CB  1 
ATOM   722  C CG  . GLU A 1 93  ? 2.072   -2.369  11.160  1.00 49.85 ? 219 GLU A CG  1 
ATOM   723  C CD  . GLU A 1 93  ? 2.401   -3.200  12.372  1.00 56.61 ? 219 GLU A CD  1 
ATOM   724  O OE1 . GLU A 1 93  ? 3.460   -2.929  12.988  1.00 64.28 ? 219 GLU A OE1 1 
ATOM   725  O OE2 . GLU A 1 93  ? 1.586   -4.086  12.733  1.00 59.46 ? 219 GLU A OE2 1 
ATOM   726  N N   . TYR A 1 94  ? 0.251   1.788   11.450  1.00 37.74 ? 220 TYR A N   1 
ATOM   727  C CA  . TYR A 1 94  ? 0.070   3.150   11.934  1.00 37.10 ? 220 TYR A CA  1 
ATOM   728  C C   . TYR A 1 94  ? -1.114  3.212   12.898  1.00 37.60 ? 220 TYR A C   1 
ATOM   729  O O   . TYR A 1 94  ? -1.961  2.310   12.904  1.00 35.38 ? 220 TYR A O   1 
ATOM   730  C CB  . TYR A 1 94  ? -0.130  4.116   10.762  1.00 36.47 ? 220 TYR A CB  1 
ATOM   731  C CG  . TYR A 1 94  ? -1.450  3.912   10.048  1.00 37.55 ? 220 TYR A CG  1 
ATOM   732  C CD1 . TYR A 1 94  ? -1.690  2.764   9.297   1.00 36.92 ? 220 TYR A CD1 1 
ATOM   733  C CD2 . TYR A 1 94  ? -2.464  4.855   10.137  1.00 36.43 ? 220 TYR A CD2 1 
ATOM   734  C CE1 . TYR A 1 94  ? -2.902  2.565   8.651   1.00 36.00 ? 220 TYR A CE1 1 
ATOM   735  C CE2 . TYR A 1 94  ? -3.678  4.666   9.486   1.00 33.74 ? 220 TYR A CE2 1 
ATOM   736  C CZ  . TYR A 1 94  ? -3.894  3.521   8.754   1.00 36.27 ? 220 TYR A CZ  1 
ATOM   737  O OH  . TYR A 1 94  ? -5.105  3.322   8.121   1.00 34.07 ? 220 TYR A OH  1 
ATOM   738  N N   . ASN A 1 95  ? -1.123  4.250   13.737  1.00 37.17 ? 221 ASN A N   1 
ATOM   739  C CA  . ASN A 1 95  ? -2.197  4.505   14.700  1.00 37.07 ? 221 ASN A CA  1 
ATOM   740  C C   . ASN A 1 95  ? -2.420  3.366   15.673  1.00 34.31 ? 221 ASN A C   1 
ATOM   741  O O   . ASN A 1 95  ? -3.443  2.707   15.632  1.00 36.61 ? 221 ASN A O   1 
ATOM   742  C CB  . ASN A 1 95  ? -3.499  4.824   13.962  1.00 34.14 ? 221 ASN A CB  1 
ATOM   743  C CG  . ASN A 1 95  ? -3.426  6.142   13.222  1.00 34.15 ? 221 ASN A CG  1 
ATOM   744  O OD1 . ASN A 1 95  ? -2.363  6.751   13.158  1.00 36.18 ? 221 ASN A OD1 1 
ATOM   745  N ND2 . ASN A 1 95  ? -4.547  6.592   12.668  1.00 35.26 ? 221 ASN A ND2 1 
ATOM   746  N N   . LEU A 1 96  ? -1.445  3.141   16.541  1.00 38.28 ? 222 LEU A N   1 
ATOM   747  C CA  . LEU A 1 96  ? -1.539  2.124   17.582  1.00 41.15 ? 222 LEU A CA  1 
ATOM   748  C C   . LEU A 1 96  ? -2.748  2.397   18.463  1.00 43.92 ? 222 LEU A C   1 
ATOM   749  O O   . LEU A 1 96  ? -2.953  3.529   18.907  1.00 41.15 ? 222 LEU A O   1 
ATOM   750  C CB  . LEU A 1 96  ? -0.262  2.111   18.421  1.00 39.30 ? 222 LEU A CB  1 
ATOM   751  C CG  . LEU A 1 96  ? -0.268  1.342   19.735  1.00 44.05 ? 222 LEU A CG  1 
ATOM   752  C CD1 . LEU A 1 96  ? -0.331  -0.147  19.453  1.00 46.73 ? 222 LEU A CD1 1 
ATOM   753  C CD2 . LEU A 1 96  ? 0.975   1.677   20.561  1.00 41.15 ? 222 LEU A CD2 1 
ATOM   754  N N   . ASP A 1 97  ? -3.565  1.377   18.693  1.00 44.75 ? 223 ASP A N   1 
ATOM   755  C CA  . ASP A 1 97  ? -4.747  1.558   19.523  1.00 47.10 ? 223 ASP A CA  1 
ATOM   756  C C   . ASP A 1 97  ? -4.455  1.233   20.994  1.00 48.47 ? 223 ASP A C   1 
ATOM   757  O O   . ASP A 1 97  ? -3.822  0.231   21.298  1.00 48.66 ? 223 ASP A O   1 
ATOM   758  C CB  . ASP A 1 97  ? -5.900  0.703   19.006  1.00 47.00 ? 223 ASP A CB  1 
ATOM   759  C CG  . ASP A 1 97  ? -7.166  0.865   19.843  1.00 49.48 ? 223 ASP A CG  1 
ATOM   760  O OD1 . ASP A 1 97  ? -7.908  1.840   19.627  1.00 49.46 ? 223 ASP A OD1 1 
ATOM   761  O OD2 . ASP A 1 97  ? -7.408  0.023   20.722  1.00 49.48 ? 223 ASP A OD2 1 
ATOM   762  N N   . SER A 1 98  ? -4.916  2.091   21.901  1.00 48.26 ? 224 SER A N   1 
ATOM   763  C CA  . SER A 1 98  ? -4.653  1.931   23.338  1.00 48.63 ? 224 SER A CA  1 
ATOM   764  C C   . SER A 1 98  ? -5.188  0.624   23.914  1.00 53.14 ? 224 SER A C   1 
ATOM   765  O O   . SER A 1 98  ? -4.503  -0.058  24.694  1.00 54.97 ? 224 SER A O   1 
ATOM   766  C CB  . SER A 1 98  ? -5.257  3.099   24.121  1.00 46.93 ? 224 SER A CB  1 
ATOM   767  O OG  . SER A 1 98  ? -5.256  2.814   25.508  1.00 52.82 ? 224 SER A OG  1 
ATOM   768  N N   . HIS A 1 99  ? -6.416  0.288   23.532  1.00 48.66 ? 225 HIS A N   1 
ATOM   769  C CA  . HIS A 1 99  ? -7.112  -0.861  24.086  1.00 52.57 ? 225 HIS A CA  1 
ATOM   770  C C   . HIS A 1 99  ? -6.555  -2.195  23.557  1.00 55.74 ? 225 HIS A C   1 
ATOM   771  O O   . HIS A 1 99  ? -6.067  -3.021  24.331  1.00 56.56 ? 225 HIS A O   1 
ATOM   772  C CB  . HIS A 1 99  ? -8.612  -0.747  23.788  1.00 54.93 ? 225 HIS A CB  1 
ATOM   773  C CG  . HIS A 1 99  ? -9.419  -1.914  24.259  1.00 68.02 ? 225 HIS A CG  1 
ATOM   774  N ND1 . HIS A 1 99  ? -9.621  -2.191  25.600  1.00 70.17 ? 225 HIS A ND1 1 
ATOM   775  C CD2 . HIS A 1 99  ? -10.079 -2.887  23.583  1.00 68.67 ? 225 HIS A CD2 1 
ATOM   776  C CE1 . HIS A 1 99  ? -10.369 -3.276  25.721  1.00 68.43 ? 225 HIS A CE1 1 
ATOM   777  N NE2 . HIS A 1 99  ? -10.658 -3.714  24.501  1.00 70.58 ? 225 HIS A NE2 1 
ATOM   778  N N   . SER A 1 100 ? -6.623  -2.393  22.242  1.00 53.57 ? 226 SER A N   1 
ATOM   779  C CA  . SER A 1 100 ? -6.176  -3.639  21.617  1.00 47.87 ? 226 SER A CA  1 
ATOM   780  C C   . SER A 1 100 ? -4.655  -3.787  21.607  1.00 51.59 ? 226 SER A C   1 
ATOM   781  O O   . SER A 1 100 ? -4.127  -4.881  21.393  1.00 51.89 ? 226 SER A O   1 
ATOM   782  C CB  . SER A 1 100 ? -6.690  -3.719  20.190  1.00 47.42 ? 226 SER A CB  1 
ATOM   783  O OG  . SER A 1 100 ? -5.996  -2.800  19.365  1.00 51.19 ? 226 SER A OG  1 
ATOM   784  N N   . LYS A 1 101 ? -3.959  -2.673  21.814  1.00 50.90 ? 227 LYS A N   1 
ATOM   785  C CA  . LYS A 1 101 ? -2.502  -2.613  21.720  1.00 52.84 ? 227 LYS A CA  1 
ATOM   786  C C   . LYS A 1 101 ? -2.011  -3.061  20.332  1.00 50.83 ? 227 LYS A C   1 
ATOM   787  O O   . LYS A 1 101 ? -0.878  -3.536  20.180  1.00 52.22 ? 227 LYS A O   1 
ATOM   788  C CB  . LYS A 1 101 ? -1.865  -3.438  22.845  1.00 54.68 ? 227 LYS A CB  1 
ATOM   789  C CG  . LYS A 1 101 ? -2.228  -2.903  24.240  1.00 57.30 ? 227 LYS A CG  1 
ATOM   790  C CD  . LYS A 1 101 ? -1.485  -3.617  25.371  1.00 63.33 ? 227 LYS A CD  1 
ATOM   791  C CE  . LYS A 1 101 ? -1.558  -2.820  26.694  1.00 70.23 ? 227 LYS A CE  1 
ATOM   792  N NZ  . LYS A 1 101 ? -0.622  -1.630  26.762  1.00 59.65 ? 227 LYS A NZ  1 
ATOM   793  N N   . GLN A 1 102 ? -2.867  -2.867  19.327  1.00 46.83 ? 228 GLN A N   1 
ATOM   794  C CA  . GLN A 1 102 ? -2.546  -3.178  17.934  1.00 45.15 ? 228 GLN A CA  1 
ATOM   795  C C   . GLN A 1 102 ? -2.605  -1.968  16.982  1.00 43.88 ? 228 GLN A C   1 
ATOM   796  O O   . GLN A 1 102 ? -3.405  -1.057  17.172  1.00 43.04 ? 228 GLN A O   1 
ATOM   797  C CB  . GLN A 1 102 ? -3.491  -4.257  17.433  1.00 48.92 ? 228 GLN A CB  1 
ATOM   798  C CG  . GLN A 1 102 ? -3.260  -5.605  18.093  1.00 55.32 ? 228 GLN A CG  1 
ATOM   799  C CD  . GLN A 1 102 ? -4.130  -6.681  17.492  1.00 63.56 ? 228 GLN A CD  1 
ATOM   800  O OE1 . GLN A 1 102 ? -5.251  -6.410  17.034  1.00 60.04 ? 228 GLN A OE1 1 
ATOM   801  N NE2 . GLN A 1 102 ? -3.616  -7.913  17.468  1.00 65.32 ? 228 GLN A NE2 1 
ATOM   802  N N   . TYR A 1 103 ? -1.768  -1.984  15.946  1.00 45.91 ? 229 TYR A N   1 
ATOM   803  C CA  . TYR A 1 103 ? -1.780  -0.951  14.908  1.00 37.93 ? 229 TYR A CA  1 
ATOM   804  C C   . TYR A 1 103 ? -2.797  -1.245  13.808  1.00 39.52 ? 229 TYR A C   1 
ATOM   805  O O   . TYR A 1 103 ? -3.041  -2.400  13.494  1.00 38.78 ? 229 TYR A O   1 
ATOM   806  C CB  . TYR A 1 103 ? -0.406  -0.839  14.243  1.00 39.93 ? 229 TYR A CB  1 
ATOM   807  C CG  . TYR A 1 103 ? 0.711   -0.249  15.061  1.00 43.23 ? 229 TYR A CG  1 
ATOM   808  C CD1 . TYR A 1 103 ? 1.477   -1.047  15.926  1.00 45.01 ? 229 TYR A CD1 1 
ATOM   809  C CD2 . TYR A 1 103 ? 1.042   1.088   14.940  1.00 39.09 ? 229 TYR A CD2 1 
ATOM   810  C CE1 . TYR A 1 103 ? 2.528   -0.506  16.663  1.00 42.19 ? 229 TYR A CE1 1 
ATOM   811  C CE2 . TYR A 1 103 ? 2.091   1.634   15.667  1.00 41.65 ? 229 TYR A CE2 1 
ATOM   812  C CZ  . TYR A 1 103 ? 2.826   0.842   16.525  1.00 38.25 ? 229 TYR A CZ  1 
ATOM   813  O OH  . TYR A 1 103 ? 3.862   1.417   17.226  1.00 42.04 ? 229 TYR A OH  1 
ATOM   814  N N   . LEU A 1 104 ? -3.355  -0.205  13.195  1.00 38.28 ? 230 LEU A N   1 
ATOM   815  C CA  . LEU A 1 104 ? -4.027  -0.380  11.909  1.00 35.55 ? 230 LEU A CA  1 
ATOM   816  C C   . LEU A 1 104 ? -3.007  -0.843  10.868  1.00 38.89 ? 230 LEU A C   1 
ATOM   817  O O   . LEU A 1 104 ? -1.810  -0.582  10.996  1.00 35.10 ? 230 LEU A O   1 
ATOM   818  C CB  . LEU A 1 104 ? -4.679  0.907   11.440  1.00 36.72 ? 230 LEU A CB  1 
ATOM   819  C CG  . LEU A 1 104 ? -5.778  1.514   12.316  1.00 40.63 ? 230 LEU A CG  1 
ATOM   820  C CD1 . LEU A 1 104 ? -6.365  2.767   11.638  1.00 36.35 ? 230 LEU A CD1 1 
ATOM   821  C CD2 . LEU A 1 104 ? -6.862  0.471   12.583  1.00 38.80 ? 230 LEU A CD2 1 
ATOM   822  N N   . GLN A 1 105 ? -3.473  -1.528  9.834   1.00 36.42 ? 231 GLN A N   1 
ATOM   823  C CA  . GLN A 1 105 ? -2.565  -1.975  8.787   1.00 39.25 ? 231 GLN A CA  1 
ATOM   824  C C   . GLN A 1 105 ? -2.993  -1.520  7.414   1.00 37.11 ? 231 GLN A C   1 
ATOM   825  O O   . GLN A 1 105 ? -4.173  -1.302  7.156   1.00 35.27 ? 231 GLN A O   1 
ATOM   826  C CB  . GLN A 1 105 ? -2.458  -3.490  8.796   1.00 39.11 ? 231 GLN A CB  1 
ATOM   827  C CG  . GLN A 1 105 ? -2.156  -4.024  10.173  1.00 44.90 ? 231 GLN A CG  1 
ATOM   828  C CD  . GLN A 1 105 ? -1.532  -5.385  10.120  1.00 58.08 ? 231 GLN A CD  1 
ATOM   829  O OE1 . GLN A 1 105 ? -2.135  -6.338  9.620   1.00 68.68 ? 231 GLN A OE1 1 
ATOM   830  N NE2 . GLN A 1 105 ? -0.302  -5.489  10.613  1.00 65.45 ? 231 GLN A NE2 1 
ATOM   831  N N   . THR A 1 106 ? -2.014  -1.388  6.531   1.00 39.23 ? 232 THR A N   1 
ATOM   832  C CA  . THR A 1 106 ? -2.290  -1.249  5.114   1.00 36.41 ? 232 THR A CA  1 
ATOM   833  C C   . THR A 1 106 ? -1.120  -1.823  4.324   1.00 38.15 ? 232 THR A C   1 
ATOM   834  O O   . THR A 1 106 ? -0.148  -2.308  4.902   1.00 34.51 ? 232 THR A O   1 
ATOM   835  C CB  . THR A 1 106 ? -2.556  0.222   4.723   1.00 32.21 ? 232 THR A CB  1 
ATOM   836  O OG1 . THR A 1 106 ? -3.079  0.270   3.387   1.00 34.75 ? 232 THR A OG1 1 
ATOM   837  C CG2 . THR A 1 106 ? -1.289  1.051   4.819   1.00 30.96 ? 232 THR A CG2 1 
ATOM   838  N N   . ARG A 1 107 ? -1.230  -1.798  3.002   1.00 36.05 ? 233 ARG A N   1 
ATOM   839  C CA  . ARG A 1 107 ? -0.277  -2.495  2.150   1.00 37.98 ? 233 ARG A CA  1 
ATOM   840  C C   . ARG A 1 107 ? -0.535  -2.050  0.738   1.00 40.70 ? 233 ARG A C   1 
ATOM   841  O O   . ARG A 1 107 ? -1.614  -1.522  0.436   1.00 33.45 ? 233 ARG A O   1 
ATOM   842  C CB  . ARG A 1 107 ? -0.437  -4.018  2.248   1.00 37.00 ? 233 ARG A CB  1 
ATOM   843  C CG  . ARG A 1 107 ? -1.837  -4.481  1.832   1.00 41.00 ? 233 ARG A CG  1 
ATOM   844  C CD  . ARG A 1 107 ? -1.864  -5.939  1.413   1.00 39.73 ? 233 ARG A CD  1 
ATOM   845  N NE  . ARG A 1 107 ? -3.212  -6.427  1.123   1.00 38.85 ? 233 ARG A NE  1 
ATOM   846  C CZ  . ARG A 1 107 ? -3.679  -6.683  -0.099  1.00 38.99 ? 233 ARG A CZ  1 
ATOM   847  N NH1 . ARG A 1 107 ? -2.913  -6.486  -1.166  1.00 37.64 ? 233 ARG A NH1 1 
ATOM   848  N NH2 . ARG A 1 107 ? -4.919  -7.134  -0.257  1.00 35.08 ? 233 ARG A NH2 1 
ATOM   849  N N   . ILE A 1 108 ? 0.453   -2.256  -0.120  1.00 38.82 ? 234 ILE A N   1 
ATOM   850  C CA  . ILE A 1 108 ? 0.277   -2.071  -1.549  1.00 41.91 ? 234 ILE A CA  1 
ATOM   851  C C   . ILE A 1 108 ? -0.860  -2.952  -2.081  1.00 38.86 ? 234 ILE A C   1 
ATOM   852  O O   . ILE A 1 108 ? -0.990  -4.112  -1.687  1.00 38.75 ? 234 ILE A O   1 
ATOM   853  C CB  . ILE A 1 108 ? 1.582   -2.400  -2.293  1.00 46.10 ? 234 ILE A CB  1 
ATOM   854  C CG1 . ILE A 1 108 ? 2.560   -1.241  -2.154  1.00 45.61 ? 234 ILE A CG1 1 
ATOM   855  C CG2 . ILE A 1 108 ? 1.333   -2.675  -3.777  1.00 49.92 ? 234 ILE A CG2 1 
ATOM   856  C CD1 . ILE A 1 108 ? 3.739   -1.363  -3.098  1.00 53.95 ? 234 ILE A CD1 1 
ATOM   857  N N   . GLY A 1 109 ? -1.683  -2.419  -2.978  1.00 38.89 ? 235 GLY A N   1 
ATOM   858  C CA  . GLY A 1 109 ? -2.689  -3.247  -3.635  1.00 36.65 ? 235 GLY A CA  1 
ATOM   859  C C   . GLY A 1 109 ? -4.035  -3.304  -2.928  1.00 36.81 ? 235 GLY A C   1 
ATOM   860  O O   . GLY A 1 109 ? -4.811  -4.238  -3.124  1.00 34.12 ? 235 GLY A O   1 
ATOM   861  N N   . ARG A 1 110 ? -4.314  -2.304  -2.094  1.00 33.25 ? 236 ARG A N   1 
ATOM   862  C CA  . ARG A 1 110 ? -5.642  -2.142  -1.520  1.00 33.84 ? 236 ARG A CA  1 
ATOM   863  C C   . ARG A 1 110 ? -5.938  -0.659  -1.391  1.00 32.56 ? 236 ARG A C   1 
ATOM   864  O O   . ARG A 1 110 ? -5.029  0.156   -1.309  1.00 34.07 ? 236 ARG A O   1 
ATOM   865  C CB  . ARG A 1 110 ? -5.751  -2.831  -0.151  1.00 32.29 ? 236 ARG A CB  1 
ATOM   866  C CG  . ARG A 1 110 ? -4.856  -2.199  0.939   1.00 32.55 ? 236 ARG A CG  1 
ATOM   867  C CD  . ARG A 1 110 ? -5.188  -2.742  2.333   1.00 31.37 ? 236 ARG A CD  1 
ATOM   868  N NE  . ARG A 1 110 ? -6.537  -2.386  2.769   1.00 33.18 ? 236 ARG A NE  1 
ATOM   869  C CZ  . ARG A 1 110 ? -6.846  -1.229  3.352   1.00 33.76 ? 236 ARG A CZ  1 
ATOM   870  N NH1 . ARG A 1 110 ? -5.906  -0.316  3.558   1.00 33.54 ? 236 ARG A NH1 1 
ATOM   871  N NH2 . ARG A 1 110 ? -8.093  -0.968  3.712   1.00 30.77 ? 236 ARG A NH2 1 
ATOM   872  N N   . GLY A 1 111 ? -7.211  -0.304  -1.371  1.00 35.52 ? 237 GLY A N   1 
ATOM   873  C CA  . GLY A 1 111 ? -7.576  1.081   -1.177  1.00 33.56 ? 237 GLY A CA  1 
ATOM   874  C C   . GLY A 1 111 ? -8.855  1.425   -1.893  1.00 35.84 ? 237 GLY A C   1 
ATOM   875  O O   . GLY A 1 111 ? -9.492  0.569   -2.530  1.00 33.82 ? 237 GLY A O   1 
ATOM   876  N N   . GLU A 1 112 ? -9.232  2.691   -1.791  1.00 35.43 ? 238 GLU A N   1 
ATOM   877  C CA  . GLU A 1 112 ? -10.452 3.137   -2.423  1.00 37.93 ? 238 GLU A CA  1 
ATOM   878  C C   . GLU A 1 112 ? -10.351 3.022   -3.932  1.00 37.71 ? 238 GLU A C   1 
ATOM   879  O O   . GLU A 1 112 ? -9.331  3.367   -4.527  1.00 37.36 ? 238 GLU A O   1 
ATOM   880  C CB  . GLU A 1 112 ? -10.772 4.568   -2.031  1.00 38.19 ? 238 GLU A CB  1 
ATOM   881  C CG  . GLU A 1 112 ? -12.133 5.013   -2.539  1.00 43.71 ? 238 GLU A CG  1 
ATOM   882  C CD  . GLU A 1 112 ? -12.531 6.393   -2.033  1.00 53.12 ? 238 GLU A CD  1 
ATOM   883  O OE1 . GLU A 1 112 ? -11.642 7.266   -1.899  1.00 57.90 ? 238 GLU A OE1 1 
ATOM   884  O OE2 . GLU A 1 112 ? -13.736 6.591   -1.773  1.00 55.71 ? 238 GLU A OE2 1 
ATOM   885  N N   . VAL A 1 113 ? -11.412 2.524   -4.551  1.00 36.84 ? 239 VAL A N   1 
ATOM   886  C CA  . VAL A 1 113 ? -11.479 2.528   -5.998  1.00 37.80 ? 239 VAL A CA  1 
ATOM   887  C C   . VAL A 1 113 ? -11.940 3.880   -6.485  1.00 38.09 ? 239 VAL A C   1 
ATOM   888  O O   . VAL A 1 113 ? -13.085 4.264   -6.267  1.00 41.11 ? 239 VAL A O   1 
ATOM   889  C CB  . VAL A 1 113 ? -12.417 1.453   -6.523  1.00 42.12 ? 239 VAL A CB  1 
ATOM   890  C CG1 . VAL A 1 113 ? -12.446 1.498   -8.049  1.00 38.50 ? 239 VAL A CG1 1 
ATOM   891  C CG2 . VAL A 1 113 ? -11.974 0.085   -6.000  1.00 37.25 ? 239 VAL A CG2 1 
ATOM   892  N N   . GLU A 1 114 ? -11.051 4.606   -7.149  1.00 38.78 ? 240 GLU A N   1 
ATOM   893  C CA  . GLU A 1 114 ? -11.334 5.981   -7.521  1.00 39.32 ? 240 GLU A CA  1 
ATOM   894  C C   . GLU A 1 114 ? -12.034 6.098   -8.871  1.00 42.50 ? 240 GLU A C   1 
ATOM   895  O O   . GLU A 1 114 ? -12.746 7.066   -9.129  1.00 43.91 ? 240 GLU A O   1 
ATOM   896  C CB  . GLU A 1 114 ? -10.042 6.790   -7.533  1.00 43.27 ? 240 GLU A CB  1 
ATOM   897  C CG  . GLU A 1 114 ? -9.357  6.820   -6.179  1.00 45.03 ? 240 GLU A CG  1 
ATOM   898  C CD  . GLU A 1 114 ? -8.047  7.568   -6.211  1.00 48.28 ? 240 GLU A CD  1 
ATOM   899  O OE1 . GLU A 1 114 ? -7.139  7.133   -6.950  1.00 43.69 ? 240 GLU A OE1 1 
ATOM   900  O OE2 . GLU A 1 114 ? -7.931  8.592   -5.504  1.00 54.02 ? 240 GLU A OE2 1 
ATOM   901  N N   . SER A 1 115 ? -11.829 5.121   -9.740  1.00 39.51 ? 241 SER A N   1 
ATOM   902  C CA  . SER A 1 115 ? -12.535 5.117   -11.008 1.00 39.75 ? 241 SER A CA  1 
ATOM   903  C C   . SER A 1 115 ? -12.434 3.735   -11.600 1.00 38.46 ? 241 SER A C   1 
ATOM   904  O O   . SER A 1 115 ? -11.601 2.941   -11.182 1.00 38.83 ? 241 SER A O   1 
ATOM   905  C CB  . SER A 1 115 ? -11.968 6.174   -11.975 1.00 39.42 ? 241 SER A CB  1 
ATOM   906  O OG  . SER A 1 115 ? -10.813 5.713   -12.643 1.00 45.50 ? 241 SER A OG  1 
ATOM   907  N N   . VAL A 1 116 ? -13.312 3.442   -12.549 1.00 40.10 ? 242 VAL A N   1 
ATOM   908  C CA  . VAL A 1 116 ? -13.217 2.232   -13.352 1.00 40.19 ? 242 VAL A CA  1 
ATOM   909  C C   . VAL A 1 116 ? -12.917 2.643   -14.778 1.00 43.88 ? 242 VAL A C   1 
ATOM   910  O O   . VAL A 1 116 ? -13.604 3.488   -15.340 1.00 44.17 ? 242 VAL A O   1 
ATOM   911  C CB  . VAL A 1 116 ? -14.507 1.390   -13.300 1.00 41.08 ? 242 VAL A CB  1 
ATOM   912  C CG1 . VAL A 1 116 ? -14.525 0.355   -14.426 1.00 48.73 ? 242 VAL A CG1 1 
ATOM   913  C CG2 . VAL A 1 116 ? -14.633 0.712   -11.959 1.00 43.46 ? 242 VAL A CG2 1 
ATOM   914  N N   . ILE A 1 117 ? -11.872 2.058   -15.345 1.00 45.77 ? 243 ILE A N   1 
ATOM   915  C CA  . ILE A 1 117 ? -11.442 2.368   -16.695 1.00 49.89 ? 243 ILE A CA  1 
ATOM   916  C C   . ILE A 1 117 ? -11.689 1.191   -17.609 1.00 54.03 ? 243 ILE A C   1 
ATOM   917  O O   . ILE A 1 117 ? -11.368 0.057   -17.259 1.00 54.69 ? 243 ILE A O   1 
ATOM   918  C CB  . ILE A 1 117 ? -9.950  2.697   -16.748 1.00 52.38 ? 243 ILE A CB  1 
ATOM   919  C CG1 . ILE A 1 117 ? -9.641  3.911   -15.891 1.00 48.44 ? 243 ILE A CG1 1 
ATOM   920  C CG2 . ILE A 1 117 ? -9.500  2.915   -18.189 1.00 54.91 ? 243 ILE A CG2 1 
ATOM   921  C CD1 . ILE A 1 117 ? -8.168  4.152   -15.756 1.00 54.43 ? 243 ILE A CD1 1 
ATOM   922  N N   . PHE A 1 118 ? -12.249 1.442   -18.784 1.00 55.93 ? 244 PHE A N   1 
ATOM   923  C CA  . PHE A 1 118 ? -12.441 0.345   -19.720 1.00 58.73 ? 244 PHE A CA  1 
ATOM   924  C C   . PHE A 1 118 ? -11.357 0.335   -20.773 1.00 63.08 ? 244 PHE A C   1 
ATOM   925  O O   . PHE A 1 118 ? -11.218 1.249   -21.581 1.00 63.73 ? 244 PHE A O   1 
ATOM   926  C CB  . PHE A 1 118 ? -13.835 0.390   -20.319 1.00 54.44 ? 244 PHE A CB  1 
ATOM   927  C CG  . PHE A 1 118 ? -14.874 0.003   -19.333 1.00 57.32 ? 244 PHE A CG  1 
ATOM   928  C CD1 . PHE A 1 118 ? -15.157 -1.332  -19.111 1.00 60.04 ? 244 PHE A CD1 1 
ATOM   929  C CD2 . PHE A 1 118 ? -15.496 0.962   -18.549 1.00 53.54 ? 244 PHE A CD2 1 
ATOM   930  C CE1 . PHE A 1 118 ? -16.087 -1.706  -18.165 1.00 64.84 ? 244 PHE A CE1 1 
ATOM   931  C CE2 . PHE A 1 118 ? -16.425 0.602   -17.594 1.00 54.06 ? 244 PHE A CE2 1 
ATOM   932  C CZ  . PHE A 1 118 ? -16.725 -0.736  -17.400 1.00 63.84 ? 244 PHE A CZ  1 
ATOM   933  N N   . ASP A 1 119 ? -10.559 -0.724  -20.689 1.00 69.29 ? 245 ASP A N   1 
ATOM   934  C CA  . ASP A 1 119 ? -9.416  -0.935  -21.541 1.00 73.73 ? 245 ASP A CA  1 
ATOM   935  C C   . ASP A 1 119 ? -9.751  -1.941  -22.641 1.00 76.21 ? 245 ASP A C   1 
ATOM   936  O O   . ASP A 1 119 ? -9.377  -3.111  -22.565 1.00 76.27 ? 245 ASP A O   1 
ATOM   937  C CB  . ASP A 1 119 ? -8.227  -1.416  -20.711 1.00 74.67 ? 245 ASP A CB  1 
ATOM   938  C CG  . ASP A 1 119 ? -6.909  -1.255  -21.435 1.00 80.40 ? 245 ASP A CG  1 
ATOM   939  O OD1 . ASP A 1 119 ? -6.513  -0.097  -21.684 1.00 78.54 ? 245 ASP A OD1 1 
ATOM   940  O OD2 . ASP A 1 119 ? -6.268  -2.283  -21.754 1.00 81.40 ? 245 ASP A OD2 1 
ATOM   941  N N   . LYS A 1 120 ? -10.481 -1.458  -23.646 1.00 75.94 ? 246 LYS A N   1 
ATOM   942  C CA  . LYS A 1 120 ? -10.681 -2.142  -24.929 1.00 77.09 ? 246 LYS A CA  1 
ATOM   943  C C   . LYS A 1 120 ? -11.037 -3.638  -24.873 1.00 83.38 ? 246 LYS A C   1 
ATOM   944  O O   . LYS A 1 120 ? -10.268 -4.466  -25.378 1.00 89.13 ? 246 LYS A O   1 
ATOM   945  C CB  . LYS A 1 120 ? -9.423  -1.989  -25.816 1.00 76.85 ? 246 LYS A CB  1 
ATOM   946  C CG  . LYS A 1 120 ? -8.768  -0.588  -25.858 1.00 85.54 ? 246 LYS A CG  1 
ATOM   947  C CD  . LYS A 1 120 ? -7.915  -0.274  -24.624 1.00 80.52 ? 246 LYS A CD  1 
ATOM   948  C CE  . LYS A 1 120 ? -7.228  1.072   -24.714 1.00 86.06 ? 246 LYS A CE  1 
ATOM   949  N NZ  . LYS A 1 120 ? -6.665  1.531   -23.395 1.00 86.18 ? 246 LYS A NZ  1 
ATOM   950  N N   . GLY A 1 121 ? -12.164 -4.015  -24.263 1.00 79.28 ? 247 GLY A N   1 
ATOM   951  C CA  . GLY A 1 121 ? -12.991 -3.166  -23.428 1.00 72.61 ? 247 GLY A CA  1 
ATOM   952  C C   . GLY A 1 121 ? -12.954 -3.804  -22.051 1.00 74.00 ? 247 GLY A C   1 
ATOM   953  O O   . GLY A 1 121 ? -13.990 -4.073  -21.438 1.00 73.39 ? 247 GLY A O   1 
ATOM   954  N N   . LYS A 1 122 ? -11.735 -4.067  -21.582 1.00 73.12 ? 248 LYS A N   1 
ATOM   955  C CA  . LYS A 1 122 ? -11.493 -4.763  -20.317 1.00 74.66 ? 248 LYS A CA  1 
ATOM   956  C C   . LYS A 1 122 ? -11.494 -3.822  -19.106 1.00 68.89 ? 248 LYS A C   1 
ATOM   957  O O   . LYS A 1 122 ? -10.797 -2.803  -19.091 1.00 64.90 ? 248 LYS A O   1 
ATOM   958  C CB  . LYS A 1 122 ? -10.158 -5.515  -20.381 1.00 75.70 ? 248 LYS A CB  1 
ATOM   959  C CG  . LYS A 1 122 ? -10.107 -6.581  -21.462 1.00 79.97 ? 248 LYS A CG  1 
ATOM   960  C CD  . LYS A 1 122 ? -10.988 -7.777  -21.102 1.00 85.97 ? 248 LYS A CD  1 
ATOM   961  C CE  . LYS A 1 122 ? -10.559 -9.026  -21.863 1.00 91.06 ? 248 LYS A CE  1 
ATOM   962  N NZ  . LYS A 1 122 ? -9.188  -8.891  -22.447 1.00 90.21 ? 248 LYS A NZ  1 
ATOM   963  N N   . PRO A 1 123 ? -12.275 -4.170  -18.077 1.00 62.13 ? 249 PRO A N   1 
ATOM   964  C CA  . PRO A 1 123 ? -12.384 -3.280  -16.919 1.00 62.22 ? 249 PRO A CA  1 
ATOM   965  C C   . PRO A 1 123 ? -11.106 -3.259  -16.072 1.00 55.15 ? 249 PRO A C   1 
ATOM   966  O O   . PRO A 1 123 ? -10.536 -4.308  -15.761 1.00 54.39 ? 249 PRO A O   1 
ATOM   967  C CB  . PRO A 1 123 ? -13.567 -3.869  -16.127 1.00 60.25 ? 249 PRO A CB  1 
ATOM   968  C CG  . PRO A 1 123 ? -14.234 -4.846  -17.047 1.00 60.95 ? 249 PRO A CG  1 
ATOM   969  C CD  . PRO A 1 123 ? -13.149 -5.344  -17.956 1.00 64.00 ? 249 PRO A CD  1 
ATOM   970  N N   . MET A 1 124 ? -10.669 -2.048  -15.733 1.00 51.59 ? 250 MET A N   1 
ATOM   971  C CA  . MET A 1 124 ? -9.562  -1.811  -14.814 1.00 50.07 ? 250 MET A CA  1 
ATOM   972  C C   . MET A 1 124 ? -10.019 -0.952  -13.635 1.00 46.19 ? 250 MET A C   1 
ATOM   973  O O   . MET A 1 124 ? -10.880 -0.086  -13.781 1.00 44.65 ? 250 MET A O   1 
ATOM   974  C CB  . MET A 1 124 ? -8.402  -1.109  -15.529 1.00 48.92 ? 250 MET A CB  1 
ATOM   975  C CG  . MET A 1 124 ? -8.059  -1.703  -16.875 1.00 56.64 ? 250 MET A CG  1 
ATOM   976  S SD  . MET A 1 124 ? -7.233  -3.290  -16.705 1.00 59.03 ? 250 MET A SD  1 
ATOM   977  C CE  . MET A 1 124 ? -5.611  -2.728  -16.201 1.00 48.99 ? 250 MET A CE  1 
ATOM   978  N N   . LEU A 1 125 ? -9.421  -1.176  -12.472 1.00 43.64 ? 251 LEU A N   1 
ATOM   979  C CA  . LEU A 1 125 ? -9.678  -0.338  -11.312 1.00 42.12 ? 251 LEU A CA  1 
ATOM   980  C C   . LEU A 1 125 ? -8.573  0.691   -11.138 1.00 42.95 ? 251 LEU A C   1 
ATOM   981  O O   . LEU A 1 125 ? -7.394  0.336   -11.103 1.00 43.31 ? 251 LEU A O   1 
ATOM   982  C CB  . LEU A 1 125 ? -9.772  -1.185  -10.054 1.00 42.11 ? 251 LEU A CB  1 
ATOM   983  C CG  . LEU A 1 125 ? -10.761 -2.335  -10.017 1.00 46.25 ? 251 LEU A CG  1 
ATOM   984  C CD1 . LEU A 1 125 ? -10.523 -3.143  -8.732  1.00 42.41 ? 251 LEU A CD1 1 
ATOM   985  C CD2 . LEU A 1 125 ? -12.179 -1.771  -10.069 1.00 47.67 ? 251 LEU A CD2 1 
ATOM   986  N N   . ARG A 1 126 ? -8.935  1.959   -11.010 1.00 37.50 ? 252 ARG A N   1 
ATOM   987  C CA  . ARG A 1 126 ? -7.935  2.947   -10.652 1.00 44.91 ? 252 ARG A CA  1 
ATOM   988  C C   . ARG A 1 126 ? -7.908  3.124   -9.144  1.00 41.25 ? 252 ARG A C   1 
ATOM   989  O O   . ARG A 1 126 ? -8.906  3.504   -8.536  1.00 40.22 ? 252 ARG A O   1 
ATOM   990  C CB  . ARG A 1 126 ? -8.183  4.294   -11.331 1.00 44.61 ? 252 ARG A CB  1 
ATOM   991  C CG  . ARG A 1 126 ? -7.127  5.340   -10.923 1.00 50.50 ? 252 ARG A CG  1 
ATOM   992  C CD  . ARG A 1 126 ? -7.566  6.774   -11.201 1.00 51.90 ? 252 ARG A CD  1 
ATOM   993  N NE  . ARG A 1 126 ? -7.800  7.015   -12.625 1.00 63.12 ? 252 ARG A NE  1 
ATOM   994  C CZ  . ARG A 1 126 ? -6.830  7.176   -13.527 1.00 67.33 ? 252 ARG A CZ  1 
ATOM   995  N NH1 . ARG A 1 126 ? -5.546  7.117   -13.147 1.00 63.77 ? 252 ARG A NH1 1 
ATOM   996  N NH2 . ARG A 1 126 ? -7.139  7.387   -14.812 1.00 58.15 ? 252 ARG A NH2 1 
ATOM   997  N N   . MET A 1 127 ? -6.747  2.840   -8.561  1.00 43.10 ? 253 MET A N   1 
ATOM   998  C CA  . MET A 1 127 ? -6.522  2.904   -7.119  1.00 38.28 ? 253 MET A CA  1 
ATOM   999  C C   . MET A 1 127 ? -5.255  3.694   -6.839  1.00 39.16 ? 253 MET A C   1 
ATOM   1000 O O   . MET A 1 127 ? -4.162  3.139   -6.823  1.00 42.28 ? 253 MET A O   1 
ATOM   1001 C CB  . MET A 1 127 ? -6.414  1.495   -6.531  1.00 35.93 ? 253 MET A CB  1 
ATOM   1002 C CG  . MET A 1 127 ? -7.604  0.611   -6.880  1.00 41.66 ? 253 MET A CG  1 
ATOM   1003 S SD  . MET A 1 127 ? -7.425  -1.125  -6.434  1.00 42.75 ? 253 MET A SD  1 
ATOM   1004 C CE  . MET A 1 127 ? -6.954  -0.980  -4.714  1.00 34.31 ? 253 MET A CE  1 
ATOM   1005 N N   . GLY A 1 128 ? -5.404  4.992   -6.622  1.00 36.89 ? 254 GLY A N   1 
ATOM   1006 C CA  . GLY A 1 128 ? -4.254  5.861   -6.504  1.00 45.33 ? 254 GLY A CA  1 
ATOM   1007 C C   . GLY A 1 128 ? -3.518  5.839   -7.828  1.00 47.86 ? 254 GLY A C   1 
ATOM   1008 O O   . GLY A 1 128 ? -4.140  5.912   -8.883  1.00 43.86 ? 254 GLY A O   1 
ATOM   1009 N N   . GLU A 1 129 ? -2.199  5.710   -7.776  1.00 50.08 ? 255 GLU A N   1 
ATOM   1010 C CA  . GLU A 1 129 ? -1.397  5.618   -8.995  1.00 53.71 ? 255 GLU A CA  1 
ATOM   1011 C C   . GLU A 1 129 ? -1.471  4.249   -9.680  1.00 52.76 ? 255 GLU A C   1 
ATOM   1012 O O   . GLU A 1 129 ? -1.031  4.111   -10.815 1.00 53.47 ? 255 GLU A O   1 
ATOM   1013 C CB  . GLU A 1 129 ? 0.063   5.951   -8.683  1.00 58.62 ? 255 GLU A CB  1 
ATOM   1014 C CG  . GLU A 1 129 ? 0.304   7.422   -8.370  1.00 58.48 ? 255 GLU A CG  1 
ATOM   1015 C CD  . GLU A 1 129 ? 0.029   8.313   -9.569  1.00 63.97 ? 255 GLU A CD  1 
ATOM   1016 O OE1 . GLU A 1 129 ? 0.267   7.857   -10.706 1.00 63.49 ? 255 GLU A OE1 1 
ATOM   1017 O OE2 . GLU A 1 129 ? -0.429  9.463   -9.373  1.00 68.13 ? 255 GLU A OE2 1 
ATOM   1018 N N   . MET A 1 130 ? -2.019  3.238   -9.006  1.00 47.98 ? 256 MET A N   1 
ATOM   1019 C CA  . MET A 1 130 ? -2.064  1.904   -9.596  1.00 45.83 ? 256 MET A CA  1 
ATOM   1020 C C   . MET A 1 130 ? -3.309  1.707   -10.455 1.00 47.11 ? 256 MET A C   1 
ATOM   1021 O O   . MET A 1 130 ? -4.388  2.233   -10.168 1.00 47.06 ? 256 MET A O   1 
ATOM   1022 C CB  . MET A 1 130 ? -2.002  0.819   -8.517  1.00 44.88 ? 256 MET A CB  1 
ATOM   1023 C CG  . MET A 1 130 ? -0.773  0.906   -7.621  1.00 55.35 ? 256 MET A CG  1 
ATOM   1024 S SD  . MET A 1 130 ? -0.679  -0.436  -6.406  1.00 61.88 ? 256 MET A SD  1 
ATOM   1025 C CE  . MET A 1 130 ? -0.737  -1.857  -7.489  1.00 52.75 ? 256 MET A CE  1 
ATOM   1026 N N   . VAL A 1 131 ? -3.145  0.951   -11.528 1.00 44.99 ? 257 VAL A N   1 
ATOM   1027 C CA  . VAL A 1 131 ? -4.265  0.569   -12.356 1.00 43.99 ? 257 VAL A CA  1 
ATOM   1028 C C   . VAL A 1 131 ? -4.242  -0.940  -12.469 1.00 49.81 ? 257 VAL A C   1 
ATOM   1029 O O   . VAL A 1 131 ? -3.283  -1.517  -12.979 1.00 53.78 ? 257 VAL A O   1 
ATOM   1030 C CB  . VAL A 1 131 ? -4.208  1.231   -13.728 1.00 46.26 ? 257 VAL A CB  1 
ATOM   1031 C CG1 . VAL A 1 131 ? -5.359  0.734   -14.604 1.00 44.99 ? 257 VAL A CG1 1 
ATOM   1032 C CG2 . VAL A 1 131 ? -4.284  2.733   -13.560 1.00 45.09 ? 257 VAL A CG2 1 
ATOM   1033 N N   . LEU A 1 132 ? -5.290  -1.580  -11.963 1.00 49.52 ? 258 LEU A N   1 
ATOM   1034 C CA  . LEU A 1 132 ? -5.287  -3.029  -11.809 1.00 51.17 ? 258 LEU A CA  1 
ATOM   1035 C C   . LEU A 1 132 ? -6.516  -3.672  -12.431 1.00 51.34 ? 258 LEU A C   1 
ATOM   1036 O O   . LEU A 1 132 ? -7.604  -3.101  -12.397 1.00 52.78 ? 258 LEU A O   1 
ATOM   1037 C CB  . LEU A 1 132 ? -5.197  -3.398  -10.325 1.00 49.69 ? 258 LEU A CB  1 
ATOM   1038 C CG  . LEU A 1 132 ? -3.958  -2.930  -9.560  1.00 51.29 ? 258 LEU A CG  1 
ATOM   1039 C CD1 . LEU A 1 132 ? -4.143  -3.190  -8.079  1.00 47.29 ? 258 LEU A CD1 1 
ATOM   1040 C CD2 . LEU A 1 132 ? -2.706  -3.641  -10.078 1.00 49.39 ? 258 LEU A CD2 1 
ATOM   1041 N N   . PRO A 1 133 ? -6.344  -4.873  -12.997 1.00 51.20 ? 259 PRO A N   1 
ATOM   1042 C CA  . PRO A 1 133 ? -7.447  -5.636  -13.582 1.00 48.58 ? 259 PRO A CA  1 
ATOM   1043 C C   . PRO A 1 133 ? -8.442  -6.049  -12.524 1.00 49.38 ? 259 PRO A C   1 
ATOM   1044 O O   . PRO A 1 133 ? -8.041  -6.324  -11.397 1.00 45.69 ? 259 PRO A O   1 
ATOM   1045 C CB  . PRO A 1 133 ? -6.766  -6.878  -14.169 1.00 52.94 ? 259 PRO A CB  1 
ATOM   1046 C CG  . PRO A 1 133 ? -5.306  -6.598  -14.138 1.00 55.58 ? 259 PRO A CG  1 
ATOM   1047 C CD  . PRO A 1 133 ? -5.070  -5.606  -13.050 1.00 49.38 ? 259 PRO A CD  1 
ATOM   1048 N N   . ILE A 1 134 ? -9.711  -6.115  -12.905 1.00 53.19 ? 260 ILE A N   1 
ATOM   1049 C CA  . ILE A 1 134 ? -10.806 -6.540  -12.038 1.00 52.42 ? 260 ILE A CA  1 
ATOM   1050 C C   . ILE A 1 134 ? -10.573 -7.878  -11.354 1.00 52.31 ? 260 ILE A C   1 
ATOM   1051 O O   . ILE A 1 134 ? -10.920 -8.052  -10.183 1.00 48.51 ? 260 ILE A O   1 
ATOM   1052 C CB  . ILE A 1 134 ? -12.110 -6.640  -12.837 1.00 55.27 ? 260 ILE A CB  1 
ATOM   1053 C CG1 . ILE A 1 134 ? -12.571 -5.249  -13.195 1.00 56.92 ? 260 ILE A CG1 1 
ATOM   1054 C CG2 . ILE A 1 134 ? -13.205 -7.314  -12.023 1.00 58.62 ? 260 ILE A CG2 1 
ATOM   1055 C CD1 . ILE A 1 134 ? -12.950 -4.467  -12.005 1.00 56.39 ? 260 ILE A CD1 1 
ATOM   1056 N N   . ASP A 1 135 ? -9.991  -8.825  -12.083 1.00 49.17 ? 261 ASP A N   1 
ATOM   1057 C CA  . ASP A 1 135 ? -9.845  -10.175 -11.555 1.00 51.36 ? 261 ASP A CA  1 
ATOM   1058 C C   . ASP A 1 135 ? -8.721  -10.251 -10.536 1.00 48.19 ? 261 ASP A C   1 
ATOM   1059 O O   . ASP A 1 135 ? -8.533  -11.276 -9.896  1.00 48.87 ? 261 ASP A O   1 
ATOM   1060 C CB  . ASP A 1 135 ? -9.607  -11.181 -12.684 1.00 54.52 ? 261 ASP A CB  1 
ATOM   1061 C CG  . ASP A 1 135 ? -8.593  -10.682 -13.704 1.00 67.61 ? 261 ASP A CG  1 
ATOM   1062 O OD1 . ASP A 1 135 ? -7.381  -10.962 -13.523 1.00 70.02 ? 261 ASP A OD1 1 
ATOM   1063 O OD2 . ASP A 1 135 ? -9.010  -10.001 -14.679 1.00 66.86 ? 261 ASP A OD2 1 
ATOM   1064 N N   . SER A 1 136 ? -7.979  -9.166  -10.361 1.00 46.33 ? 262 SER A N   1 
ATOM   1065 C CA  . SER A 1 136 ? -7.003  -9.148  -9.284  1.00 46.01 ? 262 SER A CA  1 
ATOM   1066 C C   . SER A 1 136 ? -7.696  -8.850  -7.951  1.00 41.24 ? 262 SER A C   1 
ATOM   1067 O O   . SER A 1 136 ? -7.107  -9.021  -6.900  1.00 40.91 ? 262 SER A O   1 
ATOM   1068 C CB  . SER A 1 136 ? -5.906  -8.125  -9.555  1.00 42.85 ? 262 SER A CB  1 
ATOM   1069 O OG  . SER A 1 136 ? -6.319  -6.829  -9.163  1.00 43.73 ? 262 SER A OG  1 
ATOM   1070 N N   . ALA A 1 137 ? -8.955  -8.426  -7.996  1.00 40.10 ? 263 ALA A N   1 
ATOM   1071 C CA  . ALA A 1 137 ? -9.660  -8.041  -6.776  1.00 42.59 ? 263 ALA A CA  1 
ATOM   1072 C C   . ALA A 1 137 ? -10.216 -9.253  -6.040  1.00 45.08 ? 263 ALA A C   1 
ATOM   1073 O O   . ALA A 1 137 ? -10.949 -10.051 -6.623  1.00 48.23 ? 263 ALA A O   1 
ATOM   1074 C CB  . ALA A 1 137 ? -10.770 -7.076  -7.093  1.00 36.69 ? 263 ALA A CB  1 
ATOM   1075 N N   . ILE A 1 138 ? -9.884  -9.378  -4.757  1.00 39.28 ? 264 ILE A N   1 
ATOM   1076 C CA  . ILE A 1 138 ? -10.349 -10.518 -3.977  1.00 42.92 ? 264 ILE A CA  1 
ATOM   1077 C C   . ILE A 1 138 ? -11.458 -10.162 -2.974  1.00 46.29 ? 264 ILE A C   1 
ATOM   1078 O O   . ILE A 1 138 ? -12.168 -11.051 -2.503  1.00 46.23 ? 264 ILE A O   1 
ATOM   1079 C CB  . ILE A 1 138 ? -9.192  -11.187 -3.213  1.00 40.43 ? 264 ILE A CB  1 
ATOM   1080 C CG1 . ILE A 1 138 ? -8.541  -10.216 -2.223  1.00 44.25 ? 264 ILE A CG1 1 
ATOM   1081 C CG2 . ILE A 1 138 ? -8.170  -11.776 -4.191  1.00 38.84 ? 264 ILE A CG2 1 
ATOM   1082 C CD1 . ILE A 1 138 ? -7.178  -10.734 -1.675  1.00 43.73 ? 264 ILE A CD1 1 
ATOM   1083 N N   . GLU A 1 139 ? -11.614 -8.877  -2.655  1.00 39.98 ? 265 GLU A N   1 
ATOM   1084 C CA  . GLU A 1 139 ? -12.640 -8.457  -1.700  1.00 39.42 ? 265 GLU A CA  1 
ATOM   1085 C C   . GLU A 1 139 ? -13.015 -6.992  -1.870  1.00 39.08 ? 265 GLU A C   1 
ATOM   1086 O O   . GLU A 1 139 ? -12.149 -6.180  -2.178  1.00 37.96 ? 265 GLU A O   1 
ATOM   1087 C CB  . GLU A 1 139 ? -12.167 -8.689  -0.260  1.00 38.83 ? 265 GLU A CB  1 
ATOM   1088 C CG  . GLU A 1 139 ? -13.304 -8.584  0.722   1.00 45.80 ? 265 GLU A CG  1 
ATOM   1089 C CD  . GLU A 1 139 ? -12.903 -8.782  2.167   1.00 48.86 ? 265 GLU A CD  1 
ATOM   1090 O OE1 . GLU A 1 139 ? -11.690 -8.749  2.487   1.00 51.34 ? 265 GLU A OE1 1 
ATOM   1091 O OE2 . GLU A 1 139 ? -13.830 -8.979  2.983   1.00 51.39 ? 265 GLU A OE2 1 
ATOM   1092 N N   . PHE A 1 140 ? -14.296 -6.657  -1.673  1.00 36.21 ? 266 PHE A N   1 
ATOM   1093 C CA  . PHE A 1 140 ? -14.735 -5.256  -1.609  1.00 35.15 ? 266 PHE A CA  1 
ATOM   1094 C C   . PHE A 1 140 ? -15.574 -4.977  -0.374  1.00 39.30 ? 266 PHE A C   1 
ATOM   1095 O O   . PHE A 1 140 ? -16.371 -5.822  0.048   1.00 39.39 ? 266 PHE A O   1 
ATOM   1096 C CB  . PHE A 1 140 ? -15.566 -4.853  -2.833  1.00 36.93 ? 266 PHE A CB  1 
ATOM   1097 C CG  . PHE A 1 140 ? -14.839 -4.960  -4.145  1.00 38.90 ? 266 PHE A CG  1 
ATOM   1098 C CD1 . PHE A 1 140 ? -14.804 -6.165  -4.837  1.00 40.80 ? 266 PHE A CD1 1 
ATOM   1099 C CD2 . PHE A 1 140 ? -14.241 -3.842  -4.714  1.00 36.16 ? 266 PHE A CD2 1 
ATOM   1100 C CE1 . PHE A 1 140 ? -14.167 -6.254  -6.064  1.00 43.15 ? 266 PHE A CE1 1 
ATOM   1101 C CE2 . PHE A 1 140 ? -13.598 -3.921  -5.926  1.00 35.81 ? 266 PHE A CE2 1 
ATOM   1102 C CZ  . PHE A 1 140 ? -13.561 -5.120  -6.609  1.00 34.26 ? 266 PHE A CZ  1 
ATOM   1103 N N   . TYR A 1 141 ? -15.417 -3.776  0.179   1.00 36.84 ? 267 TYR A N   1 
ATOM   1104 C CA  . TYR A 1 141 ? -16.259 -3.312  1.284   1.00 43.40 ? 267 TYR A CA  1 
ATOM   1105 C C   . TYR A 1 141 ? -16.320 -1.778  1.297   1.00 40.92 ? 267 TYR A C   1 
ATOM   1106 O O   . TYR A 1 141 ? -15.576 -1.108  0.577   1.00 40.19 ? 267 TYR A O   1 
ATOM   1107 C CB  . TYR A 1 141 ? -15.751 -3.864  2.634   1.00 41.21 ? 267 TYR A CB  1 
ATOM   1108 C CG  . TYR A 1 141 ? -14.276 -3.665  2.887   1.00 41.91 ? 267 TYR A CG  1 
ATOM   1109 C CD1 . TYR A 1 141 ? -13.802 -2.505  3.507   1.00 44.72 ? 267 TYR A CD1 1 
ATOM   1110 C CD2 . TYR A 1 141 ? -13.353 -4.636  2.524   1.00 39.46 ? 267 TYR A CD2 1 
ATOM   1111 C CE1 . TYR A 1 141 ? -12.437 -2.316  3.749   1.00 39.39 ? 267 TYR A CE1 1 
ATOM   1112 C CE2 . TYR A 1 141 ? -11.992 -4.461  2.768   1.00 39.54 ? 267 TYR A CE2 1 
ATOM   1113 C CZ  . TYR A 1 141 ? -11.541 -3.302  3.372   1.00 38.39 ? 267 TYR A CZ  1 
ATOM   1114 O OH  . TYR A 1 141 ? -10.191 -3.130  3.607   1.00 39.82 ? 267 TYR A OH  1 
ATOM   1115 N N   . GLN A 1 142 ? -17.220 -1.228  2.101   1.00 44.85 ? 268 GLN A N   1 
ATOM   1116 C CA  . GLN A 1 142 ? -17.387 0.218   2.179   1.00 43.99 ? 268 GLN A CA  1 
ATOM   1117 C C   . GLN A 1 142 ? -16.347 0.837   3.118   1.00 47.54 ? 268 GLN A C   1 
ATOM   1118 O O   . GLN A 1 142 ? -15.999 0.243   4.139   1.00 48.81 ? 268 GLN A O   1 
ATOM   1119 C CB  . GLN A 1 142 ? -18.820 0.550   2.615   1.00 50.89 ? 268 GLN A CB  1 
ATOM   1120 C CG  . GLN A 1 142 ? -19.749 0.831   1.421   1.00 56.27 ? 268 GLN A CG  1 
ATOM   1121 C CD  . GLN A 1 142 ? -21.236 0.593   1.716   1.00 62.65 ? 268 GLN A CD  1 
ATOM   1122 O OE1 . GLN A 1 142 ? -21.628 0.290   2.851   1.00 63.23 ? 268 GLN A OE1 1 
ATOM   1123 N NE2 . GLN A 1 142 ? -22.070 0.729   0.677   1.00 59.71 ? 268 GLN A NE2 1 
ATOM   1124 N N   . PRO A 1 143 ? -15.828 2.025   2.751   1.00 45.48 ? 269 PRO A N   1 
ATOM   1125 C CA  . PRO A 1 143 ? -14.846 2.804   3.517   1.00 52.96 ? 269 PRO A CA  1 
ATOM   1126 C C   . PRO A 1 143 ? -15.364 3.103   4.897   1.00 61.74 ? 269 PRO A C   1 
ATOM   1127 O O   . PRO A 1 143 ? -16.589 3.100   5.031   1.00 60.25 ? 269 PRO A O   1 
ATOM   1128 C CB  . PRO A 1 143 ? -14.724 4.110   2.739   1.00 46.39 ? 269 PRO A CB  1 
ATOM   1129 C CG  . PRO A 1 143 ? -15.229 3.822   1.413   1.00 46.39 ? 269 PRO A CG  1 
ATOM   1130 C CD  . PRO A 1 143 ? -16.263 2.741   1.545   1.00 46.36 ? 269 PRO A CD  1 
ATOM   1131 N N   . ASP A 1 144 ? -14.475 3.361   5.859   1.00 67.00 ? 270 ASP A N   1 
ATOM   1132 C CA  . ASP A 1 144 ? -14.860 3.813   7.202   1.00 77.61 ? 270 ASP A CA  1 
ATOM   1133 C C   . ASP A 1 144 ? -15.225 2.583   8.075   1.00 83.37 ? 270 ASP A C   1 
ATOM   1134 O O   . ASP A 1 144 ? -14.961 2.575   9.280   1.00 86.37 ? 270 ASP A O   1 
ATOM   1135 C CB  . ASP A 1 144 ? -15.996 4.874   7.078   1.00 77.09 ? 270 ASP A CB  1 
ATOM   1136 C CG  . ASP A 1 144 ? -16.671 5.241   8.390   1.00 88.88 ? 270 ASP A CG  1 
ATOM   1137 O OD1 . ASP A 1 144 ? -16.460 4.582   9.421   1.00 93.18 ? 270 ASP A OD1 1 
ATOM   1138 O OD2 . ASP A 1 144 ? -17.453 6.229   8.360   1.00 91.36 ? 270 ASP A OD2 1 
ATOM   1139 N N   . GLN A 1 145 ? -15.797 1.536   7.484   1.00 81.95 ? 271 GLN A N   1 
ATOM   1140 C CA  . GLN A 1 145 ? -16.017 0.289   8.220   1.00 83.42 ? 271 GLN A CA  1 
ATOM   1141 C C   . GLN A 1 145 ? -15.214 -0.880  7.614   1.00 83.13 ? 271 GLN A C   1 
ATOM   1142 O O   . GLN A 1 145 ? -14.422 -0.697  6.663   1.00 76.70 ? 271 GLN A O   1 
ATOM   1143 C CB  . GLN A 1 145 ? -17.522 -0.069  8.273   1.00 85.53 ? 271 GLN A CB  1 
ATOM   1144 C CG  . GLN A 1 145 ? -18.498 1.120   8.198   1.00 83.75 ? 271 GLN A CG  1 
ATOM   1145 C CD  . GLN A 1 145 ? -19.042 1.359   6.788   1.00 83.82 ? 271 GLN A CD  1 
ATOM   1146 O OE1 . GLN A 1 145 ? -18.307 1.322   5.808   1.00 81.39 ? 271 GLN A OE1 1 
ATOM   1147 N NE2 . GLN A 1 145 ? -20.337 1.614   6.690   1.00 85.82 ? 271 GLN A NE2 1 
ATOM   1148 N N   . LYS A 1 146 ? -15.411 -2.056  8.224   1.00 86.45 ? 272 LYS A N   1 
ATOM   1149 C CA  . LYS A 1 146 ? -14.908 -3.373  7.776   1.00 78.28 ? 272 LYS A CA  1 
ATOM   1150 C C   . LYS A 1 146 ? -13.527 -3.393  7.098   1.00 71.70 ? 272 LYS A C   1 
ATOM   1151 O O   . LYS A 1 146 ? -12.785 -4.378  7.210   1.00 67.33 ? 272 LYS A O   1 
ATOM   1152 C CB  . LYS A 1 146 ? -15.937 -4.025  6.845   1.00 69.51 ? 272 LYS A CB  1 
ATOM   1153 C CG  . LYS A 1 146 ? -16.636 -5.210  7.486   1.00 68.74 ? 272 LYS A CG  1 
ATOM   1154 C CD  . LYS A 1 146 ? -15.784 -6.426  7.272   1.00 66.33 ? 272 LYS A CD  1 
ATOM   1155 C CE  . LYS A 1 146 ? -15.522 -6.576  5.803   1.00 68.24 ? 272 LYS A CE  1 
ATOM   1156 N NZ  . LYS A 1 146 ? -14.524 -7.640  5.523   1.00 61.05 ? 272 LYS A NZ  1 
HETATM 1157 O O   . HOH B 2 .   ? -17.115 -1.791  -11.112 1.00 56.18 ? 301 HOH A O   1 
HETATM 1158 O O   . HOH B 2 .   ? -14.334 8.505   -8.059  1.00 43.06 ? 302 HOH A O   1 
HETATM 1159 O O   . HOH B 2 .   ? -17.504 -4.664  -12.855 1.00 72.43 ? 303 HOH A O   1 
HETATM 1160 O O   . HOH B 2 .   ? 15.054  -2.263  8.787   1.00 55.19 ? 304 HOH A O   1 
HETATM 1161 O O   . HOH B 2 .   ? 6.879   10.558  0.144   1.00 47.16 ? 305 HOH A O   1 
HETATM 1162 O O   . HOH B 2 .   ? -23.874 -3.674  -10.785 0.25 52.78 ? 306 HOH A O   1 
HETATM 1163 O O   . HOH B 2 .   ? -7.204  5.618   15.086  1.00 46.27 ? 307 HOH A O   1 
HETATM 1164 O O   . HOH B 2 .   ? -3.337  11.867  0.698   1.00 52.12 ? 308 HOH A O   1 
HETATM 1165 O O   . HOH B 2 .   ? -5.831  0.771   7.588   1.00 40.62 ? 309 HOH A O   1 
HETATM 1166 O O   . HOH B 2 .   ? -5.748  9.936   -5.026  1.00 54.84 ? 310 HOH A O   1 
HETATM 1167 O O   . HOH B 2 .   ? -2.560  0.913   -0.441  1.00 34.46 ? 311 HOH A O   1 
HETATM 1168 O O   . HOH B 2 .   ? 5.029   0.205   19.250  1.00 47.45 ? 312 HOH A O   1 
HETATM 1169 O O   . HOH B 2 .   ? -1.151  13.655  1.779   1.00 47.64 ? 313 HOH A O   1 
HETATM 1170 O O   . HOH B 2 .   ? 2.081   -6.084  0.794   1.00 51.15 ? 314 HOH A O   1 
HETATM 1171 O O   . HOH B 2 .   ? -0.887  16.458  14.806  1.00 49.73 ? 315 HOH A O   1 
HETATM 1172 O O   . HOH B 2 .   ? 16.252  -9.500  -1.062  1.00 55.56 ? 316 HOH A O   1 
HETATM 1173 O O   . HOH B 2 .   ? -8.777  7.478   3.884   1.00 46.46 ? 317 HOH A O   1 
HETATM 1174 O O   . HOH B 2 .   ? 0.810   6.036   14.331  1.00 36.73 ? 318 HOH A O   1 
HETATM 1175 O O   . HOH B 2 .   ? 2.639   15.229  7.439   1.00 44.42 ? 319 HOH A O   1 
HETATM 1176 O O   . HOH B 2 .   ? -9.924  -7.621  -15.589 1.00 58.21 ? 320 HOH A O   1 
HETATM 1177 O O   . HOH B 2 .   ? -1.012  13.936  17.046  1.00 44.79 ? 321 HOH A O   1 
HETATM 1178 O O   . HOH B 2 .   ? 7.672   7.146   12.478  1.00 43.61 ? 322 HOH A O   1 
HETATM 1179 O O   . HOH B 2 .   ? 2.558   9.119   22.485  1.00 41.24 ? 323 HOH A O   1 
HETATM 1180 O O   . HOH B 2 .   ? 8.872   10.047  8.709   1.00 48.31 ? 324 HOH A O   1 
HETATM 1181 O O   . HOH B 2 .   ? -6.999  3.873   17.958  1.00 45.11 ? 325 HOH A O   1 
HETATM 1182 O O   . HOH B 2 .   ? -4.938  -6.172  3.515   1.00 39.08 ? 326 HOH A O   1 
HETATM 1183 O O   . HOH B 2 .   ? -9.045  8.825   -2.952  1.00 53.11 ? 327 HOH A O   1 
HETATM 1184 O O   . HOH B 2 .   ? -11.498 2.787   4.782   1.00 48.24 ? 328 HOH A O   1 
HETATM 1185 O O   . HOH B 2 .   ? -6.003  10.385  16.416  1.00 46.50 ? 329 HOH A O   1 
HETATM 1186 O O   . HOH B 2 .   ? -2.304  2.234   -4.864  1.00 45.32 ? 330 HOH A O   1 
HETATM 1187 O O   . HOH B 2 .   ? -1.240  7.019   -5.294  1.00 49.05 ? 331 HOH A O   1 
HETATM 1188 O O   . HOH B 2 .   ? 2.074   1.134   -5.309  1.00 44.79 ? 332 HOH A O   1 
HETATM 1189 O O   . HOH B 2 .   ? -6.772  9.705   12.837  1.00 46.55 ? 333 HOH A O   1 
HETATM 1190 O O   . HOH B 2 .   ? -6.188  -2.480  9.852   1.00 41.90 ? 334 HOH A O   1 
HETATM 1191 O O   . HOH B 2 .   ? 3.162   6.182   -6.334  1.00 54.61 ? 335 HOH A O   1 
HETATM 1192 O O   . HOH B 2 .   ? 1.708   11.760  -1.653  1.00 51.10 ? 336 HOH A O   1 
HETATM 1193 O O   . HOH B 2 .   ? -9.170  10.114  9.910   1.00 43.68 ? 337 HOH A O   1 
HETATM 1194 O O   . HOH B 2 .   ? -1.684  0.731   -3.148  1.00 39.30 ? 338 HOH A O   1 
HETATM 1195 O O   . HOH B 2 .   ? 12.677  -10.415 -3.228  1.00 53.27 ? 339 HOH A O   1 
HETATM 1196 O O   . HOH B 2 .   ? 2.170   -2.048  25.878  1.00 52.09 ? 340 HOH A O   1 
HETATM 1197 O O   . HOH B 2 .   ? -6.287  9.882   -1.712  1.00 48.40 ? 341 HOH A O   1 
HETATM 1198 O O   . HOH B 2 .   ? -20.607 2.749   -6.983  1.00 43.79 ? 342 HOH A O   1 
HETATM 1199 O O   . HOH B 2 .   ? -0.227  -4.456  15.372  1.00 48.59 ? 343 HOH A O   1 
HETATM 1200 O O   . HOH B 2 .   ? 6.120   7.995   16.520  1.00 59.38 ? 344 HOH A O   1 
HETATM 1201 O O   . HOH B 2 .   ? -3.060  -9.964  -10.551 1.00 52.65 ? 345 HOH A O   1 
HETATM 1202 O O   . HOH B 2 .   ? -7.232  1.169   27.079  1.00 50.48 ? 346 HOH A O   1 
HETATM 1203 O O   . HOH B 2 .   ? 0.559   -4.247  7.492   1.00 45.77 ? 347 HOH A O   1 
HETATM 1204 O O   . HOH B 2 .   ? -4.086  13.824  3.267   1.00 48.78 ? 348 HOH A O   1 
HETATM 1205 O O   . HOH B 2 .   ? 5.020   7.670   19.944  1.00 49.99 ? 349 HOH A O   1 
HETATM 1206 O O   . HOH B 2 .   ? 10.599  8.678   6.046   1.00 48.23 ? 350 HOH A O   1 
HETATM 1207 O O   . HOH B 2 .   ? 1.977   -2.715  21.005  1.00 48.10 ? 351 HOH A O   1 
HETATM 1208 O O   . HOH B 2 .   ? 14.627  4.870   0.523   1.00 60.68 ? 352 HOH A O   1 
HETATM 1209 O O   . HOH B 2 .   ? 8.150   2.751   -9.856  1.00 59.07 ? 353 HOH A O   1 
HETATM 1210 O O   . HOH B 2 .   ? 10.403  10.899  5.750   1.00 59.20 ? 354 HOH A O   1 
HETATM 1211 O O   . HOH B 2 .   ? -8.325  3.216   15.047  1.00 63.01 ? 355 HOH A O   1 
HETATM 1212 O O   . HOH B 2 .   ? 5.738   -3.384  -10.214 1.00 55.10 ? 356 HOH A O   1 
HETATM 1213 O O   . HOH B 2 .   ? -1.167  0.308   23.422  1.00 51.41 ? 357 HOH A O   1 
HETATM 1214 O O   . HOH B 2 .   ? -11.309 5.761   3.836   1.00 46.56 ? 358 HOH A O   1 
HETATM 1215 O O   . HOH B 2 .   ? 7.297   -1.392  -10.025 1.00 58.85 ? 359 HOH A O   1 
HETATM 1216 O O   . HOH B 2 .   ? -10.372 2.053   9.898   1.00 58.71 ? 360 HOH A O   1 
HETATM 1217 O O   . HOH B 2 .   ? -6.696  8.405   15.034  1.00 46.89 ? 361 HOH A O   1 
HETATM 1218 O O   . HOH B 2 .   ? -3.671  -4.467  5.247   1.00 33.51 ? 362 HOH A O   1 
HETATM 1219 O O   . HOH B 2 .   ? 6.808   -0.646  18.214  0.50 53.41 ? 363 HOH A O   1 
HETATM 1220 O O   . HOH B 2 .   ? 1.958   3.091   -7.598  1.00 53.13 ? 364 HOH A O   1 
HETATM 1221 O O   . HOH B 2 .   ? -9.393  9.663   1.917   1.00 46.11 ? 365 HOH A O   1 
HETATM 1222 O O   . HOH B 2 .   ? -8.283  -0.099  9.026   1.00 55.01 ? 366 HOH A O   1 
HETATM 1223 O O   . HOH B 2 .   ? 1.721   -0.556  23.365  1.00 49.70 ? 367 HOH A O   1 
HETATM 1224 O O   . HOH B 2 .   ? 4.840   2.411   21.281  1.00 44.05 ? 368 HOH A O   1 
HETATM 1225 O O   . HOH B 2 .   ? 12.356  8.619   12.547  1.00 55.18 ? 369 HOH A O   1 
HETATM 1226 O O   . HOH B 2 .   ? 3.699   -2.165  20.014  1.00 49.10 ? 370 HOH A O   1 
HETATM 1227 O O   . HOH B 2 .   ? 8.218   8.469   17.305  1.00 50.57 ? 371 HOH A O   1 
HETATM 1228 O O   . HOH B 2 .   ? 2.953   -4.664  25.726  1.00 49.82 ? 372 HOH A O   1 
HETATM 1229 O O   . HOH B 2 .   ? -4.638  13.903  -1.374  1.00 63.33 ? 373 HOH A O   1 
HETATM 1230 O O   . HOH B 2 .   ? 2.958   1.705   23.486  1.00 43.95 ? 374 HOH A O   1 
# 
